data_4HJ8
# 
_entry.id   4HJ8 
# 
_audit_conform.dict_name       mmcif_pdbx.dic 
_audit_conform.dict_version    5.379 
_audit_conform.dict_location   http://mmcif.pdb.org/dictionaries/ascii/mmcif_pdbx.dic 
# 
loop_
_database_2.database_id 
_database_2.database_code 
_database_2.pdbx_database_accession 
_database_2.pdbx_DOI 
PDB   4HJ8         pdb_00004hj8 10.2210/pdb4hj8/pdb 
NDB   NA2077       ?            ?                   
RCSB  RCSB075533   ?            ?                   
WWPDB D_1000075533 ?            ?                   
# 
loop_
_pdbx_database_related.db_name 
_pdbx_database_related.db_id 
_pdbx_database_related.details 
_pdbx_database_related.content_type 
PDB 4HIO 'The same protein bound to a different ssDNA sequence' unspecified 
PDB 4HIM 'The same protein bound to a different ssDNA sequence' unspecified 
PDB 4HIK 'The same protein bound to a different ssDNA sequence' unspecified 
PDB 4HID 'The same protein bound to a different ssDNA sequence' unspecified 
PDB 4HJ5 'The same protein bound to a different ssDNA sequence' unspecified 
PDB 4HJ7 'The same protein bound to a different ssDNA sequence' unspecified 
PDB 4HJ9 'The same protein bound to a different ssDNA sequence' unspecified 
PDB 4HJA 'The same protein bound to a different ssDNA sequence' unspecified 
# 
_pdbx_database_status.entry_id                        4HJ8 
_pdbx_database_status.status_code                     REL 
_pdbx_database_status.deposit_site                    RCSB 
_pdbx_database_status.process_site                    RCSB 
_pdbx_database_status.recvd_initial_deposition_date   2012-10-12 
_pdbx_database_status.status_code_sf                  REL 
_pdbx_database_status.status_code_mr                  ? 
_pdbx_database_status.SG_entry                        ? 
_pdbx_database_status.status_code_cs                  ? 
_pdbx_database_status.methods_development_category    ? 
_pdbx_database_status.pdb_format_compatible           Y 
_pdbx_database_status.status_code_nmr_data            ? 
# 
loop_
_audit_author.name 
_audit_author.pdbx_ordinal 
'Dickey, T.H.' 1 
'Wuttke, D.S.' 2 
# 
_citation.id                        primary 
_citation.title                     'Nonspecific Recognition Is Achieved in Pot1pC through the Use of Multiple Binding Modes.' 
_citation.journal_abbrev            Structure 
_citation.journal_volume            21 
_citation.page_first                121 
_citation.page_last                 132 
_citation.year                      2013 
_citation.journal_id_ASTM           STRUE6 
_citation.country                   UK 
_citation.journal_id_ISSN           0969-2126 
_citation.journal_id_CSD            2005 
_citation.book_publisher            ? 
_citation.pdbx_database_id_PubMed   23201273 
_citation.pdbx_database_id_DOI      10.1016/j.str.2012.10.015 
# 
loop_
_citation_author.citation_id 
_citation_author.name 
_citation_author.ordinal 
_citation_author.identifier_ORCID 
primary 'Dickey, T.H.'    1 ? 
primary 'McKercher, M.A.' 2 ? 
primary 'Wuttke, D.S.'    3 ? 
# 
_cell.length_a           44.584 
_cell.length_b           57.548 
_cell.length_c           66.575 
_cell.angle_alpha        90.000 
_cell.angle_beta         90.000 
_cell.angle_gamma        90.000 
_cell.entry_id           4HJ8 
_cell.pdbx_unique_axis   ? 
_cell.Z_PDB              4 
_cell.length_a_esd       ? 
_cell.length_b_esd       ? 
_cell.length_c_esd       ? 
_cell.angle_alpha_esd    ? 
_cell.angle_beta_esd     ? 
_cell.angle_gamma_esd    ? 
# 
_symmetry.space_group_name_H-M             'P 21 21 21' 
_symmetry.entry_id                         4HJ8 
_symmetry.Int_Tables_number                19 
_symmetry.pdbx_full_space_group_name_H-M   ? 
_symmetry.cell_setting                     ? 
_symmetry.space_group_name_Hall            ? 
# 
loop_
_entity.id 
_entity.type 
_entity.src_method 
_entity.pdbx_description 
_entity.formula_weight 
_entity.pdbx_number_of_molecules 
_entity.pdbx_ec 
_entity.pdbx_mutation 
_entity.pdbx_fragment 
_entity.details 
1 polymer man 'Protection of telomeres protein 1'         17182.414 1   ? V199D 
'Pot1pC, partial DNA binding domain, residues 198-339' ?                                            
2 polymer syn 
;DNA (5'-D(*GP*GP*TP*TP*AP*CP*GP*CP*T)-3')
;
2746.809  1   ? ?     ?                                                      'telomeric single-stranded DNA, G8C variant' 
3 water   nat water                                       18.015    125 ? ?     ? ?                                            
# 
loop_
_entity_poly.entity_id 
_entity_poly.type 
_entity_poly.nstd_linkage 
_entity_poly.nstd_monomer 
_entity_poly.pdbx_seq_one_letter_code 
_entity_poly.pdbx_seq_one_letter_code_can 
_entity_poly.pdbx_strand_id 
_entity_poly.pdbx_target_identifier 
1 'polypeptide(L)'        no no 
;MSDSFSLLSQITPHQRCSFYAQVIKTWYSDKNFTLYVTDYTENELFFPMSPYTSSSRWRGPFGRFSIRCILWDEHDFYCR
NYIKEGDYVVMKNVRTKIDHLGYLECILHGDSAKRYNMSIEKVDSEEPELNEIKSRKRLYVQN
;
;MSDSFSLLSQITPHQRCSFYAQVIKTWYSDKNFTLYVTDYTENELFFPMSPYTSSSRWRGPFGRFSIRCILWDEHDFYCR
NYIKEGDYVVMKNVRTKIDHLGYLECILHGDSAKRYNMSIEKVDSEEPELNEIKSRKRLYVQN
;
A ? 
2 polydeoxyribonucleotide no no '(DG)(DG)(DT)(DT)(DA)(DC)(DG)(DC)(DT)' GGTTACGCT B ? 
# 
loop_
_entity_poly_seq.entity_id 
_entity_poly_seq.num 
_entity_poly_seq.mon_id 
_entity_poly_seq.hetero 
1 1   MET n 
1 2   SER n 
1 3   ASP n 
1 4   SER n 
1 5   PHE n 
1 6   SER n 
1 7   LEU n 
1 8   LEU n 
1 9   SER n 
1 10  GLN n 
1 11  ILE n 
1 12  THR n 
1 13  PRO n 
1 14  HIS n 
1 15  GLN n 
1 16  ARG n 
1 17  CYS n 
1 18  SER n 
1 19  PHE n 
1 20  TYR n 
1 21  ALA n 
1 22  GLN n 
1 23  VAL n 
1 24  ILE n 
1 25  LYS n 
1 26  THR n 
1 27  TRP n 
1 28  TYR n 
1 29  SER n 
1 30  ASP n 
1 31  LYS n 
1 32  ASN n 
1 33  PHE n 
1 34  THR n 
1 35  LEU n 
1 36  TYR n 
1 37  VAL n 
1 38  THR n 
1 39  ASP n 
1 40  TYR n 
1 41  THR n 
1 42  GLU n 
1 43  ASN n 
1 44  GLU n 
1 45  LEU n 
1 46  PHE n 
1 47  PHE n 
1 48  PRO n 
1 49  MET n 
1 50  SER n 
1 51  PRO n 
1 52  TYR n 
1 53  THR n 
1 54  SER n 
1 55  SER n 
1 56  SER n 
1 57  ARG n 
1 58  TRP n 
1 59  ARG n 
1 60  GLY n 
1 61  PRO n 
1 62  PHE n 
1 63  GLY n 
1 64  ARG n 
1 65  PHE n 
1 66  SER n 
1 67  ILE n 
1 68  ARG n 
1 69  CYS n 
1 70  ILE n 
1 71  LEU n 
1 72  TRP n 
1 73  ASP n 
1 74  GLU n 
1 75  HIS n 
1 76  ASP n 
1 77  PHE n 
1 78  TYR n 
1 79  CYS n 
1 80  ARG n 
1 81  ASN n 
1 82  TYR n 
1 83  ILE n 
1 84  LYS n 
1 85  GLU n 
1 86  GLY n 
1 87  ASP n 
1 88  TYR n 
1 89  VAL n 
1 90  VAL n 
1 91  MET n 
1 92  LYS n 
1 93  ASN n 
1 94  VAL n 
1 95  ARG n 
1 96  THR n 
1 97  LYS n 
1 98  ILE n 
1 99  ASP n 
1 100 HIS n 
1 101 LEU n 
1 102 GLY n 
1 103 TYR n 
1 104 LEU n 
1 105 GLU n 
1 106 CYS n 
1 107 ILE n 
1 108 LEU n 
1 109 HIS n 
1 110 GLY n 
1 111 ASP n 
1 112 SER n 
1 113 ALA n 
1 114 LYS n 
1 115 ARG n 
1 116 TYR n 
1 117 ASN n 
1 118 MET n 
1 119 SER n 
1 120 ILE n 
1 121 GLU n 
1 122 LYS n 
1 123 VAL n 
1 124 ASP n 
1 125 SER n 
1 126 GLU n 
1 127 GLU n 
1 128 PRO n 
1 129 GLU n 
1 130 LEU n 
1 131 ASN n 
1 132 GLU n 
1 133 ILE n 
1 134 LYS n 
1 135 SER n 
1 136 ARG n 
1 137 LYS n 
1 138 ARG n 
1 139 LEU n 
1 140 TYR n 
1 141 VAL n 
1 142 GLN n 
1 143 ASN n 
2 1   DG  n 
2 2   DG  n 
2 3   DT  n 
2 4   DT  n 
2 5   DA  n 
2 6   DC  n 
2 7   DG  n 
2 8   DC  n 
2 9   DT  n 
# 
_entity_src_gen.entity_id                          1 
_entity_src_gen.pdbx_src_id                        1 
_entity_src_gen.pdbx_alt_source_flag               sample 
_entity_src_gen.pdbx_seq_type                      ? 
_entity_src_gen.pdbx_beg_seq_num                   ? 
_entity_src_gen.pdbx_end_seq_num                   ? 
_entity_src_gen.gene_src_common_name               'Fission yeast' 
_entity_src_gen.gene_src_genus                     ? 
_entity_src_gen.pdbx_gene_src_gene                 'pot1, SPAC26H5.06' 
_entity_src_gen.gene_src_species                   ? 
_entity_src_gen.gene_src_strain                    972h- 
_entity_src_gen.gene_src_tissue                    ? 
_entity_src_gen.gene_src_tissue_fraction           ? 
_entity_src_gen.gene_src_details                   ? 
_entity_src_gen.pdbx_gene_src_fragment             ? 
_entity_src_gen.pdbx_gene_src_scientific_name      'Schizosaccharomyces pombe' 
_entity_src_gen.pdbx_gene_src_ncbi_taxonomy_id     284812 
_entity_src_gen.pdbx_gene_src_variant              ? 
_entity_src_gen.pdbx_gene_src_cell_line            ? 
_entity_src_gen.pdbx_gene_src_atcc                 ? 
_entity_src_gen.pdbx_gene_src_organ                ? 
_entity_src_gen.pdbx_gene_src_organelle            ? 
_entity_src_gen.pdbx_gene_src_cell                 ? 
_entity_src_gen.pdbx_gene_src_cellular_location    ? 
_entity_src_gen.host_org_common_name               ? 
_entity_src_gen.pdbx_host_org_scientific_name      'Escherichia coli' 
_entity_src_gen.pdbx_host_org_ncbi_taxonomy_id     469008 
_entity_src_gen.host_org_genus                     ? 
_entity_src_gen.pdbx_host_org_gene                 ? 
_entity_src_gen.pdbx_host_org_organ                ? 
_entity_src_gen.host_org_species                   ? 
_entity_src_gen.pdbx_host_org_tissue               ? 
_entity_src_gen.pdbx_host_org_tissue_fraction      ? 
_entity_src_gen.pdbx_host_org_strain               'BL21 (DE3)' 
_entity_src_gen.pdbx_host_org_variant              ? 
_entity_src_gen.pdbx_host_org_cell_line            ? 
_entity_src_gen.pdbx_host_org_atcc                 ? 
_entity_src_gen.pdbx_host_org_culture_collection   ? 
_entity_src_gen.pdbx_host_org_cell                 ? 
_entity_src_gen.pdbx_host_org_organelle            ? 
_entity_src_gen.pdbx_host_org_cellular_location    ? 
_entity_src_gen.pdbx_host_org_vector_type          plasmid 
_entity_src_gen.pdbx_host_org_vector               ? 
_entity_src_gen.host_org_details                   ? 
_entity_src_gen.expression_system_id               ? 
_entity_src_gen.plasmid_name                       pTXB1 
_entity_src_gen.plasmid_details                    ? 
_entity_src_gen.pdbx_description                   ? 
# 
_pdbx_entity_src_syn.entity_id              2 
_pdbx_entity_src_syn.pdbx_src_id            1 
_pdbx_entity_src_syn.pdbx_alt_source_flag   sample 
_pdbx_entity_src_syn.pdbx_beg_seq_num       ? 
_pdbx_entity_src_syn.pdbx_end_seq_num       ? 
_pdbx_entity_src_syn.organism_scientific    'Schizosaccharomyces pombe' 
_pdbx_entity_src_syn.organism_common_name   ? 
_pdbx_entity_src_syn.ncbi_taxonomy_id       284812 
_pdbx_entity_src_syn.details                ? 
# 
loop_
_struct_ref.id 
_struct_ref.db_name 
_struct_ref.db_code 
_struct_ref.pdbx_db_accession 
_struct_ref.entity_id 
_struct_ref.pdbx_seq_one_letter_code 
_struct_ref.pdbx_align_begin 
_struct_ref.pdbx_db_isoform 
1 UNP POT1_SCHPO O13988 1 
;SVSFSLLSQITPHQRCSFYAQVIKTWYSDKNFTLYVTDYTENELFFPMSPYTSSSRWRGPFGRFSIRCILWDEHDFYCRN
YIKEGDYVVMKNVRTKIDHLGYLECILHGDSAKRYNMSIEKVDSEEPELNEIKSRKRLYVQN
;
198 ? 
2 PDB 4HJ8       4HJ8   2 ? ?   ? 
# 
loop_
_struct_ref_seq.align_id 
_struct_ref_seq.ref_id 
_struct_ref_seq.pdbx_PDB_id_code 
_struct_ref_seq.pdbx_strand_id 
_struct_ref_seq.seq_align_beg 
_struct_ref_seq.pdbx_seq_align_beg_ins_code 
_struct_ref_seq.seq_align_end 
_struct_ref_seq.pdbx_seq_align_end_ins_code 
_struct_ref_seq.pdbx_db_accession 
_struct_ref_seq.db_align_beg 
_struct_ref_seq.pdbx_db_align_beg_ins_code 
_struct_ref_seq.db_align_end 
_struct_ref_seq.pdbx_db_align_end_ins_code 
_struct_ref_seq.pdbx_auth_seq_align_beg 
_struct_ref_seq.pdbx_auth_seq_align_end 
1 1 4HJ8 A 2 ? 143 ? O13988 198 ? 339 ? 2 143 
2 2 4HJ8 B 1 ? 9   ? 4HJ8   1   ? 9   ? 1 9   
# 
loop_
_struct_ref_seq_dif.align_id 
_struct_ref_seq_dif.pdbx_pdb_id_code 
_struct_ref_seq_dif.mon_id 
_struct_ref_seq_dif.pdbx_pdb_strand_id 
_struct_ref_seq_dif.seq_num 
_struct_ref_seq_dif.pdbx_pdb_ins_code 
_struct_ref_seq_dif.pdbx_seq_db_name 
_struct_ref_seq_dif.pdbx_seq_db_accession_code 
_struct_ref_seq_dif.db_mon_id 
_struct_ref_seq_dif.pdbx_seq_db_seq_num 
_struct_ref_seq_dif.details 
_struct_ref_seq_dif.pdbx_auth_seq_num 
_struct_ref_seq_dif.pdbx_ordinal 
1 4HJ8 MET A 1 ? UNP O13988 ?   ?   'expression tag'      1 1 
1 4HJ8 ASP A 3 ? UNP O13988 VAL 199 'engineered mutation' 3 2 
# 
loop_
_chem_comp.id 
_chem_comp.type 
_chem_comp.mon_nstd_flag 
_chem_comp.name 
_chem_comp.pdbx_synonyms 
_chem_comp.formula 
_chem_comp.formula_weight 
ALA 'L-peptide linking' y ALANINE                              ? 'C3 H7 N O2'      89.093  
ARG 'L-peptide linking' y ARGININE                             ? 'C6 H15 N4 O2 1'  175.209 
ASN 'L-peptide linking' y ASPARAGINE                           ? 'C4 H8 N2 O3'     132.118 
ASP 'L-peptide linking' y 'ASPARTIC ACID'                      ? 'C4 H7 N O4'      133.103 
CYS 'L-peptide linking' y CYSTEINE                             ? 'C3 H7 N O2 S'    121.158 
DA  'DNA linking'       y "2'-DEOXYADENOSINE-5'-MONOPHOSPHATE" ? 'C10 H14 N5 O6 P' 331.222 
DC  'DNA linking'       y "2'-DEOXYCYTIDINE-5'-MONOPHOSPHATE"  ? 'C9 H14 N3 O7 P'  307.197 
DG  'DNA linking'       y "2'-DEOXYGUANOSINE-5'-MONOPHOSPHATE" ? 'C10 H14 N5 O7 P' 347.221 
DT  'DNA linking'       y "THYMIDINE-5'-MONOPHOSPHATE"         ? 'C10 H15 N2 O8 P' 322.208 
GLN 'L-peptide linking' y GLUTAMINE                            ? 'C5 H10 N2 O3'    146.144 
GLU 'L-peptide linking' y 'GLUTAMIC ACID'                      ? 'C5 H9 N O4'      147.129 
GLY 'peptide linking'   y GLYCINE                              ? 'C2 H5 N O2'      75.067  
HIS 'L-peptide linking' y HISTIDINE                            ? 'C6 H10 N3 O2 1'  156.162 
HOH non-polymer         . WATER                                ? 'H2 O'            18.015  
ILE 'L-peptide linking' y ISOLEUCINE                           ? 'C6 H13 N O2'     131.173 
LEU 'L-peptide linking' y LEUCINE                              ? 'C6 H13 N O2'     131.173 
LYS 'L-peptide linking' y LYSINE                               ? 'C6 H15 N2 O2 1'  147.195 
MET 'L-peptide linking' y METHIONINE                           ? 'C5 H11 N O2 S'   149.211 
PHE 'L-peptide linking' y PHENYLALANINE                        ? 'C9 H11 N O2'     165.189 
PRO 'L-peptide linking' y PROLINE                              ? 'C5 H9 N O2'      115.130 
SER 'L-peptide linking' y SERINE                               ? 'C3 H7 N O3'      105.093 
THR 'L-peptide linking' y THREONINE                            ? 'C4 H9 N O3'      119.119 
TRP 'L-peptide linking' y TRYPTOPHAN                           ? 'C11 H12 N2 O2'   204.225 
TYR 'L-peptide linking' y TYROSINE                             ? 'C9 H11 N O3'     181.189 
VAL 'L-peptide linking' y VALINE                               ? 'C5 H11 N O2'     117.146 
# 
_exptl.crystals_number   1 
_exptl.entry_id          4HJ8 
_exptl.method            'X-RAY DIFFRACTION' 
# 
_exptl_crystal.id                    1 
_exptl_crystal.density_Matthews      2.14 
_exptl_crystal.density_meas          ? 
_exptl_crystal.density_percent_sol   42.60 
_exptl_crystal.description           ? 
_exptl_crystal.F_000                 ? 
_exptl_crystal.preparation           ? 
# 
_exptl_crystal_grow.crystal_id      1 
_exptl_crystal_grow.method          'VAPOR DIFFUSION, HANGING DROP' 
_exptl_crystal_grow.pH              7 
_exptl_crystal_grow.temp            290 
_exptl_crystal_grow.pdbx_details    '35% PEG 8000, 0.2M sodium formate, pH 7, VAPOR DIFFUSION, HANGING DROP, temperature 290K' 
_exptl_crystal_grow.temp_details    ? 
_exptl_crystal_grow.pdbx_pH_range   ? 
# 
_diffrn.id                     1 
_diffrn.ambient_temp           100 
_diffrn.ambient_temp_details   ? 
_diffrn.crystal_id             1 
# 
_diffrn_detector.diffrn_id              1 
_diffrn_detector.detector               'IMAGE PLATE' 
_diffrn_detector.type                   'RIGAKU RAXIS IV++' 
_diffrn_detector.pdbx_collection_date   2012-03-05 
_diffrn_detector.details                ? 
# 
_diffrn_radiation.diffrn_id                        1 
_diffrn_radiation.pdbx_diffrn_protocol             'SINGLE WAVELENGTH' 
_diffrn_radiation.monochromator                    'osmic mirrors' 
_diffrn_radiation.wavelength_id                    1 
_diffrn_radiation.pdbx_monochromatic_or_laue_m_l   M 
_diffrn_radiation.pdbx_scattering_type             x-ray 
# 
_diffrn_radiation_wavelength.id           1 
_diffrn_radiation_wavelength.wavelength   1.54 
_diffrn_radiation_wavelength.wt           1.0 
# 
_diffrn_source.diffrn_id                   1 
_diffrn_source.source                      'ROTATING ANODE' 
_diffrn_source.type                        'RIGAKU RUH2R' 
_diffrn_source.pdbx_wavelength_list        1.54 
_diffrn_source.pdbx_wavelength             ? 
_diffrn_source.pdbx_synchrotron_site       ? 
_diffrn_source.pdbx_synchrotron_beamline   ? 
# 
_reflns.entry_id                     4HJ8 
_reflns.d_resolution_high            2.0430 
_reflns.d_resolution_low             50.000 
_reflns.number_obs                   11273 
_reflns.pdbx_Rmerge_I_obs            0.073 
_reflns.pdbx_netI_over_sigmaI        9.000 
_reflns.pdbx_chi_squared             1.069 
_reflns.pdbx_redundancy              3.400 
_reflns.percent_possible_obs         99.500 
_reflns.observed_criterion_sigma_F   -3 
_reflns.observed_criterion_sigma_I   -3 
_reflns.number_all                   11338 
_reflns.pdbx_Rsym_value              ? 
_reflns.B_iso_Wilson_estimate        ? 
_reflns.R_free_details               ? 
_reflns.limit_h_max                  ? 
_reflns.limit_h_min                  ? 
_reflns.limit_k_max                  ? 
_reflns.limit_k_min                  ? 
_reflns.limit_l_max                  ? 
_reflns.limit_l_min                  ? 
_reflns.observed_criterion_F_max     ? 
_reflns.observed_criterion_F_min     ? 
_reflns.pdbx_scaling_rejects         ? 
_reflns.pdbx_ordinal                 1 
_reflns.pdbx_diffrn_id               1 
# 
loop_
_reflns_shell.d_res_high 
_reflns_shell.d_res_low 
_reflns_shell.number_measured_obs 
_reflns_shell.number_measured_all 
_reflns_shell.number_unique_obs 
_reflns_shell.Rmerge_I_obs 
_reflns_shell.meanI_over_sigI_obs 
_reflns_shell.pdbx_Rsym_value 
_reflns_shell.pdbx_chi_squared 
_reflns_shell.pdbx_redundancy 
_reflns_shell.percent_possible_obs 
_reflns_shell.number_unique_all 
_reflns_shell.percent_possible_all 
_reflns_shell.pdbx_ordinal 
_reflns_shell.pdbx_diffrn_id 
2.050 2.120  ? ? ? 0.459 ? ? 0.781 3.200 ? 1093 98.900  1  1 
2.120 2.210  ? ? ? 0.369 ? ? 0.827 3.300 ? 1109 99.800  2  1 
2.210 2.310  ? ? ? 0.306 ? ? 0.892 3.400 ? 1110 99.900  3  1 
2.310 2.430  ? ? ? 0.237 ? ? 0.913 3.400 ? 1114 100.000 4  1 
2.430 2.580  ? ? ? 0.186 ? ? 0.997 3.500 ? 1113 100.000 5  1 
2.580 2.780  ? ? ? 0.145 ? ? 1.137 3.400 ? 1121 100.000 6  1 
2.780 3.060  ? ? ? 0.093 ? ? 1.264 3.500 ? 1125 100.000 7  1 
3.060 3.510  ? ? ? 0.058 ? ? 1.405 3.500 ? 1136 100.000 8  1 
3.510 4.420  ? ? ? 0.039 ? ? 1.340 3.400 ? 1160 99.800  9  1 
4.420 50.000 ? ? ? 0.029 ? ? 1.063 3.300 ? 1192 96.400  10 1 
# 
_refine.entry_id                                 4HJ8 
_refine.ls_d_res_high                            2.0430 
_refine.ls_d_res_low                             18.7790 
_refine.pdbx_ls_sigma_F                          0.000 
_refine.pdbx_data_cutoff_high_absF               ? 
_refine.pdbx_data_cutoff_low_absF                ? 
_refine.ls_percent_reflns_obs                    96.6400 
_refine.ls_number_reflns_obs                     10956 
_refine.ls_number_reflns_all                     11245 
_refine.pdbx_ls_cross_valid_method               ? 
_refine.pdbx_R_Free_selection_details            random 
_refine.details                                  ? 
_refine.ls_R_factor_all                          0.1962 
_refine.ls_R_factor_obs                          0.1962 
_refine.ls_R_factor_R_work                       0.1923 
_refine.ls_wR_factor_R_work                      ? 
_refine.ls_R_factor_R_free                       0.2300 
_refine.ls_wR_factor_R_free                      ? 
_refine.ls_percent_reflns_R_free                 10.0700 
_refine.ls_number_reflns_R_free                  1103 
_refine.ls_R_factor_R_free_error                 ? 
_refine.B_iso_mean                               30.0413 
_refine.solvent_model_param_bsol                 43.1370 
_refine.solvent_model_param_ksol                 0.3960 
_refine.pdbx_isotropic_thermal_model             ? 
_refine.aniso_B[1][1]                            8.8786 
_refine.aniso_B[2][2]                            -2.7538 
_refine.aniso_B[3][3]                            -6.1248 
_refine.aniso_B[1][2]                            -0.0000 
_refine.aniso_B[1][3]                            -0.0000 
_refine.aniso_B[2][3]                            -0.0000 
_refine.correlation_coeff_Fo_to_Fc               ? 
_refine.correlation_coeff_Fo_to_Fc_free          ? 
_refine.overall_SU_R_Cruickshank_DPI             ? 
_refine.overall_SU_R_free                        ? 
_refine.pdbx_overall_ESU_R                       ? 
_refine.pdbx_overall_ESU_R_Free                  ? 
_refine.overall_SU_ML                            0.2500 
_refine.overall_SU_B                             ? 
_refine.solvent_model_details                    'FLAT BULK SOLVENT MODEL' 
_refine.pdbx_solvent_vdw_probe_radii             1.1100 
_refine.pdbx_solvent_ion_probe_radii             ? 
_refine.pdbx_solvent_shrinkage_radii             0.9000 
_refine.ls_number_parameters                     ? 
_refine.ls_number_restraints                     ? 
_refine.pdbx_starting_model                      'PDB entry 4HIK' 
_refine.pdbx_method_to_determine_struct          'MOLECULAR REPLACEMENT' 
_refine.pdbx_stereochemistry_target_values       'Engh & Huber' 
_refine.pdbx_stereochem_target_val_spec_case     ? 
_refine.overall_FOM_work_R_set                   ? 
_refine.B_iso_max                                72.230 
_refine.B_iso_min                                14.110 
_refine.pdbx_overall_phase_error                 22.7200 
_refine.occupancy_max                            1.000 
_refine.occupancy_min                            0.400 
_refine.pdbx_ls_sigma_I                          ? 
_refine.ls_redundancy_reflns_obs                 ? 
_refine.ls_R_factor_R_free_error_details         ? 
_refine.pdbx_data_cutoff_high_rms_absF           ? 
_refine.overall_FOM_free_R_set                   ? 
_refine.pdbx_diffrn_id                           1 
_refine.pdbx_refine_id                           'X-RAY DIFFRACTION' 
_refine.pdbx_TLS_residual_ADP_flag               ? 
_refine.pdbx_overall_SU_R_free_Cruickshank_DPI   ? 
_refine.pdbx_overall_SU_R_Blow_DPI               ? 
_refine.pdbx_overall_SU_R_free_Blow_DPI          ? 
# 
_refine_hist.pdbx_refine_id                   'X-RAY DIFFRACTION' 
_refine_hist.cycle_id                         LAST 
_refine_hist.pdbx_number_atoms_protein        1169 
_refine_hist.pdbx_number_atoms_nucleic_acid   182 
_refine_hist.pdbx_number_atoms_ligand         0 
_refine_hist.number_atoms_solvent             125 
_refine_hist.number_atoms_total               1476 
_refine_hist.d_res_high                       2.0430 
_refine_hist.d_res_low                        18.7790 
# 
loop_
_refine_ls_restr.type 
_refine_ls_restr.number 
_refine_ls_restr.dev_ideal 
_refine_ls_restr.dev_ideal_target 
_refine_ls_restr.weight 
_refine_ls_restr.pdbx_restraint_function 
_refine_ls_restr.pdbx_refine_id 
f_bond_d           1409 0.007  ? ? ? 'X-RAY DIFFRACTION' 
f_angle_d          1942 1.046  ? ? ? 'X-RAY DIFFRACTION' 
f_chiral_restr     202  0.071  ? ? ? 'X-RAY DIFFRACTION' 
f_plane_restr      215  0.006  ? ? ? 'X-RAY DIFFRACTION' 
f_dihedral_angle_d 536  17.849 ? ? ? 'X-RAY DIFFRACTION' 
# 
loop_
_refine_ls_shell.d_res_high 
_refine_ls_shell.d_res_low 
_refine_ls_shell.pdbx_total_number_of_bins_used 
_refine_ls_shell.percent_reflns_obs 
_refine_ls_shell.number_reflns_R_work 
_refine_ls_shell.R_factor_all 
_refine_ls_shell.R_factor_R_work 
_refine_ls_shell.R_factor_R_free 
_refine_ls_shell.percent_reflns_R_free 
_refine_ls_shell.number_reflns_R_free 
_refine_ls_shell.R_factor_R_free_error 
_refine_ls_shell.number_reflns_all 
_refine_ls_shell.number_reflns_obs 
_refine_ls_shell.redundancy_reflns_obs 
_refine_ls_shell.pdbx_refine_id 
2.0427 2.1356  8 87.0000  1093 . 0.2570 0.3210 . 125 . 1218 . . 'X-RAY DIFFRACTION' 
2.1356 2.2480  8 95.0000  1176 . 0.2306 0.2983 . 131 . 1307 . . 'X-RAY DIFFRACTION' 
2.2480 2.3886  8 97.0000  1220 . 0.2231 0.2756 . 137 . 1357 . . 'X-RAY DIFFRACTION' 
2.3886 2.5726  8 97.0000  1216 . 0.2161 0.2527 . 137 . 1353 . . 'X-RAY DIFFRACTION' 
2.5726 2.8307  8 98.0000  1234 . 0.1971 0.2139 . 138 . 1372 . . 'X-RAY DIFFRACTION' 
2.8307 3.2385  8 99.0000  1275 . 0.1877 0.2517 . 141 . 1416 . . 'X-RAY DIFFRACTION' 
3.2385 4.0733  8 100.0000 1286 . 0.1691 0.2054 . 143 . 1429 . . 'X-RAY DIFFRACTION' 
4.0733 18.7799 8 99.0000  1353 . 0.1784 0.1991 . 151 . 1504 . . 'X-RAY DIFFRACTION' 
# 
_struct.entry_id                  4HJ8 
_struct.title                     'Crystal Structure of Schizosaccharomyces pombe Pot1pC bound to ssDNA (GGTTACGCT)' 
_struct.pdbx_model_details        ? 
_struct.pdbx_CASP_flag            ? 
_struct.pdbx_model_type_details   ? 
# 
_struct_keywords.entry_id        4HJ8 
_struct_keywords.text            
'specificity, plasticity, promiscuity, OB-fold, ssDNA-binding, single-stranded telomeric DNA, DNA BINDING PROTEIN' 
_struct_keywords.pdbx_keywords   'DNA BINDING PROTEIN' 
# 
loop_
_struct_asym.id 
_struct_asym.pdbx_blank_PDB_chainid_flag 
_struct_asym.pdbx_modified 
_struct_asym.entity_id 
_struct_asym.details 
A N N 1 ? 
B N N 2 ? 
C N N 3 ? 
D N N 3 ? 
# 
_struct_biol.id        1 
_struct_biol.details   ? 
# 
loop_
_struct_conf.conf_type_id 
_struct_conf.id 
_struct_conf.pdbx_PDB_helix_id 
_struct_conf.beg_label_comp_id 
_struct_conf.beg_label_asym_id 
_struct_conf.beg_label_seq_id 
_struct_conf.pdbx_beg_PDB_ins_code 
_struct_conf.end_label_comp_id 
_struct_conf.end_label_asym_id 
_struct_conf.end_label_seq_id 
_struct_conf.pdbx_end_PDB_ins_code 
_struct_conf.beg_auth_comp_id 
_struct_conf.beg_auth_asym_id 
_struct_conf.beg_auth_seq_id 
_struct_conf.end_auth_comp_id 
_struct_conf.end_auth_asym_id 
_struct_conf.end_auth_seq_id 
_struct_conf.pdbx_PDB_helix_class 
_struct_conf.details 
_struct_conf.pdbx_PDB_helix_length 
HELX_P HELX_P1 1 LEU A 7   ? ILE A 11  ? LEU A 7   ILE A 11  5 ? 5 
HELX_P HELX_P2 2 TRP A 72  ? ARG A 80  ? TRP A 72  ARG A 80  1 ? 9 
HELX_P HELX_P3 3 GLU A 127 ? GLU A 129 ? GLU A 127 GLU A 129 5 ? 3 
HELX_P HELX_P4 4 LEU A 130 ? ARG A 138 ? LEU A 130 ARG A 138 1 ? 9 
HELX_P HELX_P5 5 LEU A 139 ? VAL A 141 ? LEU A 139 VAL A 141 5 ? 3 
# 
_struct_conf_type.id          HELX_P 
_struct_conf_type.criteria    ? 
_struct_conf_type.reference   ? 
# 
_struct_conn.id                            hydrog1 
_struct_conn.conn_type_id                  hydrog 
_struct_conn.pdbx_leaving_atom_flag        ? 
_struct_conn.pdbx_PDB_id                   ? 
_struct_conn.ptnr1_label_asym_id           B 
_struct_conn.ptnr1_label_comp_id           DT 
_struct_conn.ptnr1_label_seq_id            4 
_struct_conn.ptnr1_label_atom_id           O2 
_struct_conn.pdbx_ptnr1_label_alt_id       ? 
_struct_conn.pdbx_ptnr1_PDB_ins_code       ? 
_struct_conn.pdbx_ptnr1_standard_comp_id   ? 
_struct_conn.ptnr1_symmetry                1_555 
_struct_conn.ptnr2_label_asym_id           B 
_struct_conn.ptnr2_label_comp_id           DA 
_struct_conn.ptnr2_label_seq_id            5 
_struct_conn.ptnr2_label_atom_id           N6 
_struct_conn.pdbx_ptnr2_label_alt_id       ? 
_struct_conn.pdbx_ptnr2_PDB_ins_code       ? 
_struct_conn.ptnr1_auth_asym_id            B 
_struct_conn.ptnr1_auth_comp_id            DT 
_struct_conn.ptnr1_auth_seq_id             4 
_struct_conn.ptnr2_auth_asym_id            B 
_struct_conn.ptnr2_auth_comp_id            DA 
_struct_conn.ptnr2_auth_seq_id             5 
_struct_conn.ptnr2_symmetry                1_555 
_struct_conn.pdbx_ptnr3_label_atom_id      ? 
_struct_conn.pdbx_ptnr3_label_seq_id       ? 
_struct_conn.pdbx_ptnr3_label_comp_id      ? 
_struct_conn.pdbx_ptnr3_label_asym_id      ? 
_struct_conn.pdbx_ptnr3_label_alt_id       ? 
_struct_conn.pdbx_ptnr3_PDB_ins_code       ? 
_struct_conn.details                       'DT-DA PAIR' 
_struct_conn.pdbx_dist_value               ? 
_struct_conn.pdbx_value_order              ? 
_struct_conn.pdbx_role                     ? 
# 
_struct_conn_type.id          hydrog 
_struct_conn_type.criteria    ? 
_struct_conn_type.reference   ? 
# 
_struct_mon_prot_cis.pdbx_id                1 
_struct_mon_prot_cis.label_comp_id          GLY 
_struct_mon_prot_cis.label_seq_id           60 
_struct_mon_prot_cis.label_asym_id          A 
_struct_mon_prot_cis.label_alt_id           . 
_struct_mon_prot_cis.pdbx_PDB_ins_code      ? 
_struct_mon_prot_cis.auth_comp_id           GLY 
_struct_mon_prot_cis.auth_seq_id            60 
_struct_mon_prot_cis.auth_asym_id           A 
_struct_mon_prot_cis.pdbx_label_comp_id_2   PRO 
_struct_mon_prot_cis.pdbx_label_seq_id_2    61 
_struct_mon_prot_cis.pdbx_label_asym_id_2   A 
_struct_mon_prot_cis.pdbx_PDB_ins_code_2    ? 
_struct_mon_prot_cis.pdbx_auth_comp_id_2    PRO 
_struct_mon_prot_cis.pdbx_auth_seq_id_2     61 
_struct_mon_prot_cis.pdbx_auth_asym_id_2    A 
_struct_mon_prot_cis.pdbx_PDB_model_num     1 
_struct_mon_prot_cis.pdbx_omega_angle       0.39 
# 
_struct_sheet.id               A 
_struct_sheet.type             ? 
_struct_sheet.number_strands   7 
_struct_sheet.details          ? 
# 
loop_
_struct_sheet_order.sheet_id 
_struct_sheet_order.range_id_1 
_struct_sheet_order.range_id_2 
_struct_sheet_order.offset 
_struct_sheet_order.sense 
A 1 2 ? anti-parallel 
A 2 3 ? anti-parallel 
A 3 4 ? parallel      
A 4 5 ? anti-parallel 
A 5 6 ? anti-parallel 
A 6 7 ? anti-parallel 
# 
loop_
_struct_sheet_range.sheet_id 
_struct_sheet_range.id 
_struct_sheet_range.beg_label_comp_id 
_struct_sheet_range.beg_label_asym_id 
_struct_sheet_range.beg_label_seq_id 
_struct_sheet_range.pdbx_beg_PDB_ins_code 
_struct_sheet_range.end_label_comp_id 
_struct_sheet_range.end_label_asym_id 
_struct_sheet_range.end_label_seq_id 
_struct_sheet_range.pdbx_end_PDB_ins_code 
_struct_sheet_range.beg_auth_comp_id 
_struct_sheet_range.beg_auth_asym_id 
_struct_sheet_range.beg_auth_seq_id 
_struct_sheet_range.end_auth_comp_id 
_struct_sheet_range.end_auth_asym_id 
_struct_sheet_range.end_auth_seq_id 
A 1 SER A 119 ? VAL A 123 ? SER A 119 VAL A 123 
A 2 TYR A 88  ? ILE A 98  ? TYR A 88  ILE A 98  
A 3 LEU A 104 ? LEU A 108 ? LEU A 104 LEU A 108 
A 4 SER A 66  ? LEU A 71  ? SER A 66  LEU A 71  
A 5 PHE A 33  ? THR A 38  ? PHE A 33  THR A 38  
A 6 ARG A 16  ? TYR A 28  ? ARG A 16  TYR A 28  
A 7 TYR A 88  ? ILE A 98  ? TYR A 88  ILE A 98  
# 
loop_
_pdbx_struct_sheet_hbond.sheet_id 
_pdbx_struct_sheet_hbond.range_id_1 
_pdbx_struct_sheet_hbond.range_id_2 
_pdbx_struct_sheet_hbond.range_1_label_atom_id 
_pdbx_struct_sheet_hbond.range_1_label_comp_id 
_pdbx_struct_sheet_hbond.range_1_label_asym_id 
_pdbx_struct_sheet_hbond.range_1_label_seq_id 
_pdbx_struct_sheet_hbond.range_1_PDB_ins_code 
_pdbx_struct_sheet_hbond.range_1_auth_atom_id 
_pdbx_struct_sheet_hbond.range_1_auth_comp_id 
_pdbx_struct_sheet_hbond.range_1_auth_asym_id 
_pdbx_struct_sheet_hbond.range_1_auth_seq_id 
_pdbx_struct_sheet_hbond.range_2_label_atom_id 
_pdbx_struct_sheet_hbond.range_2_label_comp_id 
_pdbx_struct_sheet_hbond.range_2_label_asym_id 
_pdbx_struct_sheet_hbond.range_2_label_seq_id 
_pdbx_struct_sheet_hbond.range_2_PDB_ins_code 
_pdbx_struct_sheet_hbond.range_2_auth_atom_id 
_pdbx_struct_sheet_hbond.range_2_auth_comp_id 
_pdbx_struct_sheet_hbond.range_2_auth_asym_id 
_pdbx_struct_sheet_hbond.range_2_auth_seq_id 
A 1 2 O VAL A 123 ? O VAL A 123 N TYR A 88  ? N TYR A 88  
A 2 3 N ARG A 95  ? N ARG A 95  O ILE A 107 ? O ILE A 107 
A 3 4 O LEU A 108 ? O LEU A 108 N ILE A 70  ? N ILE A 70  
A 4 5 O CYS A 69  ? O CYS A 69  N LEU A 35  ? N LEU A 35  
A 5 6 O THR A 38  ? O THR A 38  N GLN A 22  ? N GLN A 22  
A 6 7 N PHE A 19  ? N PHE A 19  O MET A 91  ? O MET A 91  
# 
_atom_sites.entry_id                    4HJ8 
_atom_sites.fract_transf_matrix[1][1]   -0.01158539 
_atom_sites.fract_transf_matrix[1][2]   -0.00921491 
_atom_sites.fract_transf_matrix[1][3]   0.01685139 
_atom_sites.fract_transf_matrix[2][1]   0.00877933 
_atom_sites.fract_transf_matrix[2][2]   -0.01485047 
_atom_sites.fract_transf_matrix[2][3]   -0.00208492 
_atom_sites.fract_transf_matrix[3][1]   0.01038472 
_atom_sites.fract_transf_matrix[3][2]   0.00477065 
_atom_sites.fract_transf_matrix[3][3]   0.00974828 
_atom_sites.fract_transf_vector[1]      0.245603 
_atom_sites.fract_transf_vector[2]      0.421455 
_atom_sites.fract_transf_vector[3]      0.244750 
# 
loop_
_atom_type.symbol 
C 
N 
O 
P 
S 
# 
loop_
_atom_site.group_PDB 
_atom_site.id 
_atom_site.type_symbol 
_atom_site.label_atom_id 
_atom_site.label_alt_id 
_atom_site.label_comp_id 
_atom_site.label_asym_id 
_atom_site.label_entity_id 
_atom_site.label_seq_id 
_atom_site.pdbx_PDB_ins_code 
_atom_site.Cartn_x 
_atom_site.Cartn_y 
_atom_site.Cartn_z 
_atom_site.occupancy 
_atom_site.B_iso_or_equiv 
_atom_site.pdbx_formal_charge 
_atom_site.auth_seq_id 
_atom_site.auth_comp_id 
_atom_site.auth_asym_id 
_atom_site.auth_atom_id 
_atom_site.pdbx_PDB_model_num 
ATOM   1    N N     . SER A 1 4   ? -8.279  14.586  -2.092  1.00 54.87 ? 4   SER A N     1 
ATOM   2    C CA    . SER A 1 4   ? -6.895  15.080  -2.103  1.00 46.07 ? 4   SER A CA    1 
ATOM   3    C C     . SER A 1 4   ? -5.968  13.932  -1.701  1.00 36.14 ? 4   SER A C     1 
ATOM   4    O O     . SER A 1 4   ? -6.285  13.144  -0.808  1.00 34.71 ? 4   SER A O     1 
ATOM   5    C CB    . SER A 1 4   ? -6.688  16.287  -1.178  1.00 45.61 ? 4   SER A CB    1 
ATOM   6    O OG    . SER A 1 4   ? -6.246  15.876  0.102   1.00 48.12 ? 4   SER A OG    1 
ATOM   7    N N     . PHE A 1 5   ? -4.834  13.837  -2.376  1.00 31.17 ? 5   PHE A N     1 
ATOM   8    C CA    . PHE A 1 5   ? -3.882  12.773  -2.107  1.00 28.92 ? 5   PHE A CA    1 
ATOM   9    C C     . PHE A 1 5   ? -2.977  13.097  -0.909  1.00 29.58 ? 5   PHE A C     1 
ATOM   10   O O     . PHE A 1 5   ? -2.626  14.251  -0.668  1.00 28.35 ? 5   PHE A O     1 
ATOM   11   C CB    . PHE A 1 5   ? -3.072  12.453  -3.368  1.00 25.50 ? 5   PHE A CB    1 
ATOM   12   C CG    . PHE A 1 5   ? -3.909  11.911  -4.498  1.00 29.90 ? 5   PHE A CG    1 
ATOM   13   C CD1   . PHE A 1 5   ? -4.452  12.760  -5.451  1.00 36.12 ? 5   PHE A CD1   1 
ATOM   14   C CD2   . PHE A 1 5   ? -4.172  10.556  -4.596  1.00 26.23 ? 5   PHE A CD2   1 
ATOM   15   C CE1   . PHE A 1 5   ? -5.231  12.263  -6.486  1.00 31.73 ? 5   PHE A CE1   1 
ATOM   16   C CE2   . PHE A 1 5   ? -4.952  10.055  -5.621  1.00 26.18 ? 5   PHE A CE2   1 
ATOM   17   C CZ    . PHE A 1 5   ? -5.483  10.909  -6.565  1.00 30.52 ? 5   PHE A CZ    1 
ATOM   18   N N     . SER A 1 6   ? -2.649  12.071  -0.137  1.00 28.28 ? 6   SER A N     1 
ATOM   19   C CA    . SER A 1 6   ? -1.678  12.183  0.934   1.00 26.98 ? 6   SER A CA    1 
ATOM   20   C C     . SER A 1 6   ? -0.431  11.412  0.528   1.00 25.16 ? 6   SER A C     1 
ATOM   21   O O     . SER A 1 6   ? -0.508  10.460  -0.242  1.00 23.28 ? 6   SER A O     1 
ATOM   22   C CB    . SER A 1 6   ? -2.235  11.556  2.210   1.00 25.04 ? 6   SER A CB    1 
ATOM   23   O OG    . SER A 1 6   ? -3.498  12.098  2.544   1.00 29.06 ? 6   SER A OG    1 
ATOM   24   N N     . LEU A 1 7   ? 0.723   11.836  1.033   1.00 26.17 ? 7   LEU A N     1 
ATOM   25   C CA    . LEU A 1 7   ? 1.913   11.004  0.993   1.00 22.58 ? 7   LEU A CA    1 
ATOM   26   C C     . LEU A 1 7   ? 1.678   9.991   2.096   1.00 23.45 ? 7   LEU A C     1 
ATOM   27   O O     . LEU A 1 7   ? 0.878   10.239  3.002   1.00 22.38 ? 7   LEU A O     1 
ATOM   28   C CB    . LEU A 1 7   ? 3.171   11.827  1.301   1.00 21.05 ? 7   LEU A CB    1 
ATOM   29   C CG    . LEU A 1 7   ? 3.575   12.875  0.260   1.00 22.52 ? 7   LEU A CG    1 
ATOM   30   C CD1   . LEU A 1 7   ? 4.748   13.720  0.727   1.00 24.00 ? 7   LEU A CD1   1 
ATOM   31   C CD2   . LEU A 1 7   ? 3.875   12.230  -1.088  1.00 26.20 ? 7   LEU A CD2   1 
ATOM   32   N N     . LEU A 1 8   ? 2.367   8.857   2.049   1.00 22.78 ? 8   LEU A N     1 
ATOM   33   C CA    . LEU A 1 8   ? 2.118   7.841   3.064   1.00 22.79 ? 8   LEU A CA    1 
ATOM   34   C C     . LEU A 1 8   ? 2.582   8.327   4.422   1.00 20.90 ? 8   LEU A C     1 
ATOM   35   O O     . LEU A 1 8   ? 2.100   7.852   5.443   1.00 25.20 ? 8   LEU A O     1 
ATOM   36   C CB    . LEU A 1 8   ? 2.724   6.483   2.688   1.00 20.54 ? 8   LEU A CB    1 
ATOM   37   C CG    . LEU A 1 8   ? 1.883   5.712   1.660   1.00 24.01 ? 8   LEU A CG    1 
ATOM   38   C CD1   . LEU A 1 8   ? 2.526   4.380   1.318   1.00 22.10 ? 8   LEU A CD1   1 
ATOM   39   C CD2   . LEU A 1 8   ? 0.459   5.509   2.188   1.00 19.28 ? 8   LEU A CD2   1 
ATOM   40   N N     . SER A 1 9   ? 3.489   9.301   4.430   1.00 18.66 ? 9   SER A N     1 
ATOM   41   C CA    . SER A 1 9   ? 3.969   9.884   5.680   1.00 19.10 ? 9   SER A CA    1 
ATOM   42   C C     . SER A 1 9   ? 2.867   10.668  6.389   1.00 22.08 ? 9   SER A C     1 
ATOM   43   O O     . SER A 1 9   ? 2.972   10.940  7.576   1.00 18.50 ? 9   SER A O     1 
ATOM   44   C CB    . SER A 1 9   ? 5.169   10.807  5.429   1.00 26.07 ? 9   SER A CB    1 
ATOM   45   O OG    . SER A 1 9   ? 4.828   11.862  4.541   1.00 25.55 ? 9   SER A OG    1 
ATOM   46   N N     . GLN A 1 10  ? 1.799   11.005  5.666   1.00 20.80 ? 10  GLN A N     1 
ATOM   47   C CA    . GLN A 1 10  ? 0.806   11.953  6.192   1.00 26.07 ? 10  GLN A CA    1 
ATOM   48   C C     . GLN A 1 10  ? -0.473  11.280  6.657   1.00 25.97 ? 10  GLN A C     1 
ATOM   49   O O     . GLN A 1 10  ? -1.310  11.900  7.304   1.00 26.53 ? 10  GLN A O     1 
ATOM   50   C CB    . GLN A 1 10  ? 0.502   13.050  5.163   1.00 23.81 ? 10  GLN A CB    1 
ATOM   51   C CG    . GLN A 1 10  ? 1.758   13.803  4.718   1.00 23.59 ? 10  GLN A CG    1 
ATOM   52   C CD    . GLN A 1 10  ? 1.547   14.668  3.483   1.00 27.69 ? 10  GLN A CD    1 
ATOM   53   O OE1   . GLN A 1 10  ? 0.650   14.425  2.668   1.00 25.79 ? 10  GLN A OE1   1 
ATOM   54   N NE2   . GLN A 1 10  ? 2.382   15.693  3.343   1.00 36.06 ? 10  GLN A NE2   1 
ATOM   55   N N     . ILE A 1 11  ? -0.620  10.000  6.340   1.00 23.16 ? 11  ILE A N     1 
ATOM   56   C CA    . ILE A 1 11  ? -1.835  9.306   6.708   1.00 23.17 ? 11  ILE A CA    1 
ATOM   57   C C     . ILE A 1 11  ? -1.829  8.944   8.194   1.00 25.11 ? 11  ILE A C     1 
ATOM   58   O O     . ILE A 1 11  ? -0.774  8.707   8.786   1.00 24.10 ? 11  ILE A O     1 
ATOM   59   C CB    . ILE A 1 11  ? -2.089  8.062   5.819   1.00 26.27 ? 11  ILE A CB    1 
ATOM   60   C CG1   . ILE A 1 11  ? -1.060  6.967   6.091   1.00 19.96 ? 11  ILE A CG1   1 
ATOM   61   C CG2   . ILE A 1 11  ? -2.081  8.441   4.339   1.00 24.84 ? 11  ILE A CG2   1 
ATOM   62   C CD1   . ILE A 1 11  ? -1.490  5.585   5.527   1.00 20.16 ? 11  ILE A CD1   1 
ATOM   63   N N     . THR A 1 12  ? -3.017  8.937   8.790   1.00 21.65 ? 12  THR A N     1 
ATOM   64   C CA    . THR A 1 12  ? -3.199  8.586   10.192  1.00 26.75 ? 12  THR A CA    1 
ATOM   65   C C     . THR A 1 12  ? -4.265  7.498   10.298  1.00 26.37 ? 12  THR A C     1 
ATOM   66   O O     . THR A 1 12  ? -4.947  7.201   9.322   1.00 23.70 ? 12  THR A O     1 
ATOM   67   C CB    . THR A 1 12  ? -3.680  9.807   10.986  1.00 26.16 ? 12  THR A CB    1 
ATOM   68   O OG1   . THR A 1 12  ? -4.769  10.406  10.275  1.00 26.69 ? 12  THR A OG1   1 
ATOM   69   C CG2   . THR A 1 12  ? -2.560  10.834  11.127  1.00 27.06 ? 12  THR A CG2   1 
ATOM   70   N N     . PRO A 1 13  ? -4.420  6.905   11.488  1.00 24.69 ? 13  PRO A N     1 
ATOM   71   C CA    . PRO A 1 13  ? -5.393  5.830   11.669  1.00 23.54 ? 13  PRO A CA    1 
ATOM   72   C C     . PRO A 1 13  ? -6.833  6.333   11.682  1.00 26.65 ? 13  PRO A C     1 
ATOM   73   O O     . PRO A 1 13  ? -7.094  7.436   12.166  1.00 22.98 ? 13  PRO A O     1 
ATOM   74   C CB    . PRO A 1 13  ? -5.046  5.285   13.056  1.00 28.49 ? 13  PRO A CB    1 
ATOM   75   C CG    . PRO A 1 13  ? -3.637  5.724   13.299  1.00 30.46 ? 13  PRO A CG    1 
ATOM   76   C CD    . PRO A 1 13  ? -3.581  7.075   12.685  1.00 28.58 ? 13  PRO A CD    1 
ATOM   77   N N     . HIS A 1 14  ? -7.745  5.518   11.152  1.00 22.55 ? 14  HIS A N     1 
ATOM   78   C CA    . HIS A 1 14  ? -9.181  5.788   11.237  1.00 24.90 ? 14  HIS A CA    1 
ATOM   79   C C     . HIS A 1 14  ? -9.613  6.986   10.415  1.00 25.21 ? 14  HIS A C     1 
ATOM   80   O O     . HIS A 1 14  ? -10.401 7.817   10.856  1.00 21.77 ? 14  HIS A O     1 
ATOM   81   C CB    . HIS A 1 14  ? -9.619  5.911   12.693  1.00 20.03 ? 14  HIS A CB    1 
ATOM   82   C CG    . HIS A 1 14  ? -9.213  4.734   13.523  1.00 22.73 ? 14  HIS A CG    1 
ATOM   83   N ND1   . HIS A 1 14  ? -8.471  4.855   14.678  1.00 23.43 ? 14  HIS A ND1   1 
ATOM   84   C CD2   . HIS A 1 14  ? -9.404  3.407   13.337  1.00 22.61 ? 14  HIS A CD2   1 
ATOM   85   C CE1   . HIS A 1 14  ? -8.250  3.656   15.185  1.00 22.73 ? 14  HIS A CE1   1 
ATOM   86   N NE2   . HIS A 1 14  ? -8.804  2.757   14.389  1.00 24.23 ? 14  HIS A NE2   1 
ATOM   87   N N     . GLN A 1 15  ? -9.110  7.037   9.192   1.00 24.77 ? 15  GLN A N     1 
ATOM   88   C CA    . GLN A 1 15  ? -9.539  8.040   8.236   1.00 25.37 ? 15  GLN A CA    1 
ATOM   89   C C     . GLN A 1 15  ? -9.684  7.332   6.903   1.00 28.20 ? 15  GLN A C     1 
ATOM   90   O O     . GLN A 1 15  ? -9.409  6.138   6.798   1.00 26.54 ? 15  GLN A O     1 
ATOM   91   C CB    . GLN A 1 15  ? -8.483  9.137   8.119   1.00 24.63 ? 15  GLN A CB    1 
ATOM   92   C CG    . GLN A 1 15  ? -7.220  8.686   7.413   1.00 25.30 ? 15  GLN A CG    1 
ATOM   93   C CD    . GLN A 1 15  ? -6.247  9.828   7.187   1.00 34.57 ? 15  GLN A CD    1 
ATOM   94   O OE1   . GLN A 1 15  ? -5.198  9.656   6.553   1.00 31.30 ? 15  GLN A OE1   1 
ATOM   95   N NE2   . GLN A 1 15  ? -6.592  11.009  7.699   1.00 32.37 ? 15  GLN A NE2   1 
ATOM   96   N N     . ARG A 1 16  ? -10.122 8.075   5.894   1.00 27.28 ? 16  ARG A N     1 
ATOM   97   C CA    . ARG A 1 16  ? -10.100 7.607   4.524   1.00 25.55 ? 16  ARG A CA    1 
ATOM   98   C C     . ARG A 1 16  ? -9.116  8.488   3.792   1.00 29.36 ? 16  ARG A C     1 
ATOM   99   O O     . ARG A 1 16  ? -9.041  9.683   4.054   1.00 26.73 ? 16  ARG A O     1 
ATOM   100  C CB    . ARG A 1 16  ? -11.480 7.702   3.885   1.00 26.87 ? 16  ARG A CB    1 
ATOM   101  C CG    . ARG A 1 16  ? -12.565 7.002   4.680   1.00 34.48 ? 16  ARG A CG    1 
ATOM   102  C CD    . ARG A 1 16  ? -13.813 6.720   3.826   1.00 39.47 ? 16  ARG A CD    1 
ATOM   103  N NE    . ARG A 1 16  ? -13.687 5.463   3.095   1.00 37.72 ? 16  ARG A NE    1 
ATOM   104  C CZ    . ARG A 1 16  ? -14.041 4.274   3.575   1.00 40.51 ? 16  ARG A CZ    1 
ATOM   105  N NH1   . ARG A 1 16  ? -14.557 4.161   4.794   1.00 41.65 ? 16  ARG A NH1   1 
ATOM   106  N NH2   . ARG A 1 16  ? -13.877 3.193   2.827   1.00 39.87 ? 16  ARG A NH2   1 
ATOM   107  N N     . CYS A 1 17  ? -8.332  7.893   2.902   1.00 23.64 ? 17  CYS A N     1 
ATOM   108  C CA    . CYS A 1 17  ? -7.282  8.636   2.234   1.00 25.32 ? 17  CYS A CA    1 
ATOM   109  C C     . CYS A 1 17  ? -7.071  8.069   0.848   1.00 23.69 ? 17  CYS A C     1 
ATOM   110  O O     . CYS A 1 17  ? -7.538  6.973   0.535   1.00 27.51 ? 17  CYS A O     1 
ATOM   111  C CB    . CYS A 1 17  ? -5.975  8.533   3.023   1.00 25.83 ? 17  CYS A CB    1 
ATOM   112  S SG    . CYS A 1 17  ? -5.352  6.825   3.161   1.00 26.78 ? 17  CYS A SG    1 
ATOM   113  N N     . SER A 1 18  ? -6.351  8.822   0.027   1.00 24.35 ? 18  SER A N     1 
ATOM   114  C CA    . SER A 1 18  ? -5.952  8.389   -1.297  1.00 22.44 ? 18  SER A CA    1 
ATOM   115  C C     . SER A 1 18  ? -4.454  8.645   -1.491  1.00 24.28 ? 18  SER A C     1 
ATOM   116  O O     . SER A 1 18  ? -3.901  9.622   -0.972  1.00 25.63 ? 18  SER A O     1 
ATOM   117  C CB    . SER A 1 18  ? -6.745  9.142   -2.362  1.00 23.70 ? 18  SER A CB    1 
ATOM   118  O OG    . SER A 1 18  ? -8.141  9.089   -2.100  1.00 27.13 ? 18  SER A OG    1 
ATOM   119  N N     . PHE A 1 19  ? -3.795  7.786   -2.254  1.00 20.79 ? 19  PHE A N     1 
ATOM   120  C CA    . PHE A 1 19  ? -2.357  7.933   -2.451  1.00 20.78 ? 19  PHE A CA    1 
ATOM   121  C C     . PHE A 1 19  ? -1.864  7.176   -3.663  1.00 20.64 ? 19  PHE A C     1 
ATOM   122  O O     . PHE A 1 19  ? -2.574  6.318   -4.194  1.00 25.61 ? 19  PHE A O     1 
ATOM   123  C CB    . PHE A 1 19  ? -1.595  7.497   -1.199  1.00 19.06 ? 19  PHE A CB    1 
ATOM   124  C CG    . PHE A 1 19  ? -1.930  6.090   -0.719  1.00 20.41 ? 19  PHE A CG    1 
ATOM   125  C CD1   . PHE A 1 19  ? -1.259  4.983   -1.234  1.00 22.16 ? 19  PHE A CD1   1 
ATOM   126  C CD2   . PHE A 1 19  ? -2.876  5.885   0.272   1.00 23.62 ? 19  PHE A CD2   1 
ATOM   127  C CE1   . PHE A 1 19  ? -1.543  3.700   -0.773  1.00 21.60 ? 19  PHE A CE1   1 
ATOM   128  C CE2   . PHE A 1 19  ? -3.170  4.607   0.736   1.00 21.87 ? 19  PHE A CE2   1 
ATOM   129  C CZ    . PHE A 1 19  ? -2.497  3.516   0.213   1.00 21.32 ? 19  PHE A CZ    1 
ATOM   130  N N     . TYR A 1 20  ? -0.672  7.545   -4.123  1.00 23.20 ? 20  TYR A N     1 
ATOM   131  C CA    . TYR A 1 20  ? 0.099   6.768   -5.090  1.00 21.62 ? 20  TYR A CA    1 
ATOM   132  C C     . TYR A 1 20  ? 1.158   5.963   -4.353  1.00 20.07 ? 20  TYR A C     1 
ATOM   133  O O     . TYR A 1 20  ? 1.783   6.468   -3.417  1.00 20.94 ? 20  TYR A O     1 
ATOM   134  C CB    . TYR A 1 20  ? 0.801   7.690   -6.099  1.00 26.21 ? 20  TYR A CB    1 
ATOM   135  C CG    . TYR A 1 20  ? -0.141  8.385   -7.050  1.00 26.37 ? 20  TYR A CG    1 
ATOM   136  C CD1   . TYR A 1 20  ? -0.555  7.765   -8.215  1.00 27.22 ? 20  TYR A CD1   1 
ATOM   137  C CD2   . TYR A 1 20  ? -0.630  9.657   -6.772  1.00 32.01 ? 20  TYR A CD2   1 
ATOM   138  C CE1   . TYR A 1 20  ? -1.430  8.386   -9.086  1.00 29.10 ? 20  TYR A CE1   1 
ATOM   139  C CE2   . TYR A 1 20  ? -1.507  10.293  -7.643  1.00 32.36 ? 20  TYR A CE2   1 
ATOM   140  C CZ    . TYR A 1 20  ? -1.902  9.650   -8.796  1.00 29.48 ? 20  TYR A CZ    1 
ATOM   141  O OH    . TYR A 1 20  ? -2.763  10.270  -9.670  1.00 34.16 ? 20  TYR A OH    1 
ATOM   142  N N     . ALA A 1 21  ? 1.392   4.725   -4.787  1.00 21.29 ? 21  ALA A N     1 
ATOM   143  C CA    . ALA A 1 21  ? 2.404   3.883   -4.148  1.00 24.37 ? 21  ALA A CA    1 
ATOM   144  C C     . ALA A 1 21  ? 3.008   2.885   -5.127  1.00 23.30 ? 21  ALA A C     1 
ATOM   145  O O     . ALA A 1 21  ? 2.455   2.659   -6.204  1.00 21.48 ? 21  ALA A O     1 
ATOM   146  C CB    . ALA A 1 21  ? 1.812   3.161   -2.959  1.00 19.10 ? 21  ALA A CB    1 
ATOM   147  N N     . GLN A 1 22  ? 4.169   2.334   -4.775  1.00 18.73 ? 22  GLN A N     1 
ATOM   148  C CA    . GLN A 1 22  ? 4.712   1.204   -5.521  1.00 21.43 ? 22  GLN A CA    1 
ATOM   149  C C     . GLN A 1 22  ? 4.507   -0.070  -4.711  1.00 18.98 ? 22  GLN A C     1 
ATOM   150  O O     . GLN A 1 22  ? 4.661   -0.069  -3.486  1.00 20.35 ? 22  GLN A O     1 
ATOM   151  C CB    . GLN A 1 22  ? 6.194   1.383   -5.851  1.00 20.43 ? 22  GLN A CB    1 
ATOM   152  C CG    . GLN A 1 22  ? 6.734   0.218   -6.672  1.00 24.73 ? 22  GLN A CG    1 
ATOM   153  C CD    . GLN A 1 22  ? 8.099   0.500   -7.254  1.00 30.25 ? 22  GLN A CD    1 
ATOM   154  O OE1   . GLN A 1 22  ? 8.869   1.277   -6.697  1.00 29.72 ? 22  GLN A OE1   1 
ATOM   155  N NE2   . GLN A 1 22  ? 8.398   -0.118  -8.393  1.00 25.24 ? 22  GLN A NE2   1 
ATOM   156  N N     . VAL A 1 23  ? 4.148   -1.145  -5.399  1.00 19.57 ? 23  VAL A N     1 
ATOM   157  C CA    . VAL A 1 23  ? 3.900   -2.435  -4.769  1.00 15.30 ? 23  VAL A CA    1 
ATOM   158  C C     . VAL A 1 23  ? 5.213   -3.164  -4.561  1.00 17.62 ? 23  VAL A C     1 
ATOM   159  O O     . VAL A 1 23  ? 5.967   -3.383  -5.511  1.00 17.43 ? 23  VAL A O     1 
ATOM   160  C CB    . VAL A 1 23  ? 2.945   -3.301  -5.637  1.00 19.08 ? 23  VAL A CB    1 
ATOM   161  C CG1   . VAL A 1 23  ? 2.665   -4.665  -4.971  1.00 17.54 ? 23  VAL A CG1   1 
ATOM   162  C CG2   . VAL A 1 23  ? 1.641   -2.544  -5.892  1.00 18.41 ? 23  VAL A CG2   1 
ATOM   163  N N     . ILE A 1 24  ? 5.479   -3.535  -3.313  1.00 18.45 ? 24  ILE A N     1 
ATOM   164  C CA    . ILE A 1 24  ? 6.721   -4.196  -2.929  1.00 16.81 ? 24  ILE A CA    1 
ATOM   165  C C     . ILE A 1 24  ? 6.495   -5.702  -2.820  1.00 23.18 ? 24  ILE A C     1 
ATOM   166  O O     . ILE A 1 24  ? 7.329   -6.507  -3.255  1.00 21.77 ? 24  ILE A O     1 
ATOM   167  C CB    . ILE A 1 24  ? 7.230   -3.659  -1.578  1.00 18.03 ? 24  ILE A CB    1 
ATOM   168  C CG1   . ILE A 1 24  ? 7.511   -2.158  -1.668  1.00 16.19 ? 24  ILE A CG1   1 
ATOM   169  C CG2   . ILE A 1 24  ? 8.490   -4.388  -1.153  1.00 22.04 ? 24  ILE A CG2   1 
ATOM   170  C CD1   . ILE A 1 24  ? 8.501   -1.789  -2.748  1.00 18.52 ? 24  ILE A CD1   1 
ATOM   171  N N     . LYS A 1 25  ? 5.335   -6.072  -2.281  1.00 17.21 ? 25  LYS A N     1 
ATOM   172  C CA    . LYS A 1 25  ? 5.017   -7.481  -2.008  1.00 19.27 ? 25  LYS A CA    1 
ATOM   173  C C     . LYS A 1 25  ? 3.512   -7.750  -2.148  1.00 20.89 ? 25  LYS A C     1 
ATOM   174  O O     . LYS A 1 25  ? 2.685   -6.926  -1.736  1.00 19.10 ? 25  LYS A O     1 
ATOM   175  C CB    . LYS A 1 25  ? 5.483   -7.837  -0.596  1.00 17.33 ? 25  LYS A CB    1 
ATOM   176  C CG    . LYS A 1 25  ? 5.033   -9.202  -0.074  1.00 23.24 ? 25  LYS A CG    1 
ATOM   177  C CD    . LYS A 1 25  ? 5.569   -9.406  1.345   1.00 23.37 ? 25  LYS A CD    1 
ATOM   178  C CE    . LYS A 1 25  ? 5.096   -10.710 1.996   1.00 24.06 ? 25  LYS A CE    1 
ATOM   179  N NZ    . LYS A 1 25  ? 5.662   -11.909 1.316   1.00 21.80 ? 25  LYS A NZ    1 
ATOM   180  N N     . THR A 1 26  ? 3.159   -8.890  -2.744  1.00 19.96 ? 26  THR A N     1 
ATOM   181  C CA    . THR A 1 26  ? 1.771   -9.345  -2.774  1.00 22.27 ? 26  THR A CA    1 
ATOM   182  C C     . THR A 1 26  ? 1.650   -10.760 -2.178  1.00 23.10 ? 26  THR A C     1 
ATOM   183  O O     . THR A 1 26  ? 2.532   -11.605 -2.333  1.00 19.37 ? 26  THR A O     1 
ATOM   184  C CB    . THR A 1 26  ? 1.212   -9.389  -4.213  1.00 21.48 ? 26  THR A CB    1 
ATOM   185  O OG1   . THR A 1 26  ? 1.847   -10.458 -4.924  1.00 22.13 ? 26  THR A OG1   1 
ATOM   186  C CG2   . THR A 1 26  ? 1.494   -8.070  -4.936  1.00 21.04 ? 26  THR A CG2   1 
ATOM   187  N N     . TRP A 1 27  ? 0.545   -11.012 -1.498  1.00 22.24 ? 27  TRP A N     1 
ATOM   188  C CA    . TRP A 1 27  ? 0.264   -12.347 -0.990  1.00 21.55 ? 27  TRP A CA    1 
ATOM   189  C C     . TRP A 1 27  ? -1.204  -12.661 -1.167  1.00 20.79 ? 27  TRP A C     1 
ATOM   190  O O     . TRP A 1 27  ? -2.060  -11.953 -0.632  1.00 18.30 ? 27  TRP A O     1 
ATOM   191  C CB    . TRP A 1 27  ? 0.584   -12.449 0.493   1.00 18.85 ? 27  TRP A CB    1 
ATOM   192  C CG    . TRP A 1 27  ? 0.347   -13.843 1.008   1.00 22.94 ? 27  TRP A CG    1 
ATOM   193  C CD1   . TRP A 1 27  ? -0.704  -14.276 1.764   1.00 24.52 ? 27  TRP A CD1   1 
ATOM   194  C CD2   . TRP A 1 27  ? 1.181   -14.980 0.787   1.00 19.45 ? 27  TRP A CD2   1 
ATOM   195  N NE1   . TRP A 1 27  ? -0.575  -15.618 2.028   1.00 22.41 ? 27  TRP A NE1   1 
ATOM   196  C CE2   . TRP A 1 27  ? 0.578   -16.072 1.444   1.00 23.13 ? 27  TRP A CE2   1 
ATOM   197  C CE3   . TRP A 1 27  ? 2.377   -15.185 0.082   1.00 22.07 ? 27  TRP A CE3   1 
ATOM   198  C CZ2   . TRP A 1 27  ? 1.130   -17.352 1.418   1.00 22.25 ? 27  TRP A CZ2   1 
ATOM   199  C CZ3   . TRP A 1 27  ? 2.930   -16.458 0.070   1.00 21.24 ? 27  TRP A CZ3   1 
ATOM   200  C CH2   . TRP A 1 27  ? 2.306   -17.521 0.738   1.00 21.90 ? 27  TRP A CH2   1 
ATOM   201  N N     . TYR A 1 28  ? -1.508  -13.722 -1.905  1.00 19.24 ? 28  TYR A N     1 
ATOM   202  C CA    . TYR A 1 28  ? -2.901  -14.109 -2.044  1.00 21.89 ? 28  TYR A CA    1 
ATOM   203  C C     . TYR A 1 28  ? -3.195  -15.293 -1.145  1.00 24.46 ? 28  TYR A C     1 
ATOM   204  O O     . TYR A 1 28  ? -2.347  -16.154 -0.939  1.00 22.92 ? 28  TYR A O     1 
ATOM   205  C CB    . TYR A 1 28  ? -3.275  -14.406 -3.497  1.00 23.60 ? 28  TYR A CB    1 
ATOM   206  C CG    . TYR A 1 28  ? -2.519  -15.549 -4.108  1.00 22.49 ? 28  TYR A CG    1 
ATOM   207  C CD1   . TYR A 1 28  ? -2.910  -16.875 -3.889  1.00 24.55 ? 28  TYR A CD1   1 
ATOM   208  C CD2   . TYR A 1 28  ? -1.418  -15.311 -4.914  1.00 22.34 ? 28  TYR A CD2   1 
ATOM   209  C CE1   . TYR A 1 28  ? -2.201  -17.934 -4.459  1.00 25.98 ? 28  TYR A CE1   1 
ATOM   210  C CE2   . TYR A 1 28  ? -0.707  -16.355 -5.489  1.00 22.49 ? 28  TYR A CE2   1 
ATOM   211  C CZ    . TYR A 1 28  ? -1.092  -17.658 -5.257  1.00 26.23 ? 28  TYR A CZ    1 
ATOM   212  O OH    . TYR A 1 28  ? -0.368  -18.673 -5.844  1.00 27.37 ? 28  TYR A OH    1 
ATOM   213  N N     . SER A 1 29  ? -4.393  -15.292 -0.581  1.00 24.89 ? 29  SER A N     1 
ATOM   214  C CA    . SER A 1 29  ? -4.902  -16.399 0.209   1.00 28.07 ? 29  SER A CA    1 
ATOM   215  C C     . SER A 1 29  ? -6.345  -16.634 -0.226  1.00 28.75 ? 29  SER A C     1 
ATOM   216  O O     . SER A 1 29  ? -6.889  -15.876 -1.036  1.00 26.41 ? 29  SER A O     1 
ATOM   217  C CB    . SER A 1 29  ? -4.905  -16.024 1.685   1.00 26.74 ? 29  SER A CB    1 
ATOM   218  O OG    . SER A 1 29  ? -6.018  -15.189 1.941   1.00 27.74 ? 29  SER A OG    1 
ATOM   219  N N     . ASP A 1 30  ? -6.983  -17.667 0.314   1.00 27.17 ? 30  ASP A N     1 
ATOM   220  C CA    . ASP A 1 30  ? -8.384  -17.894 -0.027  1.00 30.96 ? 30  ASP A CA    1 
ATOM   221  C C     . ASP A 1 30  ? -9.350  -17.021 0.791   1.00 35.83 ? 30  ASP A C     1 
ATOM   222  O O     . ASP A 1 30  ? -10.566 -17.167 0.667   1.00 34.20 ? 30  ASP A O     1 
ATOM   223  C CB    . ASP A 1 30  ? -8.754  -19.379 0.058   1.00 38.52 ? 30  ASP A CB    1 
ATOM   224  C CG    . ASP A 1 30  ? -8.626  -19.941 1.459   1.00 46.48 ? 30  ASP A CG    1 
ATOM   225  O OD1   . ASP A 1 30  ? -8.525  -19.154 2.430   1.00 39.30 ? 30  ASP A OD1   1 
ATOM   226  O OD2   . ASP A 1 30  ? -8.636  -21.187 1.586   1.00 55.80 ? 30  ASP A OD2   1 
ATOM   227  N N     . LYS A 1 31  ? -8.812  -16.106 1.606   1.00 28.88 ? 31  LYS A N     1 
ATOM   228  C CA    . LYS A 1 31  ? -9.651  -15.179 2.383   1.00 31.50 ? 31  LYS A CA    1 
ATOM   229  C C     . LYS A 1 31  ? -9.570  -13.714 1.912   1.00 28.80 ? 31  LYS A C     1 
ATOM   230  O O     . LYS A 1 31  ? -10.551 -12.970 1.970   1.00 25.71 ? 31  LYS A O     1 
ATOM   231  C CB    . LYS A 1 31  ? -9.319  -15.271 3.879   1.00 33.06 ? 31  LYS A CB    1 
ATOM   232  C CG    . LYS A 1 31  ? -10.254 -16.167 4.690   1.00 44.72 ? 31  LYS A CG    1 
ATOM   233  C CD    . LYS A 1 31  ? -10.309 -17.579 4.124   1.00 46.75 ? 31  LYS A CD    1 
ATOM   234  C CE    . LYS A 1 31  ? -11.348 -18.443 4.832   1.00 52.22 ? 31  LYS A CE    1 
ATOM   235  N NZ    . LYS A 1 31  ? -11.492 -19.783 4.169   1.00 52.34 ? 31  LYS A NZ    1 
ATOM   236  N N     . ASN A 1 32  ? -8.396  -13.300 1.460   1.00 26.71 ? 32  ASN A N     1 
ATOM   237  C CA    . ASN A 1 32  ? -8.198  -11.937 0.987   1.00 24.01 ? 32  ASN A CA    1 
ATOM   238  C C     . ASN A 1 32  ? -6.935  -11.859 0.151   1.00 22.44 ? 32  ASN A C     1 
ATOM   239  O O     . ASN A 1 32  ? -6.237  -12.855 -0.010  1.00 23.80 ? 32  ASN A O     1 
ATOM   240  C CB    . ASN A 1 32  ? -8.141  -10.967 2.167   1.00 21.52 ? 32  ASN A CB    1 
ATOM   241  C CG    . ASN A 1 32  ? -7.144  -11.412 3.241   1.00 25.56 ? 32  ASN A CG    1 
ATOM   242  O OD1   . ASN A 1 32  ? -6.031  -11.831 2.933   1.00 24.07 ? 32  ASN A OD1   1 
ATOM   243  N ND2   . ASN A 1 32  ? -7.553  -11.336 4.498   1.00 27.24 ? 32  ASN A ND2   1 
ATOM   244  N N     . PHE A 1 33  ? -6.676  -10.689 -0.421  1.00 20.82 ? 33  PHE A N     1 
ATOM   245  C CA    . PHE A 1 33  ? -5.450  -10.432 -1.173  1.00 19.26 ? 33  PHE A CA    1 
ATOM   246  C C     . PHE A 1 33  ? -4.707  -9.292  -0.461  1.00 21.97 ? 33  PHE A C     1 
ATOM   247  O O     . PHE A 1 33  ? -5.284  -8.252  -0.140  1.00 19.96 ? 33  PHE A O     1 
ATOM   248  C CB    . PHE A 1 33  ? -5.774  -10.054 -2.623  1.00 17.32 ? 33  PHE A CB    1 
ATOM   249  C CG    . PHE A 1 33  ? -4.555  -9.803  -3.498  1.00 22.83 ? 33  PHE A CG    1 
ATOM   250  C CD1   . PHE A 1 33  ? -3.612  -10.805 -3.726  1.00 17.77 ? 33  PHE A CD1   1 
ATOM   251  C CD2   . PHE A 1 33  ? -4.377  -8.570  -4.122  1.00 19.48 ? 33  PHE A CD2   1 
ATOM   252  C CE1   . PHE A 1 33  ? -2.503  -10.573 -4.543  1.00 19.98 ? 33  PHE A CE1   1 
ATOM   253  C CE2   . PHE A 1 33  ? -3.281  -8.332  -4.937  1.00 19.38 ? 33  PHE A CE2   1 
ATOM   254  C CZ    . PHE A 1 33  ? -2.341  -9.330  -5.156  1.00 18.88 ? 33  PHE A CZ    1 
ATOM   255  N N     . THR A 1 34  ? -3.431  -9.503  -0.197  1.00 20.46 ? 34  THR A N     1 
ATOM   256  C CA    . THR A 1 34  ? -2.646  -8.541  0.557   1.00 19.63 ? 34  THR A CA    1 
ATOM   257  C C     . THR A 1 34  ? -1.574  -7.871  -0.299  1.00 21.24 ? 34  THR A C     1 
ATOM   258  O O     . THR A 1 34  ? -0.853  -8.533  -1.054  1.00 18.93 ? 34  THR A O     1 
ATOM   259  C CB    . THR A 1 34  ? -1.975  -9.220  1.750   1.00 22.12 ? 34  THR A CB    1 
ATOM   260  O OG1   . THR A 1 34  ? -2.984  -9.783  2.590   1.00 19.38 ? 34  THR A OG1   1 
ATOM   261  C CG2   . THR A 1 34  ? -1.139  -8.202  2.559   1.00 17.99 ? 34  THR A CG2   1 
ATOM   262  N N     . LEU A 1 35  ? -1.496  -6.553  -0.179  1.00 17.03 ? 35  LEU A N     1 
ATOM   263  C CA    . LEU A 1 35  ? -0.438  -5.760  -0.790  1.00 20.72 ? 35  LEU A CA    1 
ATOM   264  C C     . LEU A 1 35  ? 0.417   -5.117  0.302   1.00 20.66 ? 35  LEU A C     1 
ATOM   265  O O     . LEU A 1 35  ? -0.102  -4.710  1.338   1.00 18.85 ? 35  LEU A O     1 
ATOM   266  C CB    . LEU A 1 35  ? -1.048  -4.649  -1.653  1.00 19.35 ? 35  LEU A CB    1 
ATOM   267  C CG    . LEU A 1 35  ? -1.942  -5.062  -2.822  1.00 23.95 ? 35  LEU A CG    1 
ATOM   268  C CD1   . LEU A 1 35  ? -2.527  -3.823  -3.460  1.00 21.82 ? 35  LEU A CD1   1 
ATOM   269  C CD2   . LEU A 1 35  ? -1.163  -5.880  -3.870  1.00 19.69 ? 35  LEU A CD2   1 
ATOM   270  N N     . TYR A 1 36  ? 1.722   -5.044  0.078   1.00 15.75 ? 36  TYR A N     1 
ATOM   271  C CA    . TYR A 1 36  ? 2.580   -4.170  0.859   1.00 18.17 ? 36  TYR A CA    1 
ATOM   272  C C     . TYR A 1 36  ? 3.112   -3.122  -0.095  1.00 19.30 ? 36  TYR A C     1 
ATOM   273  O O     . TYR A 1 36  ? 3.748   -3.459  -1.097  1.00 19.21 ? 36  TYR A O     1 
ATOM   274  C CB    . TYR A 1 36  ? 3.739   -4.943  1.482   1.00 20.17 ? 36  TYR A CB    1 
ATOM   275  C CG    . TYR A 1 36  ? 3.299   -5.989  2.477   1.00 20.32 ? 36  TYR A CG    1 
ATOM   276  C CD1   . TYR A 1 36  ? 2.777   -7.205  2.057   1.00 17.95 ? 36  TYR A CD1   1 
ATOM   277  C CD2   . TYR A 1 36  ? 3.418   -5.764  3.833   1.00 22.97 ? 36  TYR A CD2   1 
ATOM   278  C CE1   . TYR A 1 36  ? 2.378   -8.159  2.975   1.00 21.45 ? 36  TYR A CE1   1 
ATOM   279  C CE2   . TYR A 1 36  ? 3.021   -6.702  4.751   1.00 25.62 ? 36  TYR A CE2   1 
ATOM   280  C CZ    . TYR A 1 36  ? 2.500   -7.897  4.320   1.00 27.05 ? 36  TYR A CZ    1 
ATOM   281  O OH    . TYR A 1 36  ? 2.109   -8.821  5.251   1.00 31.26 ? 36  TYR A OH    1 
ATOM   282  N N     . VAL A 1 37  ? 2.837   -1.859  0.204   1.00 15.99 ? 37  VAL A N     1 
ATOM   283  C CA    . VAL A 1 37  ? 3.158   -0.754  -0.698  1.00 14.11 ? 37  VAL A CA    1 
ATOM   284  C C     . VAL A 1 37  ? 3.968   0.327   0.015   1.00 19.80 ? 37  VAL A C     1 
ATOM   285  O O     . VAL A 1 37  ? 3.915   0.448   1.245   1.00 21.28 ? 37  VAL A O     1 
ATOM   286  C CB    . VAL A 1 37  ? 1.887   -0.104  -1.314  1.00 16.07 ? 37  VAL A CB    1 
ATOM   287  C CG1   . VAL A 1 37  ? 0.955   -1.178  -1.867  1.00 14.14 ? 37  VAL A CG1   1 
ATOM   288  C CG2   . VAL A 1 37  ? 1.144   0.752   -0.280  1.00 15.37 ? 37  VAL A CG2   1 
ATOM   289  N N     . THR A 1 38  ? 4.690   1.121   -0.776  1.00 19.04 ? 38  THR A N     1 
ATOM   290  C CA    . THR A 1 38  ? 5.501   2.217   -0.271  1.00 17.16 ? 38  THR A CA    1 
ATOM   291  C C     . THR A 1 38  ? 5.489   3.396   -1.245  1.00 18.82 ? 38  THR A C     1 
ATOM   292  O O     . THR A 1 38  ? 5.356   3.211   -2.457  1.00 19.75 ? 38  THR A O     1 
ATOM   293  C CB    . THR A 1 38  ? 6.962   1.767   -0.128  1.00 18.15 ? 38  THR A CB    1 
ATOM   294  O OG1   . THR A 1 38  ? 7.727   2.815   0.476   1.00 18.67 ? 38  THR A OG1   1 
ATOM   295  C CG2   . THR A 1 38  ? 7.547   1.430   -1.500  1.00 16.84 ? 38  THR A CG2   1 
ATOM   296  N N     . ASP A 1 39  ? 5.630   4.607   -0.726  1.00 19.95 ? 39  ASP A N     1 
ATOM   297  C CA    . ASP A 1 39  ? 5.941   5.744   -1.594  1.00 20.39 ? 39  ASP A CA    1 
ATOM   298  C C     . ASP A 1 39  ? 7.284   6.362   -1.177  1.00 22.92 ? 39  ASP A C     1 
ATOM   299  O O     . ASP A 1 39  ? 7.641   7.472   -1.578  1.00 25.70 ? 39  ASP A O     1 
ATOM   300  C CB    . ASP A 1 39  ? 4.800   6.758   -1.635  1.00 19.35 ? 39  ASP A CB    1 
ATOM   301  C CG    . ASP A 1 39  ? 4.645   7.527   -0.333  1.00 23.53 ? 39  ASP A CG    1 
ATOM   302  O OD1   . ASP A 1 39  ? 5.365   7.238   0.646   1.00 20.30 ? 39  ASP A OD1   1 
ATOM   303  O OD2   . ASP A 1 39  ? 3.772   8.407   -0.284  1.00 21.81 ? 39  ASP A OD2   1 
ATOM   304  N N     . TYR A 1 40  ? 8.030   5.597   -0.383  1.00 20.56 ? 40  TYR A N     1 
ATOM   305  C CA    . TYR A 1 40  ? 9.360   5.993   0.083   1.00 24.04 ? 40  TYR A CA    1 
ATOM   306  C C     . TYR A 1 40  ? 9.328   7.243   0.953   1.00 22.52 ? 40  TYR A C     1 
ATOM   307  O O     . TYR A 1 40  ? 10.231  8.067   0.907   1.00 25.64 ? 40  TYR A O     1 
ATOM   308  C CB    . TYR A 1 40  ? 10.344  6.126   -1.080  1.00 24.15 ? 40  TYR A CB    1 
ATOM   309  C CG    . TYR A 1 40  ? 10.498  4.817   -1.805  1.00 26.38 ? 40  TYR A CG    1 
ATOM   310  C CD1   . TYR A 1 40  ? 11.270  3.792   -1.264  1.00 28.22 ? 40  TYR A CD1   1 
ATOM   311  C CD2   . TYR A 1 40  ? 9.833   4.579   -2.992  1.00 27.90 ? 40  TYR A CD2   1 
ATOM   312  C CE1   . TYR A 1 40  ? 11.392  2.580   -1.909  1.00 27.03 ? 40  TYR A CE1   1 
ATOM   313  C CE2   . TYR A 1 40  ? 9.947   3.365   -3.644  1.00 28.87 ? 40  TYR A CE2   1 
ATOM   314  C CZ    . TYR A 1 40  ? 10.723  2.376   -3.092  1.00 29.15 ? 40  TYR A CZ    1 
ATOM   315  O OH    . TYR A 1 40  ? 10.841  1.179   -3.742  1.00 39.30 ? 40  TYR A OH    1 
ATOM   316  N N     . THR A 1 41  ? 8.260   7.371   1.734   1.00 21.30 ? 41  THR A N     1 
ATOM   317  C CA    . THR A 1 41  ? 8.207   8.345   2.811   1.00 21.62 ? 41  THR A CA    1 
ATOM   318  C C     . THR A 1 41  ? 7.883   7.548   4.051   1.00 22.52 ? 41  THR A C     1 
ATOM   319  O O     . THR A 1 41  ? 7.207   6.516   3.987   1.00 20.84 ? 41  THR A O     1 
ATOM   320  C CB    . THR A 1 41  ? 7.132   9.413   2.598   1.00 25.78 ? 41  THR A CB    1 
ATOM   321  O OG1   . THR A 1 41  ? 5.841   8.836   2.814   1.00 21.00 ? 41  THR A OG1   1 
ATOM   322  C CG2   . THR A 1 41  ? 7.216   10.000  1.192   1.00 23.18 ? 41  THR A CG2   1 
ATOM   323  N N     . GLU A 1 42  ? 8.377   8.040   5.173   1.00 20.43 ? 42  GLU A N     1 
ATOM   324  C CA    . GLU A 1 42  ? 8.392   7.323   6.434   1.00 23.82 ? 42  GLU A CA    1 
ATOM   325  C C     . GLU A 1 42  ? 7.161   7.688   7.257   1.00 21.20 ? 42  GLU A C     1 
ATOM   326  O O     . GLU A 1 42  ? 6.705   8.832   7.219   1.00 16.86 ? 42  GLU A O     1 
ATOM   327  C CB    . GLU A 1 42  ? 9.671   7.736   7.176   1.00 22.96 ? 42  GLU A CB    1 
ATOM   328  C CG    . GLU A 1 42  ? 10.112  6.873   8.354   1.00 25.79 ? 42  GLU A CG    1 
ATOM   329  C CD    . GLU A 1 42  ? 11.557  7.181   8.761   1.00 30.67 ? 42  GLU A CD    1 
ATOM   330  O OE1   . GLU A 1 42  ? 12.202  8.013   8.080   1.00 38.67 ? 42  GLU A OE1   1 
ATOM   331  O OE2   . GLU A 1 42  ? 12.052  6.598   9.749   1.00 28.56 ? 42  GLU A OE2   1 
ATOM   332  N N     . ASN A 1 43  ? 6.628   6.714   7.989   1.00 19.91 ? 43  ASN A N     1 
ATOM   333  C CA    . ASN A 1 43  ? 5.503   6.949   8.895   1.00 23.09 ? 43  ASN A CA    1 
ATOM   334  C C     . ASN A 1 43  ? 5.762   6.245   10.212  1.00 21.97 ? 43  ASN A C     1 
ATOM   335  O O     . ASN A 1 43  ? 6.101   5.069   10.223  1.00 21.40 ? 43  ASN A O     1 
ATOM   336  C CB    . ASN A 1 43  ? 4.174   6.475   8.262   1.00 19.79 ? 43  ASN A CB    1 
ATOM   337  C CG    . ASN A 1 43  ? 2.951   6.859   9.086   1.00 25.61 ? 43  ASN A CG    1 
ATOM   338  O OD1   . ASN A 1 43  ? 2.942   6.693   10.299  1.00 21.86 ? 43  ASN A OD1   1 
ATOM   339  N ND2   . ASN A 1 43  ? 1.904   7.375   8.417   1.00 21.33 ? 43  ASN A ND2   1 
ATOM   340  N N     . GLU A 1 44  ? 5.606   6.967   11.321  1.00 22.81 ? 44  GLU A N     1 
ATOM   341  C CA    . GLU A 1 44  ? 5.951   6.446   12.640  1.00 24.11 ? 44  GLU A CA    1 
ATOM   342  C C     . GLU A 1 44  ? 5.127   5.201   13.010  1.00 25.88 ? 44  GLU A C     1 
ATOM   343  O O     . GLU A 1 44  ? 5.488   4.450   13.919  1.00 24.76 ? 44  GLU A O     1 
ATOM   344  C CB    . GLU A 1 44  ? 5.778   7.531   13.716  1.00 28.48 ? 44  GLU A CB    1 
ATOM   345  C CG    . GLU A 1 44  ? 4.307   7.818   14.034  1.00 36.01 ? 44  GLU A CG    1 
ATOM   346  C CD    . GLU A 1 44  ? 4.100   8.762   15.215  1.00 46.34 ? 44  GLU A CD    1 
ATOM   347  O OE1   . GLU A 1 44  ? 5.057   9.471   15.597  1.00 47.88 ? 44  GLU A OE1   1 
ATOM   348  O OE2   . GLU A 1 44  ? 2.974   8.783   15.763  1.00 42.30 ? 44  GLU A OE2   1 
ATOM   349  N N     . LEU A 1 45  ? 4.021   4.974   12.314  1.00 22.15 ? 45  LEU A N     1 
ATOM   350  C CA    . LEU A 1 45  ? 3.164   3.837   12.660  1.00 23.32 ? 45  LEU A CA    1 
ATOM   351  C C     . LEU A 1 45  ? 3.338   2.619   11.743  1.00 20.66 ? 45  LEU A C     1 
ATOM   352  O O     . LEU A 1 45  ? 2.652   1.615   11.902  1.00 24.26 ? 45  LEU A O     1 
ATOM   353  C CB    . LEU A 1 45  ? 1.696   4.268   12.712  1.00 25.02 ? 45  LEU A CB    1 
ATOM   354  C CG    . LEU A 1 45  ? 1.370   5.287   13.805  1.00 31.55 ? 45  LEU A CG    1 
ATOM   355  C CD1   . LEU A 1 45  ? -0.079  5.735   13.674  1.00 28.22 ? 45  LEU A CD1   1 
ATOM   356  C CD2   . LEU A 1 45  ? 1.625   4.688   15.189  1.00 30.13 ? 45  LEU A CD2   1 
ATOM   357  N N     . PHE A 1 46  ? 4.266   2.710   10.800  1.00 24.09 ? 46  PHE A N     1 
ATOM   358  C CA    . PHE A 1 46  ? 4.604   1.584   9.939   1.00 21.02 ? 46  PHE A CA    1 
ATOM   359  C C     . PHE A 1 46  ? 5.560   0.622   10.636  1.00 24.62 ? 46  PHE A C     1 
ATOM   360  O O     . PHE A 1 46  ? 6.323   1.014   11.521  1.00 22.89 ? 46  PHE A O     1 
ATOM   361  C CB    . PHE A 1 46  ? 5.214   2.076   8.629   1.00 20.23 ? 46  PHE A CB    1 
ATOM   362  C CG    . PHE A 1 46  ? 4.254   2.857   7.770   1.00 23.13 ? 46  PHE A CG    1 
ATOM   363  C CD1   . PHE A 1 46  ? 2.912   2.962   8.121   1.00 21.01 ? 46  PHE A CD1   1 
ATOM   364  C CD2   . PHE A 1 46  ? 4.690   3.474   6.604   1.00 18.43 ? 46  PHE A CD2   1 
ATOM   365  C CE1   . PHE A 1 46  ? 2.030   3.677   7.326   1.00 21.83 ? 46  PHE A CE1   1 
ATOM   366  C CE2   . PHE A 1 46  ? 3.814   4.190   5.808   1.00 20.66 ? 46  PHE A CE2   1 
ATOM   367  C CZ    . PHE A 1 46  ? 2.484   4.295   6.169   1.00 20.28 ? 46  PHE A CZ    1 
ATOM   368  N N     . PHE A 1 47  ? 5.502   -0.645  10.245  1.00 23.48 ? 47  PHE A N     1 
ATOM   369  C CA    . PHE A 1 47  ? 6.401   -1.647  10.791  1.00 22.18 ? 47  PHE A CA    1 
ATOM   370  C C     . PHE A 1 47  ? 7.840   -1.359  10.382  1.00 24.42 ? 47  PHE A C     1 
ATOM   371  O O     . PHE A 1 47  ? 8.092   -1.024  9.227   1.00 24.39 ? 47  PHE A O     1 
ATOM   372  C CB    . PHE A 1 47  ? 6.021   -3.038  10.293  1.00 22.52 ? 47  PHE A CB    1 
ATOM   373  C CG    . PHE A 1 47  ? 6.714   -4.139  11.022  1.00 22.59 ? 47  PHE A CG    1 
ATOM   374  C CD1   . PHE A 1 47  ? 7.868   -4.715  10.508  1.00 22.48 ? 47  PHE A CD1   1 
ATOM   375  C CD2   . PHE A 1 47  ? 6.228   -4.596  12.233  1.00 25.68 ? 47  PHE A CD2   1 
ATOM   376  C CE1   . PHE A 1 47  ? 8.510   -5.726  11.184  1.00 24.96 ? 47  PHE A CE1   1 
ATOM   377  C CE2   . PHE A 1 47  ? 6.879   -5.621  12.924  1.00 26.33 ? 47  PHE A CE2   1 
ATOM   378  C CZ    . PHE A 1 47  ? 8.013   -6.183  12.396  1.00 25.97 ? 47  PHE A CZ    1 
ATOM   379  N N     . PRO A 1 48  ? 8.790   -1.491  11.328  1.00 20.56 ? 48  PRO A N     1 
ATOM   380  C CA    . PRO A 1 48  ? 10.195  -1.233  10.999  1.00 22.35 ? 48  PRO A CA    1 
ATOM   381  C C     . PRO A 1 48  ? 10.782  -2.468  10.369  1.00 21.54 ? 48  PRO A C     1 
ATOM   382  O O     . PRO A 1 48  ? 11.176  -3.383  11.082  1.00 21.61 ? 48  PRO A O     1 
ATOM   383  C CB    . PRO A 1 48  ? 10.851  -0.958  12.373  1.00 20.15 ? 48  PRO A CB    1 
ATOM   384  C CG    . PRO A 1 48  ? 9.992   -1.701  13.380  1.00 21.26 ? 48  PRO A CG    1 
ATOM   385  C CD    . PRO A 1 48  ? 8.589   -1.850  12.745  1.00 23.32 ? 48  PRO A CD    1 
ATOM   386  N N     . MET A 1 49  ? 10.803  -2.514  9.044   1.00 21.26 ? 49  MET A N     1 
ATOM   387  C CA    . MET A 1 49  ? 11.317  -3.694  8.361   1.00 21.53 ? 49  MET A CA    1 
ATOM   388  C C     . MET A 1 49  ? 12.805  -3.781  8.588   1.00 23.62 ? 49  MET A C     1 
ATOM   389  O O     . MET A 1 49  ? 13.548  -2.839  8.292   1.00 19.82 ? 49  MET A O     1 
ATOM   390  C CB    . MET A 1 49  ? 11.005  -3.665  6.868   1.00 18.62 ? 49  MET A CB    1 
ATOM   391  C CG    . MET A 1 49  ? 9.511   -3.897  6.532   1.00 24.84 ? 49  MET A CG    1 
ATOM   392  S SD    . MET A 1 49  ? 8.969   -5.543  7.054   1.00 28.10 ? 49  MET A SD    1 
ATOM   393  C CE    . MET A 1 49  ? 10.025  -6.565  6.051   1.00 25.39 ? 49  MET A CE    1 
ATOM   394  N N     . SER A 1 50  ? 13.223  -4.932  9.111   1.00 22.35 ? 50  SER A N     1 
ATOM   395  C CA    . SER A 1 50  ? 14.597  -5.182  9.489   1.00 21.01 ? 50  SER A CA    1 
ATOM   396  C C     . SER A 1 50  ? 15.431  -5.692  8.322   1.00 24.60 ? 50  SER A C     1 
ATOM   397  O O     . SER A 1 50  ? 15.077  -6.672  7.685   1.00 23.83 ? 50  SER A O     1 
ATOM   398  C CB    . SER A 1 50  ? 14.645  -6.233  10.599  1.00 22.45 ? 50  SER A CB    1 
ATOM   399  O OG    . SER A 1 50  ? 15.996  -6.590  10.845  1.00 25.09 ? 50  SER A OG    1 
ATOM   400  N N     . PRO A 1 51  ? 16.582  -5.061  8.075   1.00 26.89 ? 51  PRO A N     1 
ATOM   401  C CA    . PRO A 1 51  ? 17.456  -5.574  7.024   1.00 23.26 ? 51  PRO A CA    1 
ATOM   402  C C     . PRO A 1 51  ? 18.251  -6.809  7.473   1.00 24.22 ? 51  PRO A C     1 
ATOM   403  O O     . PRO A 1 51  ? 18.949  -7.397  6.649   1.00 22.36 ? 51  PRO A O     1 
ATOM   404  C CB    . PRO A 1 51  ? 18.382  -4.396  6.751   1.00 23.67 ? 51  PRO A CB    1 
ATOM   405  C CG    . PRO A 1 51  ? 18.478  -3.701  8.065   1.00 22.70 ? 51  PRO A CG    1 
ATOM   406  C CD    . PRO A 1 51  ? 17.158  -3.888  8.757   1.00 22.40 ? 51  PRO A CD    1 
ATOM   407  N N     . TYR A 1 52  ? 18.119  -7.208  8.737   1.00 23.31 ? 52  TYR A N     1 
ATOM   408  C CA    . TYR A 1 52  ? 18.925  -8.296  9.287   1.00 26.94 ? 52  TYR A CA    1 
ATOM   409  C C     . TYR A 1 52  ? 18.165  -9.621  9.391   1.00 27.95 ? 52  TYR A C     1 
ATOM   410  O O     . TYR A 1 52  ? 18.769  -10.683 9.420   1.00 28.50 ? 52  TYR A O     1 
ATOM   411  C CB    . TYR A 1 52  ? 19.485  -7.930  10.680  1.00 24.61 ? 52  TYR A CB    1 
ATOM   412  C CG    . TYR A 1 52  ? 19.982  -6.506  10.778  1.00 23.08 ? 52  TYR A CG    1 
ATOM   413  C CD1   . TYR A 1 52  ? 20.980  -6.048  9.935   1.00 19.61 ? 52  TYR A CD1   1 
ATOM   414  C CD2   . TYR A 1 52  ? 19.431  -5.613  11.698  1.00 20.03 ? 52  TYR A CD2   1 
ATOM   415  C CE1   . TYR A 1 52  ? 21.424  -4.740  9.999   1.00 23.69 ? 52  TYR A CE1   1 
ATOM   416  C CE2   . TYR A 1 52  ? 19.872  -4.305  11.770  1.00 20.18 ? 52  TYR A CE2   1 
ATOM   417  C CZ    . TYR A 1 52  ? 20.867  -3.870  10.917  1.00 20.44 ? 52  TYR A CZ    1 
ATOM   418  O OH    . TYR A 1 52  ? 21.328  -2.575  10.965  1.00 23.75 ? 52  TYR A OH    1 
ATOM   419  N N     . THR A 1 53  ? 16.846  -9.551  9.477   1.00 27.98 ? 53  THR A N     1 
ATOM   420  C CA    . THR A 1 53  ? 16.040  -10.734 9.758   1.00 31.17 ? 53  THR A CA    1 
ATOM   421  C C     . THR A 1 53  ? 14.893  -10.850 8.773   1.00 32.05 ? 53  THR A C     1 
ATOM   422  O O     . THR A 1 53  ? 14.255  -11.895 8.676   1.00 38.81 ? 53  THR A O     1 
ATOM   423  C CB    . THR A 1 53  ? 15.446  -10.716 11.193  1.00 31.73 ? 53  THR A CB    1 
ATOM   424  O OG1   . THR A 1 53  ? 14.444  -9.692  11.290  1.00 36.99 ? 53  THR A OG1   1 
ATOM   425  C CG2   . THR A 1 53  ? 16.543  -10.474 12.245  1.00 34.05 ? 53  THR A CG2   1 
ATOM   426  N N     . SER A 1 54  ? 14.613  -9.785  8.040   1.00 26.91 ? 54  SER A N     1 
ATOM   427  C CA    . SER A 1 54  ? 13.502  -9.865  7.102   1.00 37.85 ? 54  SER A CA    1 
ATOM   428  C C     . SER A 1 54  ? 13.843  -10.890 6.024   1.00 40.44 ? 54  SER A C     1 
ATOM   429  O O     . SER A 1 54  ? 15.027  -11.179 5.784   1.00 38.60 ? 54  SER A O     1 
ATOM   430  C CB    . SER A 1 54  ? 13.145  -8.498  6.494   1.00 34.82 ? 54  SER A CB    1 
ATOM   431  O OG    . SER A 1 54  ? 13.832  -8.289  5.279   1.00 33.79 ? 54  SER A OG    1 
ATOM   432  N N     . SER A 1 55  ? 12.800  -11.451 5.408   1.00 37.31 ? 55  SER A N     1 
ATOM   433  C CA    . SER A 1 55  ? 12.937  -12.452 4.363   1.00 35.73 ? 55  SER A CA    1 
ATOM   434  C C     . SER A 1 55  ? 13.955  -12.021 3.344   1.00 40.36 ? 55  SER A C     1 
ATOM   435  O O     . SER A 1 55  ? 13.973  -10.858 2.935   1.00 41.48 ? 55  SER A O     1 
ATOM   436  C CB    . SER A 1 55  ? 11.614  -12.631 3.623   1.00 41.91 ? 55  SER A CB    1 
ATOM   437  O OG    . SER A 1 55  ? 11.843  -13.130 2.309   1.00 37.37 ? 55  SER A OG    1 
ATOM   438  N N     . SER A 1 56  ? 14.784  -12.957 2.911   1.00 36.78 ? 56  SER A N     1 
ATOM   439  C CA    . SER A 1 56  ? 15.715  -12.659 1.847   1.00 40.75 ? 56  SER A CA    1 
ATOM   440  C C     . SER A 1 56  ? 14.940  -11.965 0.739   1.00 43.92 ? 56  SER A C     1 
ATOM   441  O O     . SER A 1 56  ? 15.404  -10.970 0.191   1.00 45.98 ? 56  SER A O     1 
ATOM   442  C CB    . SER A 1 56  ? 16.379  -13.936 1.327   1.00 43.29 ? 56  SER A CB    1 
ATOM   443  O OG    . SER A 1 56  ? 17.160  -14.532 2.342   1.00 47.14 ? 56  SER A OG    1 
ATOM   444  N N     . ARG A 1 57  ? 13.735  -12.461 0.453   1.00 37.14 ? 57  ARG A N     1 
ATOM   445  C CA    . ARG A 1 57  ? 12.932  -11.938 -0.649  1.00 38.89 ? 57  ARG A CA    1 
ATOM   446  C C     . ARG A 1 57  ? 12.611  -10.451 -0.545  1.00 36.16 ? 57  ARG A C     1 
ATOM   447  O O     . ARG A 1 57  ? 12.545  -9.777  -1.565  1.00 35.63 ? 57  ARG A O     1 
ATOM   448  C CB    . ARG A 1 57  ? 11.647  -12.747 -0.850  1.00 37.86 ? 57  ARG A CB    1 
ATOM   449  C CG    . ARG A 1 57  ? 11.903  -14.235 -1.051  1.00 43.44 ? 57  ARG A CG    1 
ATOM   450  C CD    . ARG A 1 57  ? 10.797  -14.910 -1.834  1.00 41.72 ? 57  ARG A CD    1 
ATOM   451  N NE    . ARG A 1 57  ? 10.983  -14.759 -3.273  1.00 49.27 ? 57  ARG A NE    1 
ATOM   452  C CZ    . ARG A 1 57  ? 10.383  -15.516 -4.187  1.00 48.09 ? 57  ARG A CZ    1 
ATOM   453  N NH1   . ARG A 1 57  ? 9.558   -16.480 -3.804  1.00 45.23 ? 57  ARG A NH1   1 
ATOM   454  N NH2   . ARG A 1 57  ? 10.612  -15.315 -5.481  1.00 57.25 ? 57  ARG A NH2   1 
ATOM   455  N N     . TRP A 1 58  ? 12.402  -9.941  0.669   1.00 32.80 ? 58  TRP A N     1 
ATOM   456  C CA    . TRP A 1 58  ? 12.205  -8.501  0.856   1.00 31.12 ? 58  TRP A CA    1 
ATOM   457  C C     . TRP A 1 58  ? 13.540  -7.787  0.756   1.00 34.29 ? 58  TRP A C     1 
ATOM   458  O O     . TRP A 1 58  ? 14.361  -7.858  1.671   1.00 34.41 ? 58  TRP A O     1 
ATOM   459  C CB    . TRP A 1 58  ? 11.581  -8.191  2.221   1.00 26.88 ? 58  TRP A CB    1 
ATOM   460  C CG    . TRP A 1 58  ? 11.212  -6.733  2.398   1.00 26.54 ? 58  TRP A CG    1 
ATOM   461  C CD1   . TRP A 1 58  ? 12.063  -5.688  2.642   1.00 28.17 ? 58  TRP A CD1   1 
ATOM   462  C CD2   . TRP A 1 58  ? 9.893   -6.170  2.346   1.00 26.61 ? 58  TRP A CD2   1 
ATOM   463  N NE1   . TRP A 1 58  ? 11.354  -4.513  2.744   1.00 23.98 ? 58  TRP A NE1   1 
ATOM   464  C CE2   . TRP A 1 58  ? 10.021  -4.782  2.567   1.00 23.12 ? 58  TRP A CE2   1 
ATOM   465  C CE3   . TRP A 1 58  ? 8.617   -6.710  2.133   1.00 21.99 ? 58  TRP A CE3   1 
ATOM   466  C CZ2   . TRP A 1 58  ? 8.918   -3.921  2.579   1.00 22.21 ? 58  TRP A CZ2   1 
ATOM   467  C CZ3   . TRP A 1 58  ? 7.519   -5.852  2.139   1.00 24.19 ? 58  TRP A CZ3   1 
ATOM   468  C CH2   . TRP A 1 58  ? 7.681   -4.473  2.356   1.00 23.43 ? 58  TRP A CH2   1 
ATOM   469  N N     . ARG A 1 59  ? 13.753  -7.080  -0.344  1.00 30.78 ? 59  ARG A N     1 
ATOM   470  C CA    . ARG A 1 59  ? 15.019  -6.385  -0.553  1.00 32.17 ? 59  ARG A CA    1 
ATOM   471  C C     . ARG A 1 59  ? 15.014  -4.918  -0.096  1.00 33.76 ? 59  ARG A C     1 
ATOM   472  O O     . ARG A 1 59  ? 16.040  -4.246  -0.152  1.00 33.13 ? 59  ARG A O     1 
ATOM   473  C CB    . ARG A 1 59  ? 15.473  -6.510  -2.022  1.00 39.18 ? 59  ARG A CB    1 
ATOM   474  C CG    . ARG A 1 59  ? 16.136  -7.840  -2.343  1.00 40.28 ? 59  ARG A CG    1 
ATOM   475  C CD    . ARG A 1 59  ? 17.008  -8.238  -1.154  1.00 45.59 ? 59  ARG A CD    1 
ATOM   476  N NE    . ARG A 1 59  ? 17.806  -9.453  -1.333  1.00 49.78 ? 59  ARG A NE    1 
ATOM   477  C CZ    . ARG A 1 59  ? 17.329  -10.626 -1.737  1.00 51.36 ? 59  ARG A CZ    1 
ATOM   478  N NH1   . ARG A 1 59  ? 16.042  -10.755 -2.044  1.00 53.43 ? 59  ARG A NH1   1 
ATOM   479  N NH2   . ARG A 1 59  ? 18.143  -11.671 -1.851  1.00 49.60 ? 59  ARG A NH2   1 
ATOM   480  N N     . GLY A 1 60  ? 13.869  -4.437  0.381   1.00 31.71 ? 60  GLY A N     1 
ATOM   481  C CA    . GLY A 1 60  ? 13.730  -3.041  0.764   1.00 26.20 ? 60  GLY A CA    1 
ATOM   482  C C     . GLY A 1 60  ? 12.377  -2.505  0.348   1.00 24.15 ? 60  GLY A C     1 
ATOM   483  O O     . GLY A 1 60  ? 11.662  -3.153  -0.432  1.00 24.11 ? 60  GLY A O     1 
ATOM   484  N N     . PRO A 1 61  ? 12.019  -1.311  0.838   1.00 22.29 ? 61  PRO A N     1 
ATOM   485  C CA    . PRO A 1 61  ? 12.820  -0.468  1.736   1.00 20.14 ? 61  PRO A CA    1 
ATOM   486  C C     . PRO A 1 61  ? 12.754  -0.967  3.166   1.00 21.54 ? 61  PRO A C     1 
ATOM   487  O O     . PRO A 1 61  ? 11.752  -1.561  3.571   1.00 18.84 ? 61  PRO A O     1 
ATOM   488  C CB    . PRO A 1 61  ? 12.122  0.890   1.645   1.00 23.08 ? 61  PRO A CB    1 
ATOM   489  C CG    . PRO A 1 61  ? 10.696  0.540   1.372   1.00 23.59 ? 61  PRO A CG    1 
ATOM   490  C CD    . PRO A 1 61  ? 10.759  -0.656  0.449   1.00 19.71 ? 61  PRO A CD    1 
ATOM   491  N N     . PHE A 1 62  ? 13.819  -0.706  3.918   1.00 20.53 ? 62  PHE A N     1 
ATOM   492  C CA    . PHE A 1 62  ? 13.907  -1.095  5.318   1.00 21.33 ? 62  PHE A CA    1 
ATOM   493  C C     . PHE A 1 62  ? 13.492  0.071   6.200   1.00 20.84 ? 62  PHE A C     1 
ATOM   494  O O     . PHE A 1 62  ? 13.433  1.207   5.751   1.00 16.05 ? 62  PHE A O     1 
ATOM   495  C CB    . PHE A 1 62  ? 15.322  -1.590  5.641   1.00 18.90 ? 62  PHE A CB    1 
ATOM   496  C CG    . PHE A 1 62  ? 15.773  -2.703  4.728   1.00 24.73 ? 62  PHE A CG    1 
ATOM   497  C CD1   . PHE A 1 62  ? 15.308  -3.996  4.914   1.00 24.49 ? 62  PHE A CD1   1 
ATOM   498  C CD2   . PHE A 1 62  ? 16.608  -2.442  3.649   1.00 23.24 ? 62  PHE A CD2   1 
ATOM   499  C CE1   . PHE A 1 62  ? 15.698  -5.022  4.070   1.00 23.50 ? 62  PHE A CE1   1 
ATOM   500  C CE2   . PHE A 1 62  ? 16.996  -3.467  2.792   1.00 26.19 ? 62  PHE A CE2   1 
ATOM   501  C CZ    . PHE A 1 62  ? 16.538  -4.761  3.009   1.00 21.80 ? 62  PHE A CZ    1 
ATOM   502  N N     . GLY A 1 63  ? 13.193  -0.225  7.456   1.00 17.43 ? 63  GLY A N     1 
ATOM   503  C CA    . GLY A 1 63  ? 12.632  0.768   8.350   1.00 19.88 ? 63  GLY A CA    1 
ATOM   504  C C     . GLY A 1 63  ? 11.150  0.960   8.116   1.00 20.80 ? 63  GLY A C     1 
ATOM   505  O O     . GLY A 1 63  ? 10.496  0.091   7.521   1.00 15.51 ? 63  GLY A O     1 
ATOM   506  N N     . ARG A 1 64  ? 10.635  2.111   8.553   1.00 19.84 ? 64  ARG A N     1 
ATOM   507  C CA    . ARG A 1 64  ? 9.194   2.363   8.589   1.00 22.41 ? 64  ARG A CA    1 
ATOM   508  C C     . ARG A 1 64  ? 8.653   2.953   7.292   1.00 23.46 ? 64  ARG A C     1 
ATOM   509  O O     . ARG A 1 64  ? 8.068   4.036   7.299   1.00 19.01 ? 64  ARG A O     1 
ATOM   510  C CB    . ARG A 1 64  ? 8.842   3.291   9.760   1.00 20.57 ? 64  ARG A CB    1 
ATOM   511  C CG    . ARG A 1 64  ? 9.336   2.823   11.115  1.00 19.58 ? 64  ARG A CG    1 
ATOM   512  C CD    . ARG A 1 64  ? 8.681   3.639   12.239  1.00 21.26 ? 64  ARG A CD    1 
ATOM   513  N NE    . ARG A 1 64  ? 9.216   3.305   13.550  1.00 22.60 ? 64  ARG A NE    1 
ATOM   514  C CZ    . ARG A 1 64  ? 8.753   2.331   14.330  1.00 24.13 ? 64  ARG A CZ    1 
ATOM   515  N NH1   . ARG A 1 64  ? 7.728   1.588   13.930  1.00 20.26 ? 64  ARG A NH1   1 
ATOM   516  N NH2   . ARG A 1 64  ? 9.306   2.111   15.520  1.00 20.95 ? 64  ARG A NH2   1 
ATOM   517  N N     . PHE A 1 65  ? 8.817   2.228   6.184   1.00 21.86 ? 65  PHE A N     1 
ATOM   518  C CA    . PHE A 1 65  ? 8.532   2.807   4.872   1.00 20.45 ? 65  PHE A CA    1 
ATOM   519  C C     . PHE A 1 65  ? 7.385   2.166   4.066   1.00 17.66 ? 65  PHE A C     1 
ATOM   520  O O     . PHE A 1 65  ? 7.014   2.678   3.014   1.00 19.71 ? 65  PHE A O     1 
ATOM   521  C CB    . PHE A 1 65  ? 9.816   2.855   4.027   1.00 20.78 ? 65  PHE A CB    1 
ATOM   522  C CG    . PHE A 1 65  ? 10.761  3.968   4.421   1.00 20.02 ? 65  PHE A CG    1 
ATOM   523  C CD1   . PHE A 1 65  ? 11.593  3.837   5.523   1.00 22.58 ? 65  PHE A CD1   1 
ATOM   524  C CD2   . PHE A 1 65  ? 10.811  5.140   3.690   1.00 21.55 ? 65  PHE A CD2   1 
ATOM   525  C CE1   . PHE A 1 65  ? 12.458  4.862   5.888   1.00 23.27 ? 65  PHE A CE1   1 
ATOM   526  C CE2   . PHE A 1 65  ? 11.664  6.154   4.040   1.00 26.05 ? 65  PHE A CE2   1 
ATOM   527  C CZ    . PHE A 1 65  ? 12.498  6.015   5.146   1.00 25.76 ? 65  PHE A CZ    1 
ATOM   528  N N     . SER A 1 66  ? 6.836   1.054   4.545   1.00 18.78 ? 66  SER A N     1 
ATOM   529  C CA    . SER A 1 66  ? 5.778   0.360   3.811   1.00 19.94 ? 66  SER A CA    1 
ATOM   530  C C     . SER A 1 66  ? 4.576   0.066   4.685   1.00 21.49 ? 66  SER A C     1 
ATOM   531  O O     . SER A 1 66  ? 4.683   -0.010  5.914   1.00 20.85 ? 66  SER A O     1 
ATOM   532  C CB    . SER A 1 66  ? 6.295   -0.938  3.199   1.00 18.60 ? 66  SER A CB    1 
ATOM   533  O OG    . SER A 1 66  ? 7.494   -0.690  2.496   1.00 18.14 ? 66  SER A OG    1 
ATOM   534  N N     . ILE A 1 67  ? 3.428   -0.097  4.036   1.00 20.68 ? 67  ILE A N     1 
ATOM   535  C CA    . ILE A 1 67  ? 2.175   -0.304  4.735   1.00 20.48 ? 67  ILE A CA    1 
ATOM   536  C C     . ILE A 1 67  ? 1.447   -1.479  4.114   1.00 19.15 ? 67  ILE A C     1 
ATOM   537  O O     . ILE A 1 67  ? 1.449   -1.653  2.888   1.00 17.12 ? 67  ILE A O     1 
ATOM   538  C CB    . ILE A 1 67  ? 1.290   0.930   4.625   1.00 18.23 ? 67  ILE A CB    1 
ATOM   539  C CG1   . ILE A 1 67  ? 0.076   0.821   5.557   1.00 17.22 ? 67  ILE A CG1   1 
ATOM   540  C CG2   . ILE A 1 67  ? 0.877   1.135   3.184   1.00 18.63 ? 67  ILE A CG2   1 
ATOM   541  C CD1   . ILE A 1 67  ? -0.667  2.130   5.729   1.00 17.44 ? 67  ILE A CD1   1 
ATOM   542  N N     . ARG A 1 68  ? 0.847   -2.300  4.969   1.00 20.18 ? 68  ARG A N     1 
ATOM   543  C CA    . ARG A 1 68  ? 0.102   -3.466  4.517   1.00 18.90 ? 68  ARG A CA    1 
ATOM   544  C C     . ARG A 1 68  ? -1.318  -3.044  4.127   1.00 20.84 ? 68  ARG A C     1 
ATOM   545  O O     . ARG A 1 68  ? -1.983  -2.320  4.875   1.00 17.25 ? 68  ARG A O     1 
ATOM   546  C CB    . ARG A 1 68  ? 0.047   -4.507  5.625   1.00 20.42 ? 68  ARG A CB    1 
ATOM   547  C CG    . ARG A 1 68  ? -0.855  -5.689  5.299   1.00 25.67 ? 68  ARG A CG    1 
ATOM   548  C CD    . ARG A 1 68  ? -0.491  -6.902  6.154   1.00 29.57 ? 68  ARG A CD    1 
ATOM   549  N NE    . ARG A 1 68  ? -0.788  -6.660  7.558   1.00 33.07 ? 68  ARG A NE    1 
ATOM   550  C CZ    . ARG A 1 68  ? -0.057  -7.107  8.572   1.00 38.15 ? 68  ARG A CZ    1 
ATOM   551  N NH1   . ARG A 1 68  ? 1.038   -7.832  8.361   1.00 34.01 ? 68  ARG A NH1   1 
ATOM   552  N NH2   . ARG A 1 68  ? -0.431  -6.820  9.807   1.00 43.07 ? 68  ARG A NH2   1 
ATOM   553  N N     . CYS A 1 69  ? -1.765  -3.479  2.950   1.00 18.62 ? 69  CYS A N     1 
ATOM   554  C CA    . CYS A 1 69  ? -3.142  -3.261  2.502   1.00 18.25 ? 69  CYS A CA    1 
ATOM   555  C C     . CYS A 1 69  ? -3.897  -4.588  2.345   1.00 19.22 ? 69  CYS A C     1 
ATOM   556  O O     . CYS A 1 69  ? -3.445  -5.491  1.642   1.00 15.68 ? 69  CYS A O     1 
ATOM   557  C CB    . CYS A 1 69  ? -3.163  -2.510  1.169   1.00 18.70 ? 69  CYS A CB    1 
ATOM   558  S SG    . CYS A 1 69  ? -2.069  -1.074  1.108   1.00 20.96 ? 69  CYS A SG    1 
ATOM   559  N N     . ILE A 1 70  ? -5.047  -4.694  3.002   1.00 16.96 ? 70  ILE A N     1 
ATOM   560  C CA    . ILE A 1 70  ? -5.848  -5.898  2.925   1.00 19.61 ? 70  ILE A CA    1 
ATOM   561  C C     . ILE A 1 70  ? -7.018  -5.638  1.983   1.00 20.69 ? 70  ILE A C     1 
ATOM   562  O O     . ILE A 1 70  ? -7.866  -4.780  2.247   1.00 20.57 ? 70  ILE A O     1 
ATOM   563  C CB    . ILE A 1 70  ? -6.368  -6.375  4.304   1.00 23.29 ? 70  ILE A CB    1 
ATOM   564  C CG1   . ILE A 1 70  ? -5.225  -6.509  5.319   1.00 21.63 ? 70  ILE A CG1   1 
ATOM   565  C CG2   . ILE A 1 70  ? -7.061  -7.737  4.160   1.00 21.52 ? 70  ILE A CG2   1 
ATOM   566  C CD1   . ILE A 1 70  ? -4.218  -7.533  4.930   1.00 26.18 ? 70  ILE A CD1   1 
ATOM   567  N N     . LEU A 1 71  ? -7.037  -6.356  0.869   1.00 16.91 ? 71  LEU A N     1 
ATOM   568  C CA    . LEU A 1 71  ? -8.119  -6.237  -0.110  1.00 18.32 ? 71  LEU A CA    1 
ATOM   569  C C     . LEU A 1 71  ? -9.111  -7.379  0.045   1.00 20.19 ? 71  LEU A C     1 
ATOM   570  O O     . LEU A 1 71  ? -8.742  -8.536  -0.104  1.00 20.83 ? 71  LEU A O     1 
ATOM   571  C CB    . LEU A 1 71  ? -7.579  -6.202  -1.542  1.00 15.01 ? 71  LEU A CB    1 
ATOM   572  C CG    . LEU A 1 71  ? -6.906  -4.926  -2.068  1.00 22.41 ? 71  LEU A CG    1 
ATOM   573  C CD1   . LEU A 1 71  ? -5.780  -4.434  -1.146  1.00 18.88 ? 71  LEU A CD1   1 
ATOM   574  C CD2   . LEU A 1 71  ? -6.375  -5.137  -3.489  1.00 19.87 ? 71  LEU A CD2   1 
ATOM   575  N N     . TRP A 1 72  ? -10.369 -7.042  0.340   1.00 19.63 ? 72  TRP A N     1 
ATOM   576  C CA    . TRP A 1 72  ? -11.418 -8.034  0.532   1.00 21.33 ? 72  TRP A CA    1 
ATOM   577  C C     . TRP A 1 72  ? -12.368 -8.073  -0.677  1.00 21.19 ? 72  TRP A C     1 
ATOM   578  O O     . TRP A 1 72  ? -12.502 -7.090  -1.410  1.00 19.09 ? 72  TRP A O     1 
ATOM   579  C CB    . TRP A 1 72  ? -12.268 -7.695  1.765   1.00 21.38 ? 72  TRP A CB    1 
ATOM   580  C CG    . TRP A 1 72  ? -11.600 -7.722  3.108   1.00 25.60 ? 72  TRP A CG    1 
ATOM   581  C CD1   . TRP A 1 72  ? -11.182 -6.639  3.827   1.00 21.74 ? 72  TRP A CD1   1 
ATOM   582  C CD2   . TRP A 1 72  ? -11.325 -8.875  3.923   1.00 24.57 ? 72  TRP A CD2   1 
ATOM   583  N NE1   . TRP A 1 72  ? -10.654 -7.044  5.023   1.00 25.42 ? 72  TRP A NE1   1 
ATOM   584  C CE2   . TRP A 1 72  ? -10.731 -8.409  5.114   1.00 26.31 ? 72  TRP A CE2   1 
ATOM   585  C CE3   . TRP A 1 72  ? -11.521 -10.247 3.769   1.00 26.90 ? 72  TRP A CE3   1 
ATOM   586  C CZ2   . TRP A 1 72  ? -10.331 -9.265  6.132   1.00 29.08 ? 72  TRP A CZ2   1 
ATOM   587  C CZ3   . TRP A 1 72  ? -11.117 -11.096 4.786   1.00 29.06 ? 72  TRP A CZ3   1 
ATOM   588  C CH2   . TRP A 1 72  ? -10.529 -10.605 5.946   1.00 30.18 ? 72  TRP A CH2   1 
ATOM   589  N N     . ASP A 1 73  ? -13.035 -9.205  -0.870  1.00 20.90 ? 73  ASP A N     1 
ATOM   590  C CA    . ASP A 1 73  ? -14.181 -9.271  -1.788  1.00 21.10 ? 73  ASP A CA    1 
ATOM   591  C C     . ASP A 1 73  ? -13.811 -8.825  -3.189  1.00 19.06 ? 73  ASP A C     1 
ATOM   592  O O     . ASP A 1 73  ? -12.795 -9.258  -3.731  1.00 19.71 ? 73  ASP A O     1 
ATOM   593  C CB    . ASP A 1 73  ? -15.361 -8.464  -1.228  1.00 17.40 ? 73  ASP A CB    1 
ATOM   594  C CG    . ASP A 1 73  ? -15.745 -8.905  0.171   1.00 21.75 ? 73  ASP A CG    1 
ATOM   595  O OD1   . ASP A 1 73  ? -15.873 -10.126 0.390   1.00 24.68 ? 73  ASP A OD1   1 
ATOM   596  O OD2   . ASP A 1 73  ? -15.890 -8.051  1.071   1.00 26.61 ? 73  ASP A OD2   1 
ATOM   597  N N     . GLU A 1 74  ? -14.621 -7.955  -3.788  1.00 22.45 ? 74  GLU A N     1 
ATOM   598  C CA    . GLU A 1 74  ? -14.384 -7.589  -5.184  1.00 22.26 ? 74  GLU A CA    1 
ATOM   599  C C     . GLU A 1 74  ? -12.975 -7.023  -5.418  1.00 20.22 ? 74  GLU A C     1 
ATOM   600  O O     . GLU A 1 74  ? -12.384 -7.220  -6.480  1.00 21.68 ? 74  GLU A O     1 
ATOM   601  C CB    . GLU A 1 74  ? -15.466 -6.637  -5.718  1.00 21.65 ? 74  GLU A CB    1 
ATOM   602  C CG    . GLU A 1 74  ? -15.491 -5.243  -5.111  1.00 22.41 ? 74  GLU A CG    1 
ATOM   603  C CD    . GLU A 1 74  ? -16.324 -5.153  -3.838  1.00 23.60 ? 74  GLU A CD    1 
ATOM   604  O OE1   . GLU A 1 74  ? -16.584 -6.194  -3.198  1.00 23.06 ? 74  GLU A OE1   1 
ATOM   605  O OE2   . GLU A 1 74  ? -16.709 -4.026  -3.472  1.00 23.90 ? 74  GLU A OE2   1 
ATOM   606  N N     . HIS A 1 75  ? -12.451 -6.319  -4.421  1.00 20.51 ? 75  HIS A N     1 
ATOM   607  C CA    . HIS A 1 75  ? -11.128 -5.717  -4.497  1.00 18.77 ? 75  HIS A CA    1 
ATOM   608  C C     . HIS A 1 75  ? -10.117 -6.843  -4.592  1.00 19.72 ? 75  HIS A C     1 
ATOM   609  O O     . HIS A 1 75  ? -9.149  -6.785  -5.359  1.00 17.87 ? 75  HIS A O     1 
ATOM   610  C CB    . HIS A 1 75  ? -10.889 -4.858  -3.251  1.00 19.74 ? 75  HIS A CB    1 
ATOM   611  C CG    . HIS A 1 75  ? -12.043 -3.944  -2.925  1.00 20.39 ? 75  HIS A CG    1 
ATOM   612  N ND1   . HIS A 1 75  ? -12.353 -2.842  -3.694  1.00 20.11 ? 75  HIS A ND1   1 
ATOM   613  C CD2   . HIS A 1 75  ? -12.962 -3.993  -1.936  1.00 19.91 ? 75  HIS A CD2   1 
ATOM   614  C CE1   . HIS A 1 75  ? -13.410 -2.238  -3.175  1.00 20.24 ? 75  HIS A CE1   1 
ATOM   615  N NE2   . HIS A 1 75  ? -13.801 -2.913  -2.116  1.00 20.33 ? 75  HIS A NE2   1 
ATOM   616  N N     . ASP A 1 76  ? -10.371 -7.886  -3.817  1.00 18.30 ? 76  ASP A N     1 
ATOM   617  C CA    . ASP A 1 76  ? -9.560  -9.096  -3.857  1.00 17.54 ? 76  ASP A CA    1 
ATOM   618  C C     . ASP A 1 76  ? -9.651  -9.761  -5.236  1.00 22.60 ? 76  ASP A C     1 
ATOM   619  O O     . ASP A 1 76  ? -8.632  -9.923  -5.935  1.00 22.48 ? 76  ASP A O     1 
ATOM   620  C CB    . ASP A 1 76  ? -10.042 -10.020 -2.737  1.00 17.81 ? 76  ASP A CB    1 
ATOM   621  C CG    . ASP A 1 76  ? -9.476  -11.417 -2.821  1.00 22.61 ? 76  ASP A CG    1 
ATOM   622  O OD1   . ASP A 1 76  ? -8.641  -11.704 -3.705  1.00 22.79 ? 76  ASP A OD1   1 
ATOM   623  O OD2   . ASP A 1 76  ? -9.883  -12.234 -1.972  1.00 21.31 ? 76  ASP A OD2   1 
ATOM   624  N N     . PHE A 1 77  ? -10.872 -10.114 -5.646  1.00 20.97 ? 77  PHE A N     1 
ATOM   625  C CA    . PHE A 1 77  ? -11.086 -10.833 -6.912  1.00 20.27 ? 77  PHE A CA    1 
ATOM   626  C C     . PHE A 1 77  ? -10.513 -10.070 -8.102  1.00 19.31 ? 77  PHE A C     1 
ATOM   627  O O     . PHE A 1 77  ? -9.957  -10.671 -9.017  1.00 21.50 ? 77  PHE A O     1 
ATOM   628  C CB    . PHE A 1 77  ? -12.584 -11.120 -7.142  1.00 19.55 ? 77  PHE A CB    1 
ATOM   629  C CG    . PHE A 1 77  ? -13.277 -11.691 -5.938  1.00 21.15 ? 77  PHE A CG    1 
ATOM   630  C CD1   . PHE A 1 77  ? -12.635 -12.612 -5.129  1.00 22.15 ? 77  PHE A CD1   1 
ATOM   631  C CD2   . PHE A 1 77  ? -14.541 -11.265 -5.583  1.00 24.85 ? 77  PHE A CD2   1 
ATOM   632  C CE1   . PHE A 1 77  ? -13.250 -13.122 -4.007  1.00 27.43 ? 77  PHE A CE1   1 
ATOM   633  C CE2   . PHE A 1 77  ? -15.166 -11.772 -4.464  1.00 25.04 ? 77  PHE A CE2   1 
ATOM   634  C CZ    . PHE A 1 77  ? -14.519 -12.705 -3.675  1.00 28.58 ? 77  PHE A CZ    1 
ATOM   635  N N     . TYR A 1 78  ? -10.650 -8.746  -8.086  1.00 18.74 ? 78  TYR A N     1 
ATOM   636  C CA    . TYR A 1 78  ? -10.105 -7.921  -9.158  1.00 18.48 ? 78  TYR A CA    1 
ATOM   637  C C     . TYR A 1 78  ? -8.572  -7.945  -9.202  1.00 20.47 ? 78  TYR A C     1 
ATOM   638  O O     . TYR A 1 78  ? -7.981  -8.149  -10.249 1.00 19.29 ? 78  TYR A O     1 
ATOM   639  C CB    . TYR A 1 78  ? -10.575 -6.471  -9.008  1.00 20.27 ? 78  TYR A CB    1 
ATOM   640  C CG    . TYR A 1 78  ? -10.075 -5.557  -10.108 1.00 19.58 ? 78  TYR A CG    1 
ATOM   641  C CD1   . TYR A 1 78  ? -10.164 -5.936  -11.441 1.00 23.03 ? 78  TYR A CD1   1 
ATOM   642  C CD2   . TYR A 1 78  ? -9.533  -4.312  -9.815  1.00 21.21 ? 78  TYR A CD2   1 
ATOM   643  C CE1   . TYR A 1 78  ? -9.708  -5.110  -12.454 1.00 21.29 ? 78  TYR A CE1   1 
ATOM   644  C CE2   . TYR A 1 78  ? -9.076  -3.473  -10.816 1.00 21.56 ? 78  TYR A CE2   1 
ATOM   645  C CZ    . TYR A 1 78  ? -9.160  -3.880  -12.137 1.00 24.52 ? 78  TYR A CZ    1 
ATOM   646  O OH    . TYR A 1 78  ? -8.716  -3.059  -13.148 1.00 19.48 ? 78  TYR A OH    1 
ATOM   647  N N     . CYS A 1 79  ? -7.931  -7.714  -8.064  1.00 20.45 ? 79  CYS A N     1 
ATOM   648  C CA    . CYS A 1 79  ? -6.496  -7.448  -8.054  1.00 20.92 ? 79  CYS A CA    1 
ATOM   649  C C     . CYS A 1 79  ? -5.601  -8.678  -7.934  1.00 19.76 ? 79  CYS A C     1 
ATOM   650  O O     . CYS A 1 79  ? -4.403  -8.600  -8.222  1.00 19.47 ? 79  CYS A O     1 
ATOM   651  C CB    . CYS A 1 79  ? -6.154  -6.490  -6.917  1.00 20.12 ? 79  CYS A CB    1 
ATOM   652  S SG    . CYS A 1 79  ? -6.828  -4.805  -7.086  1.00 17.43 ? 79  CYS A SG    1 
ATOM   653  N N     . ARG A 1 80  ? -6.161  -9.802  -7.491  1.00 17.38 ? 80  ARG A N     1 
ATOM   654  C CA    . ARG A 1 80  ? -5.318  -10.928 -7.077  1.00 20.09 ? 80  ARG A CA    1 
ATOM   655  C C     . ARG A 1 80  ? -4.422  -11.439 -8.213  1.00 22.05 ? 80  ARG A C     1 
ATOM   656  O O     . ARG A 1 80  ? -3.286  -11.850 -7.981  1.00 23.69 ? 80  ARG A O     1 
ATOM   657  C CB    . ARG A 1 80  ? -6.162  -12.057 -6.489  1.00 23.38 ? 80  ARG A CB    1 
ATOM   658  C CG    . ARG A 1 80  ? -7.204  -12.593 -7.461  1.00 24.54 ? 80  ARG A CG    1 
ATOM   659  C CD    . ARG A 1 80  ? -7.659  -13.978 -7.066  1.00 31.00 ? 80  ARG A CD    1 
ATOM   660  N NE    . ARG A 1 80  ? -8.430  -13.973 -5.835  1.00 32.33 ? 80  ARG A NE    1 
ATOM   661  C CZ    . ARG A 1 80  ? -9.409  -14.836 -5.574  1.00 38.63 ? 80  ARG A CZ    1 
ATOM   662  N NH1   . ARG A 1 80  ? -9.731  -15.768 -6.473  1.00 37.26 ? 80  ARG A NH1   1 
ATOM   663  N NH2   . ARG A 1 80  ? -10.070 -14.768 -4.420  1.00 36.43 ? 80  ARG A NH2   1 
ATOM   664  N N     . ASN A 1 81  ? -4.924  -11.411 -9.439  1.00 21.23 ? 81  ASN A N     1 
ATOM   665  C CA    . ASN A 1 81  ? -4.136  -11.863 -10.578 1.00 25.00 ? 81  ASN A CA    1 
ATOM   666  C C     . ASN A 1 81  ? -3.896  -10.726 -11.560 1.00 26.75 ? 81  ASN A C     1 
ATOM   667  O O     . ASN A 1 81  ? -3.795  -10.935 -12.762 1.00 27.82 ? 81  ASN A O     1 
ATOM   668  C CB    . ASN A 1 81  ? -4.825  -13.040 -11.265 1.00 22.27 ? 81  ASN A CB    1 
ATOM   669  C CG    . ASN A 1 81  ? -3.842  -13.992 -11.915 1.00 36.85 ? 81  ASN A CG    1 
ATOM   670  O OD1   . ASN A 1 81  ? -3.974  -14.321 -13.089 1.00 40.53 ? 81  ASN A OD1   1 
ATOM   671  N ND2   . ASN A 1 81  ? -2.852  -14.440 -11.153 1.00 36.98 ? 81  ASN A ND2   1 
ATOM   672  N N     . TYR A 1 82  ? -3.803  -9.519  -11.019 1.00 24.04 ? 82  TYR A N     1 
ATOM   673  C CA    . TYR A 1 82  ? -3.719  -8.295  -11.813 1.00 24.15 ? 82  TYR A CA    1 
ATOM   674  C C     . TYR A 1 82  ? -2.590  -7.366  -11.299 1.00 26.79 ? 82  TYR A C     1 
ATOM   675  O O     . TYR A 1 82  ? -1.658  -7.033  -12.028 1.00 27.32 ? 82  TYR A O     1 
ATOM   676  C CB    . TYR A 1 82  ? -5.078  -7.574  -11.764 1.00 25.36 ? 82  TYR A CB    1 
ATOM   677  C CG    . TYR A 1 82  ? -5.145  -6.282  -12.542 1.00 23.40 ? 82  TYR A CG    1 
ATOM   678  C CD1   . TYR A 1 82  ? -4.782  -6.240  -13.882 1.00 27.35 ? 82  TYR A CD1   1 
ATOM   679  C CD2   . TYR A 1 82  ? -5.576  -5.111  -11.940 1.00 25.26 ? 82  TYR A CD2   1 
ATOM   680  C CE1   . TYR A 1 82  ? -4.835  -5.070  -14.599 1.00 25.95 ? 82  TYR A CE1   1 
ATOM   681  C CE2   . TYR A 1 82  ? -5.630  -3.928  -12.644 1.00 27.83 ? 82  TYR A CE2   1 
ATOM   682  C CZ    . TYR A 1 82  ? -5.264  -3.917  -13.978 1.00 27.65 ? 82  TYR A CZ    1 
ATOM   683  O OH    . TYR A 1 82  ? -5.319  -2.750  -14.687 1.00 27.09 ? 82  TYR A OH    1 
ATOM   684  N N     . ILE A 1 83  ? -2.689  -6.941  -10.046 1.00 24.49 ? 83  ILE A N     1 
ATOM   685  C CA    . ILE A 1 83  ? -1.639  -6.128  -9.418  1.00 23.86 ? 83  ILE A CA    1 
ATOM   686  C C     . ILE A 1 83  ? -0.451  -7.000  -9.020  1.00 24.40 ? 83  ILE A C     1 
ATOM   687  O O     . ILE A 1 83  ? -0.619  -7.981  -8.298  1.00 20.71 ? 83  ILE A O     1 
ATOM   688  C CB    . ILE A 1 83  ? -2.169  -5.442  -8.150  1.00 21.16 ? 83  ILE A CB    1 
ATOM   689  C CG1   . ILE A 1 83  ? -3.437  -4.657  -8.459  1.00 21.97 ? 83  ILE A CG1   1 
ATOM   690  C CG2   . ILE A 1 83  ? -1.100  -4.542  -7.530  1.00 18.48 ? 83  ILE A CG2   1 
ATOM   691  C CD1   . ILE A 1 83  ? -3.237  -3.488  -9.411  1.00 21.80 ? 83  ILE A CD1   1 
ATOM   692  N N     . LYS A 1 84  ? 0.744   -6.645  -9.495  1.00 25.44 ? 84  LYS A N     1 
ATOM   693  C CA    . LYS A 1 84  ? 1.944   -7.448  -9.250  1.00 24.76 ? 84  LYS A CA    1 
ATOM   694  C C     . LYS A 1 84  ? 3.024   -6.627  -8.561  1.00 24.25 ? 84  LYS A C     1 
ATOM   695  O O     . LYS A 1 84  ? 3.050   -5.404  -8.679  1.00 23.59 ? 84  LYS A O     1 
ATOM   696  C CB    . LYS A 1 84  ? 2.526   -7.960  -10.573 1.00 27.75 ? 84  LYS A CB    1 
ATOM   697  C CG    . LYS A 1 84  ? 1.496   -8.451  -11.584 1.00 35.39 ? 84  LYS A CG    1 
ATOM   698  C CD    . LYS A 1 84  ? 1.063   -9.879  -11.300 1.00 32.87 ? 84  LYS A CD    1 
ATOM   699  C CE    . LYS A 1 84  ? 0.206   -10.421 -12.440 1.00 39.31 ? 84  LYS A CE    1 
ATOM   700  N NZ    . LYS A 1 84  ? -0.197  -11.845 -12.217 1.00 44.33 ? 84  LYS A NZ    1 
ATOM   701  N N     . GLU A 1 85  ? 3.934   -7.301  -7.869  1.00 22.10 ? 85  GLU A N     1 
ATOM   702  C CA    . GLU A 1 85  ? 5.084   -6.629  -7.265  1.00 22.48 ? 85  GLU A CA    1 
ATOM   703  C C     . GLU A 1 85  ? 5.796   -5.781  -8.325  1.00 22.13 ? 85  GLU A C     1 
ATOM   704  O O     . GLU A 1 85  ? 6.025   -6.234  -9.443  1.00 22.15 ? 85  GLU A O     1 
ATOM   705  C CB    . GLU A 1 85  ? 6.024   -7.672  -6.649  1.00 23.93 ? 85  GLU A CB    1 
ATOM   706  C CG    . GLU A 1 85  ? 5.249   -8.756  -5.869  1.00 26.48 ? 85  GLU A CG    1 
ATOM   707  C CD    . GLU A 1 85  ? 6.149   -9.735  -5.114  1.00 32.83 ? 85  GLU A CD    1 
ATOM   708  O OE1   . GLU A 1 85  ? 7.310   -9.902  -5.551  1.00 26.70 ? 85  GLU A OE1   1 
ATOM   709  O OE2   . GLU A 1 85  ? 5.689   -10.328 -4.089  1.00 28.11 ? 85  GLU A OE2   1 
ATOM   710  N N     . GLY A 1 86  ? 6.120   -4.541  -7.980  1.00 21.32 ? 86  GLY A N     1 
ATOM   711  C CA    . GLY A 1 86  ? 6.777   -3.636  -8.908  1.00 20.39 ? 86  GLY A CA    1 
ATOM   712  C C     . GLY A 1 86  ? 5.808   -2.678  -9.576  1.00 24.97 ? 86  GLY A C     1 
ATOM   713  O O     . GLY A 1 86  ? 6.213   -1.630  -10.072 1.00 24.45 ? 86  GLY A O     1 
ATOM   714  N N     . ASP A 1 87  ? 4.523   -3.028  -9.597  1.00 19.85 ? 87  ASP A N     1 
ATOM   715  C CA    . ASP A 1 87  ? 3.538   -2.142  -10.191 1.00 21.31 ? 87  ASP A CA    1 
ATOM   716  C C     . ASP A 1 87  ? 3.414   -0.882  -9.354  1.00 25.11 ? 87  ASP A C     1 
ATOM   717  O O     . ASP A 1 87  ? 3.674   -0.886  -8.139  1.00 20.93 ? 87  ASP A O     1 
ATOM   718  C CB    . ASP A 1 87  ? 2.169   -2.816  -10.298 1.00 23.09 ? 87  ASP A CB    1 
ATOM   719  C CG    . ASP A 1 87  ? 2.133   -3.931  -11.344 1.00 26.02 ? 87  ASP A CG    1 
ATOM   720  O OD1   . ASP A 1 87  ? 3.082   -4.058  -12.156 1.00 24.92 ? 87  ASP A OD1   1 
ATOM   721  O OD2   . ASP A 1 87  ? 1.151   -4.694  -11.335 1.00 24.80 ? 87  ASP A OD2   1 
ATOM   722  N N     . TYR A 1 88  ? 3.045   0.201   -10.019 1.00 22.20 ? 88  TYR A N     1 
ATOM   723  C CA    . TYR A 1 88  ? 2.621   1.395   -9.325  1.00 23.12 ? 88  TYR A CA    1 
ATOM   724  C C     . TYR A 1 88  ? 1.100   1.375   -9.306  1.00 23.43 ? 88  TYR A C     1 
ATOM   725  O O     . TYR A 1 88  ? 0.466   0.943   -10.270 1.00 21.73 ? 88  TYR A O     1 
ATOM   726  C CB    . TYR A 1 88  ? 3.149   2.653   -10.029 1.00 24.24 ? 88  TYR A CB    1 
ATOM   727  C CG    . TYR A 1 88  ? 4.657   2.735   -10.060 1.00 27.63 ? 88  TYR A CG    1 
ATOM   728  C CD1   . TYR A 1 88  ? 5.370   2.359   -11.193 1.00 28.98 ? 88  TYR A CD1   1 
ATOM   729  C CD2   . TYR A 1 88  ? 5.370   3.180   -8.953  1.00 25.65 ? 88  TYR A CD2   1 
ATOM   730  C CE1   . TYR A 1 88  ? 6.749   2.426   -11.220 1.00 29.05 ? 88  TYR A CE1   1 
ATOM   731  C CE2   . TYR A 1 88  ? 6.745   3.253   -8.972  1.00 25.35 ? 88  TYR A CE2   1 
ATOM   732  C CZ    . TYR A 1 88  ? 7.431   2.883   -10.107 1.00 28.59 ? 88  TYR A CZ    1 
ATOM   733  O OH    . TYR A 1 88  ? 8.802   2.946   -10.125 1.00 35.13 ? 88  TYR A OH    1 
ATOM   734  N N     . VAL A 1 89  ? 0.522   1.823   -8.197  1.00 22.22 ? 89  VAL A N     1 
ATOM   735  C CA    . VAL A 1 89  ? -0.926  1.863   -8.043  1.00 22.00 ? 89  VAL A CA    1 
ATOM   736  C C     . VAL A 1 89  ? -1.389  3.206   -7.484  1.00 22.30 ? 89  VAL A C     1 
ATOM   737  O O     . VAL A 1 89  ? -0.609  3.931   -6.859  1.00 22.09 ? 89  VAL A O     1 
ATOM   738  C CB    . VAL A 1 89  ? -1.395  0.745   -7.102  1.00 25.40 ? 89  VAL A CB    1 
ATOM   739  C CG1   . VAL A 1 89  ? -1.075  -0.626  -7.715  1.00 22.26 ? 89  VAL A CG1   1 
ATOM   740  C CG2   . VAL A 1 89  ? -0.726  0.904   -5.726  1.00 20.86 ? 89  VAL A CG2   1 
ATOM   741  N N     . VAL A 1 90  ? -2.653  3.531   -7.730  1.00 22.88 ? 90  VAL A N     1 
ATOM   742  C CA    . VAL A 1 90  ? -3.320  4.664   -7.105  1.00 21.97 ? 90  VAL A CA    1 
ATOM   743  C C     . VAL A 1 90  ? -4.533  4.136   -6.351  1.00 23.12 ? 90  VAL A C     1 
ATOM   744  O O     . VAL A 1 90  ? -5.416  3.465   -6.911  1.00 22.48 ? 90  VAL A O     1 
ATOM   745  C CB    . VAL A 1 90  ? -3.722  5.788   -8.124  1.00 23.72 ? 90  VAL A CB    1 
ATOM   746  C CG1   . VAL A 1 90  ? -4.647  5.261   -9.232  1.00 20.99 ? 90  VAL A CG1   1 
ATOM   747  C CG2   . VAL A 1 90  ? -4.373  6.968   -7.412  1.00 23.14 ? 90  VAL A CG2   1 
ATOM   748  N N     . MET A 1 91  ? -4.556  4.407   -5.063  1.00 21.76 ? 91  MET A N     1 
ATOM   749  C CA    . MET A 1 91  ? -5.634  3.922   -4.230  1.00 25.63 ? 91  MET A CA    1 
ATOM   750  C C     . MET A 1 91  ? -6.465  5.115   -3.788  1.00 22.51 ? 91  MET A C     1 
ATOM   751  O O     . MET A 1 91  ? -5.921  6.139   -3.398  1.00 21.84 ? 91  MET A O     1 
ATOM   752  C CB    . MET A 1 91  ? -5.062  3.105   -3.060  1.00 22.90 ? 91  MET A CB    1 
ATOM   753  C CG    . MET A 1 91  ? -4.178  1.941   -3.573  1.00 27.63 ? 91  MET A CG    1 
ATOM   754  S SD    . MET A 1 91  ? -3.395  0.852   -2.356  1.00 33.70 ? 91  MET A SD    1 
ATOM   755  C CE    . MET A 1 91  ? -4.855  0.389   -1.453  1.00 20.74 ? 91  MET A CE    1 
ATOM   756  N N     . LYS A 1 92  ? -7.782  4.991   -3.876  1.00 23.58 ? 92  LYS A N     1 
ATOM   757  C CA    . LYS A 1 92  ? -8.660  6.125   -3.602  1.00 24.75 ? 92  LYS A CA    1 
ATOM   758  C C     . LYS A 1 92  ? -9.689  5.837   -2.520  1.00 25.31 ? 92  LYS A C     1 
ATOM   759  O O     . LYS A 1 92  ? -10.345 4.796   -2.549  1.00 26.21 ? 92  LYS A O     1 
ATOM   760  C CB    . LYS A 1 92  ? -9.366  6.580   -4.885  1.00 23.81 ? 92  LYS A CB    1 
ATOM   761  C CG    . LYS A 1 92  ? -8.403  7.021   -5.982  1.00 26.40 ? 92  LYS A CG    1 
ATOM   762  C CD    . LYS A 1 92  ? -9.149  7.572   -7.175  1.00 30.38 ? 92  LYS A CD    1 
ATOM   763  C CE    . LYS A 1 92  ? -8.193  8.108   -8.221  1.00 30.95 ? 92  LYS A CE    1 
ATOM   764  N NZ    . LYS A 1 92  ? -8.932  8.522   -9.454  1.00 35.84 ? 92  LYS A NZ    1 
ATOM   765  N N     . ASN A 1 93  ? -9.808  6.768   -1.573  1.00 23.16 ? 93  ASN A N     1 
ATOM   766  C CA    . ASN A 1 93  ? -10.796 6.703   -0.504  1.00 25.79 ? 93  ASN A CA    1 
ATOM   767  C C     . ASN A 1 93  ? -10.783 5.355   0.207   1.00 28.79 ? 93  ASN A C     1 
ATOM   768  O O     . ASN A 1 93  ? -11.834 4.742   0.434   1.00 29.19 ? 93  ASN A O     1 
ATOM   769  C CB    . ASN A 1 93  ? -12.195 7.052   -1.032  1.00 26.00 ? 93  ASN A CB    1 
ATOM   770  C CG    . ASN A 1 93  ? -12.206 8.351   -1.837  1.00 27.22 ? 93  ASN A CG    1 
ATOM   771  O OD1   . ASN A 1 93  ? -11.586 9.342   -1.448  1.00 28.11 ? 93  ASN A OD1   1 
ATOM   772  N ND2   . ASN A 1 93  ? -12.877 8.337   -2.980  1.00 28.19 ? 93  ASN A ND2   1 
ATOM   773  N N     . VAL A 1 94  ? -9.578  4.901   0.551   1.00 25.82 ? 94  VAL A N     1 
ATOM   774  C CA    . VAL A 1 94  ? -9.410  3.668   1.317   1.00 25.94 ? 94  VAL A CA    1 
ATOM   775  C C     . VAL A 1 94  ? -9.391  3.930   2.829   1.00 25.27 ? 94  VAL A C     1 
ATOM   776  O O     . VAL A 1 94  ? -9.098  5.036   3.278   1.00 25.34 ? 94  VAL A O     1 
ATOM   777  C CB    . VAL A 1 94  ? -8.145  2.871   0.866   1.00 25.71 ? 94  VAL A CB    1 
ATOM   778  C CG1   . VAL A 1 94  ? -8.219  2.576   -0.639  1.00 23.13 ? 94  VAL A CG1   1 
ATOM   779  C CG2   . VAL A 1 94  ? -6.865  3.620   1.198   1.00 19.53 ? 94  VAL A CG2   1 
ATOM   780  N N     . ARG A 1 95  ? -9.708  2.908   3.612   1.00 26.26 ? 95  ARG A N     1 
ATOM   781  C CA    . ARG A 1 95  ? -9.774  3.061   5.057   1.00 26.56 ? 95  ARG A CA    1 
ATOM   782  C C     . ARG A 1 95  ? -8.427  2.739   5.703   1.00 25.30 ? 95  ARG A C     1 
ATOM   783  O O     . ARG A 1 95  ? -7.731  1.817   5.276   1.00 23.13 ? 95  ARG A O     1 
ATOM   784  C CB    . ARG A 1 95  ? -10.864 2.153   5.651   1.00 27.26 ? 95  ARG A CB    1 
ATOM   785  C CG    . ARG A 1 95  ? -11.163 2.432   7.116   1.00 34.93 ? 95  ARG A CG    1 
ATOM   786  C CD    . ARG A 1 95  ? -12.175 1.457   7.727   1.00 38.37 ? 95  ARG A CD    1 
ATOM   787  N NE    . ARG A 1 95  ? -11.535 0.356   8.455   1.00 38.71 ? 95  ARG A NE    1 
ATOM   788  C CZ    . ARG A 1 95  ? -12.199 -0.665  8.997   1.00 38.73 ? 95  ARG A CZ    1 
ATOM   789  N NH1   . ARG A 1 95  ? -13.514 -0.711  8.900   1.00 45.42 ? 95  ARG A NH1   1 
ATOM   790  N NH2   . ARG A 1 95  ? -11.560 -1.644  9.625   1.00 34.45 ? 95  ARG A NH2   1 
ATOM   791  N N     . THR A 1 96  ? -8.055  3.508   6.724   1.00 21.95 ? 96  THR A N     1 
ATOM   792  C CA    . THR A 1 96  ? -6.907  3.148   7.546   1.00 22.46 ? 96  THR A CA    1 
ATOM   793  C C     . THR A 1 96  ? -7.396  2.658   8.913   1.00 23.53 ? 96  THR A C     1 
ATOM   794  O O     . THR A 1 96  ? -8.445  3.075   9.406   1.00 19.90 ? 96  THR A O     1 
ATOM   795  C CB    . THR A 1 96  ? -5.941  4.330   7.756   1.00 22.84 ? 96  THR A CB    1 
ATOM   796  O OG1   . THR A 1 96  ? -6.580  5.321   8.559   1.00 21.43 ? 96  THR A OG1   1 
ATOM   797  C CG2   . THR A 1 96  ? -5.516  4.948   6.407   1.00 25.48 ? 96  THR A CG2   1 
ATOM   798  N N     . LYS A 1 97  ? -6.641  1.753   9.511   1.00 20.65 ? 97  LYS A N     1 
ATOM   799  C CA    . LYS A 1 97  ? -6.914  1.308   10.867  1.00 24.07 ? 97  LYS A CA    1 
ATOM   800  C C     . LYS A 1 97  ? -5.613  0.992   11.594  1.00 27.67 ? 97  LYS A C     1 
ATOM   801  O O     . LYS A 1 97  ? -4.519  1.276   11.104  1.00 25.01 ? 97  LYS A O     1 
ATOM   802  C CB    . LYS A 1 97  ? -7.810  0.071   10.885  1.00 22.02 ? 97  LYS A CB    1 
ATOM   803  C CG    . LYS A 1 97  ? -7.330  -1.074  10.004  1.00 25.15 ? 97  LYS A CG    1 
ATOM   804  C CD    . LYS A 1 97  ? -8.151  -2.327  10.276  1.00 31.64 ? 97  LYS A CD    1 
ATOM   805  C CE    . LYS A 1 97  ? -7.836  -2.909  11.647  1.00 33.96 ? 97  LYS A CE    1 
ATOM   806  N NZ    . LYS A 1 97  ? -8.435  -4.262  11.818  1.00 33.85 ? 97  LYS A NZ    1 
ATOM   807  N N     . ILE A 1 98  ? -5.747  0.409   12.776  1.00 25.10 ? 98  ILE A N     1 
ATOM   808  C CA    . ILE A 1 98  ? -4.592  -0.047  13.517  1.00 30.58 ? 98  ILE A CA    1 
ATOM   809  C C     . ILE A 1 98  ? -4.739  -1.522  13.874  1.00 33.52 ? 98  ILE A C     1 
ATOM   810  O O     . ILE A 1 98  ? -5.789  -1.944  14.376  1.00 33.06 ? 98  ILE A O     1 
ATOM   811  C CB    . ILE A 1 98  ? -4.408  0.782   14.780  1.00 30.60 ? 98  ILE A CB    1 
ATOM   812  C CG1   . ILE A 1 98  ? -3.966  2.179   14.391  1.00 31.36 ? 98  ILE A CG1   1 
ATOM   813  C CG2   . ILE A 1 98  ? -3.370  0.141   15.680  1.00 35.38 ? 98  ILE A CG2   1 
ATOM   814  C CD1   . ILE A 1 98  ? -3.776  3.066   15.554  1.00 44.55 ? 98  ILE A CD1   1 
ATOM   815  N N     . ASP A 1 99  ? -3.707  -2.309  13.588  1.00 29.62 ? 99  ASP A N     1 
ATOM   816  C CA    . ASP A 1 99  ? -3.766  -3.724  13.918  1.00 36.39 ? 99  ASP A CA    1 
ATOM   817  C C     . ASP A 1 99  ? -3.557  -3.923  15.417  1.00 35.12 ? 99  ASP A C     1 
ATOM   818  O O     . ASP A 1 99  ? -3.349  -2.958  16.147  1.00 31.80 ? 99  ASP A O     1 
ATOM   819  C CB    . ASP A 1 99  ? -2.781  -4.541  13.078  1.00 32.96 ? 99  ASP A CB    1 
ATOM   820  C CG    . ASP A 1 99  ? -1.338  -4.238  13.398  1.00 34.01 ? 99  ASP A CG    1 
ATOM   821  O OD1   . ASP A 1 99  ? -1.050  -3.678  14.479  1.00 33.48 ? 99  ASP A OD1   1 
ATOM   822  O OD2   . ASP A 1 99  ? -0.480  -4.578  12.557  1.00 35.81 ? 99  ASP A OD2   1 
ATOM   823  N N     . HIS A 1 100 ? -3.619  -5.169  15.876  1.00 43.72 ? 100 HIS A N     1 
ATOM   824  C CA    . HIS A 1 100 ? -3.486  -5.472  17.300  1.00 46.50 ? 100 HIS A CA    1 
ATOM   825  C C     . HIS A 1 100 ? -2.164  -4.989  17.893  1.00 44.34 ? 100 HIS A C     1 
ATOM   826  O O     . HIS A 1 100 ? -2.115  -4.519  19.028  1.00 43.20 ? 100 HIS A O     1 
ATOM   827  C CB    . HIS A 1 100 ? -3.644  -6.975  17.544  1.00 51.81 ? 100 HIS A CB    1 
ATOM   828  C CG    . HIS A 1 100 ? -4.922  -7.542  17.009  1.00 58.23 ? 100 HIS A CG    1 
ATOM   829  N ND1   . HIS A 1 100 ? -6.161  -7.144  17.462  1.00 58.49 ? 100 HIS A ND1   1 
ATOM   830  C CD2   . HIS A 1 100 ? -5.152  -8.480  16.059  1.00 59.58 ? 100 HIS A CD2   1 
ATOM   831  C CE1   . HIS A 1 100 ? -7.098  -7.812  16.813  1.00 56.08 ? 100 HIS A CE1   1 
ATOM   832  N NE2   . HIS A 1 100 ? -6.512  -8.629  15.957  1.00 61.98 ? 100 HIS A NE2   1 
ATOM   833  N N     . LEU A 1 101 ? -1.096  -5.114  17.116  1.00 42.25 ? 101 LEU A N     1 
ATOM   834  C CA    . LEU A 1 101 ? 0.242   -4.711  17.544  1.00 35.12 ? 101 LEU A CA    1 
ATOM   835  C C     . LEU A 1 101 ? 0.451   -3.191  17.521  1.00 35.33 ? 101 LEU A C     1 
ATOM   836  O O     . LEU A 1 101 ? 1.466   -2.692  18.000  1.00 34.51 ? 101 LEU A O     1 
ATOM   837  C CB    . LEU A 1 101 ? 1.299   -5.404  16.679  1.00 34.99 ? 101 LEU A CB    1 
ATOM   838  C CG    . LEU A 1 101 ? 1.489   -6.904  16.932  1.00 44.54 ? 101 LEU A CG    1 
ATOM   839  C CD1   . LEU A 1 101 ? 0.151   -7.643  17.067  1.00 46.17 ? 101 LEU A CD1   1 
ATOM   840  C CD2   . LEU A 1 101 ? 2.354   -7.545  15.848  1.00 43.86 ? 101 LEU A CD2   1 
ATOM   841  N N     . GLY A 1 102 ? -0.508  -2.462  16.958  1.00 30.49 ? 102 GLY A N     1 
ATOM   842  C CA    . GLY A 1 102 ? -0.472  -1.011  16.939  1.00 27.32 ? 102 GLY A CA    1 
ATOM   843  C C     . GLY A 1 102 ? 0.111   -0.381  15.688  1.00 28.41 ? 102 GLY A C     1 
ATOM   844  O O     . GLY A 1 102 ? 0.469   0.800   15.701  1.00 28.11 ? 102 GLY A O     1 
ATOM   845  N N     . TYR A 1 103 ? 0.206   -1.150  14.603  1.00 25.63 ? 103 TYR A N     1 
ATOM   846  C CA    . TYR A 1 103 ? 0.752   -0.626  13.354  1.00 23.51 ? 103 TYR A CA    1 
ATOM   847  C C     . TYR A 1 103 ? -0.353  -0.191  12.395  1.00 22.79 ? 103 TYR A C     1 
ATOM   848  O O     . TYR A 1 103 ? -1.431  -0.779  12.373  1.00 25.29 ? 103 TYR A O     1 
ATOM   849  C CB    . TYR A 1 103 ? 1.697   -1.651  12.680  1.00 21.92 ? 103 TYR A CB    1 
ATOM   850  C CG    . TYR A 1 103 ? 2.892   -2.029  13.533  1.00 24.87 ? 103 TYR A CG    1 
ATOM   851  C CD1   . TYR A 1 103 ? 3.928   -1.132  13.743  1.00 20.96 ? 103 TYR A CD1   1 
ATOM   852  C CD2   . TYR A 1 103 ? 2.971   -3.279  14.138  1.00 27.86 ? 103 TYR A CD2   1 
ATOM   853  C CE1   . TYR A 1 103 ? 5.019   -1.462  14.532  1.00 21.29 ? 103 TYR A CE1   1 
ATOM   854  C CE2   . TYR A 1 103 ? 4.058   -3.620  14.933  1.00 28.53 ? 103 TYR A CE2   1 
ATOM   855  C CZ    . TYR A 1 103 ? 5.079   -2.704  15.125  1.00 25.37 ? 103 TYR A CZ    1 
ATOM   856  O OH    . TYR A 1 103 ? 6.158   -3.037  15.910  1.00 29.33 ? 103 TYR A OH    1 
ATOM   857  N N     . LEU A 1 104 ? -0.075  0.832   11.594  1.00 23.15 ? 104 LEU A N     1 
ATOM   858  C CA    . LEU A 1 104 ? -1.035  1.299   10.600  1.00 18.02 ? 104 LEU A CA    1 
ATOM   859  C C     . LEU A 1 104 ? -1.242  0.242   9.533   1.00 21.95 ? 104 LEU A C     1 
ATOM   860  O O     . LEU A 1 104 ? -0.315  -0.496  9.172   1.00 23.04 ? 104 LEU A O     1 
ATOM   861  C CB    . LEU A 1 104 ? -0.544  2.576   9.921   1.00 22.37 ? 104 LEU A CB    1 
ATOM   862  C CG    . LEU A 1 104 ? -1.255  3.894   10.187  1.00 25.26 ? 104 LEU A CG    1 
ATOM   863  C CD1   . LEU A 1 104 ? -0.745  4.948   9.203   1.00 24.26 ? 104 LEU A CD1   1 
ATOM   864  C CD2   . LEU A 1 104 ? -2.762  3.741   10.072  1.00 23.87 ? 104 LEU A CD2   1 
ATOM   865  N N     . GLU A 1 105 ? -2.455  0.200   9.003   1.00 19.91 ? 105 GLU A N     1 
ATOM   866  C CA    . GLU A 1 105 ? -2.817  -0.768  7.986   1.00 21.93 ? 105 GLU A CA    1 
ATOM   867  C C     . GLU A 1 105 ? -3.913  -0.138  7.146   1.00 25.87 ? 105 GLU A C     1 
ATOM   868  O O     . GLU A 1 105 ? -4.708  0.654   7.644   1.00 21.75 ? 105 GLU A O     1 
ATOM   869  C CB    . GLU A 1 105 ? -3.365  -2.021  8.666   1.00 26.06 ? 105 GLU A CB    1 
ATOM   870  C CG    . GLU A 1 105 ? -3.379  -3.249  7.827   1.00 29.15 ? 105 GLU A CG    1 
ATOM   871  C CD    . GLU A 1 105 ? -3.789  -4.482  8.615   1.00 29.22 ? 105 GLU A CD    1 
ATOM   872  O OE1   . GLU A 1 105 ? -4.663  -4.394  9.512   1.00 24.30 ? 105 GLU A OE1   1 
ATOM   873  O OE2   . GLU A 1 105 ? -3.225  -5.545  8.329   1.00 37.67 ? 105 GLU A OE2   1 
ATOM   874  N N     . CYS A 1 106 ? -3.960  -0.491  5.872   1.00 22.78 ? 106 CYS A N     1 
ATOM   875  C CA    A CYS A 1 106 ? -5.002  0.012   4.993   0.60 20.91 ? 106 CYS A CA    1 
ATOM   876  C CA    B CYS A 1 106 ? -5.009  -0.006  4.980   0.40 20.92 ? 106 CYS A CA    1 
ATOM   877  C C     . CYS A 1 106 ? -5.950  -1.137  4.627   1.00 22.13 ? 106 CYS A C     1 
ATOM   878  O O     . CYS A 1 106 ? -5.508  -2.258  4.379   1.00 20.70 ? 106 CYS A O     1 
ATOM   879  C CB    A CYS A 1 106 ? -4.358  0.665   3.762   0.60 20.22 ? 106 CYS A CB    1 
ATOM   880  C CB    B CYS A 1 106 ? -4.412  0.567   3.701   0.40 20.19 ? 106 CYS A CB    1 
ATOM   881  S SG    A CYS A 1 106 ? -5.384  0.809   2.301   0.60 26.85 ? 106 CYS A SG    1 
ATOM   882  S SG    B CYS A 1 106 ? -3.911  2.262   3.855   0.40 16.83 ? 106 CYS A SG    1 
ATOM   883  N N     . ILE A 1 107 ? -7.249  -0.854  4.616   1.00 21.83 ? 107 ILE A N     1 
ATOM   884  C CA    . ILE A 1 107 ? -8.256  -1.889  4.351   1.00 22.66 ? 107 ILE A CA    1 
ATOM   885  C C     . ILE A 1 107 ? -9.181  -1.489  3.214   1.00 23.44 ? 107 ILE A C     1 
ATOM   886  O O     . ILE A 1 107 ? -9.665  -0.350  3.178   1.00 26.99 ? 107 ILE A O     1 
ATOM   887  C CB    . ILE A 1 107 ? -9.131  -2.163  5.601   1.00 24.46 ? 107 ILE A CB    1 
ATOM   888  C CG1   . ILE A 1 107 ? -8.252  -2.459  6.826   1.00 23.59 ? 107 ILE A CG1   1 
ATOM   889  C CG2   . ILE A 1 107 ? -10.086 -3.311  5.353   1.00 22.46 ? 107 ILE A CG2   1 
ATOM   890  C CD1   . ILE A 1 107 ? -7.503  -3.732  6.719   1.00 23.22 ? 107 ILE A CD1   1 
ATOM   891  N N     . LEU A 1 108 ? -9.426  -2.422  2.294   1.00 21.75 ? 108 LEU A N     1 
ATOM   892  C CA    . LEU A 1 108 ? -10.473 -2.267  1.277   1.00 23.00 ? 108 LEU A CA    1 
ATOM   893  C C     . LEU A 1 108 ? -11.587 -3.298  1.469   1.00 20.73 ? 108 LEU A C     1 
ATOM   894  O O     . LEU A 1 108 ? -11.485 -4.437  1.025   1.00 16.69 ? 108 LEU A O     1 
ATOM   895  C CB    . LEU A 1 108 ? -9.894  -2.354  -0.137  1.00 23.53 ? 108 LEU A CB    1 
ATOM   896  C CG    . LEU A 1 108 ? -9.090  -1.133  -0.599  1.00 26.11 ? 108 LEU A CG    1 
ATOM   897  C CD1   . LEU A 1 108 ? -7.651  -1.221  -0.107  1.00 24.67 ? 108 LEU A CD1   1 
ATOM   898  C CD2   . LEU A 1 108 ? -9.129  -0.970  -2.114  1.00 20.31 ? 108 LEU A CD2   1 
ATOM   899  N N     . HIS A 1 109 ? -12.642 -2.883  2.161   1.00 19.99 ? 109 HIS A N     1 
ATOM   900  C CA    . HIS A 1 109 ? -13.798 -3.717  2.425   1.00 21.54 ? 109 HIS A CA    1 
ATOM   901  C C     . HIS A 1 109 ? -14.676 -3.864  1.187   1.00 20.94 ? 109 HIS A C     1 
ATOM   902  O O     . HIS A 1 109 ? -14.739 -2.959  0.368   1.00 24.55 ? 109 HIS A O     1 
ATOM   903  C CB    . HIS A 1 109 ? -14.644 -3.084  3.530   1.00 22.54 ? 109 HIS A CB    1 
ATOM   904  C CG    . HIS A 1 109 ? -14.059 -3.230  4.896   1.00 24.46 ? 109 HIS A CG    1 
ATOM   905  N ND1   . HIS A 1 109 ? -14.036 -4.424  5.577   1.00 23.11 ? 109 HIS A ND1   1 
ATOM   906  C CD2   . HIS A 1 109 ? -13.482 -2.316  5.722   1.00 23.49 ? 109 HIS A CD2   1 
ATOM   907  C CE1   . HIS A 1 109 ? -13.475 -4.249  6.760   1.00 24.57 ? 109 HIS A CE1   1 
ATOM   908  N NE2   . HIS A 1 109 ? -13.136 -2.976  6.868   1.00 25.44 ? 109 HIS A NE2   1 
ATOM   909  N N     . GLY A 1 110 ? -15.377 -4.987  1.063   1.00 20.17 ? 110 GLY A N     1 
ATOM   910  C CA    . GLY A 1 110 ? -16.322 -5.136  -0.030  1.00 25.28 ? 110 GLY A CA    1 
ATOM   911  C C     . GLY A 1 110 ? -17.374 -4.046  0.064   1.00 30.51 ? 110 GLY A C     1 
ATOM   912  O O     . GLY A 1 110 ? -17.946 -3.833  1.130   1.00 31.50 ? 110 GLY A O     1 
ATOM   913  N N     . ASP A 1 111 ? -17.616 -3.348  -1.045  1.00 32.66 ? 111 ASP A N     1 
ATOM   914  C CA    . ASP A 1 111 ? -18.513 -2.193  -1.059  1.00 32.73 ? 111 ASP A CA    1 
ATOM   915  C C     . ASP A 1 111 ? -19.430 -2.209  -2.286  1.00 39.88 ? 111 ASP A C     1 
ATOM   916  O O     . ASP A 1 111 ? -19.402 -1.284  -3.104  1.00 34.96 ? 111 ASP A O     1 
ATOM   917  C CB    . ASP A 1 111 ? -17.705 -0.892  -1.033  1.00 31.73 ? 111 ASP A CB    1 
ATOM   918  C CG    . ASP A 1 111 ? -18.585 0.347   -0.882  1.00 39.02 ? 111 ASP A CG    1 
ATOM   919  O OD1   . ASP A 1 111 ? -19.764 0.201   -0.482  1.00 40.40 ? 111 ASP A OD1   1 
ATOM   920  O OD2   . ASP A 1 111 ? -18.089 1.466   -1.147  1.00 37.05 ? 111 ASP A OD2   1 
ATOM   921  N N     . SER A 1 112 ? -20.245 -3.255  -2.401  1.00 33.26 ? 112 SER A N     1 
ATOM   922  C CA    . SER A 1 112 ? -21.153 -3.404  -3.541  1.00 41.13 ? 112 SER A CA    1 
ATOM   923  C C     . SER A 1 112 ? -22.083 -2.200  -3.761  1.00 41.05 ? 112 SER A C     1 
ATOM   924  O O     . SER A 1 112 ? -22.351 -1.829  -4.897  1.00 39.84 ? 112 SER A O     1 
ATOM   925  C CB    . SER A 1 112 ? -21.968 -4.695  -3.413  1.00 41.78 ? 112 SER A CB    1 
ATOM   926  O OG    . SER A 1 112 ? -22.518 -4.816  -2.113  1.00 51.74 ? 112 SER A OG    1 
ATOM   927  N N     . ALA A 1 113 ? -22.559 -1.597  -2.675  1.00 43.61 ? 113 ALA A N     1 
ATOM   928  C CA    . ALA A 1 113 ? -23.431 -0.422  -2.744  1.00 43.08 ? 113 ALA A CA    1 
ATOM   929  C C     . ALA A 1 113 ? -22.643 0.820   -3.131  1.00 44.26 ? 113 ALA A C     1 
ATOM   930  O O     . ALA A 1 113 ? -23.205 1.905   -3.284  1.00 46.41 ? 113 ALA A O     1 
ATOM   931  C CB    . ALA A 1 113 ? -24.132 -0.204  -1.412  1.00 43.94 ? 113 ALA A CB    1 
ATOM   932  N N     . LYS A 1 114 ? -21.333 0.647   -3.266  1.00 44.32 ? 114 LYS A N     1 
ATOM   933  C CA    . LYS A 1 114 ? -20.439 1.717   -3.679  1.00 45.26 ? 114 LYS A CA    1 
ATOM   934  C C     . LYS A 1 114 ? -20.634 2.976   -2.839  1.00 46.15 ? 114 LYS A C     1 
ATOM   935  O O     . LYS A 1 114 ? -20.620 4.092   -3.352  1.00 49.05 ? 114 LYS A O     1 
ATOM   936  C CB    . LYS A 1 114 ? -20.612 1.999   -5.174  1.00 49.29 ? 114 LYS A CB    1 
ATOM   937  C CG    . LYS A 1 114 ? -20.431 0.748   -6.052  1.00 48.85 ? 114 LYS A CG    1 
ATOM   938  C CD    . LYS A 1 114 ? -20.968 0.952   -7.464  1.00 51.41 ? 114 LYS A CD    1 
ATOM   939  C CE    . LYS A 1 114 ? -21.125 -0.377  -8.192  1.00 46.59 ? 114 LYS A CE    1 
ATOM   940  N NZ    . LYS A 1 114 ? -21.627 -0.212  -9.593  1.00 54.99 ? 114 LYS A NZ    1 
ATOM   941  N N     . ARG A 1 115 ? -20.799 2.783   -1.535  1.00 42.56 ? 115 ARG A N     1 
ATOM   942  C CA    . ARG A 1 115 ? -20.983 3.894   -0.615  1.00 46.18 ? 115 ARG A CA    1 
ATOM   943  C C     . ARG A 1 115 ? -19.780 4.838   -0.562  1.00 46.95 ? 115 ARG A C     1 
ATOM   944  O O     . ARG A 1 115 ? -19.946 6.055   -0.472  1.00 43.31 ? 115 ARG A O     1 
ATOM   945  C CB    . ARG A 1 115 ? -21.292 3.385   0.797   1.00 47.63 ? 115 ARG A CB    1 
ATOM   946  C CG    . ARG A 1 115 ? -22.652 2.750   0.945   1.00 55.59 ? 115 ARG A CG    1 
ATOM   947  C CD    . ARG A 1 115 ? -22.953 2.405   2.398   1.00 60.96 ? 115 ARG A CD    1 
ATOM   948  N NE    . ARG A 1 115 ? -23.363 3.571   3.180   1.00 64.53 ? 115 ARG A NE    1 
ATOM   949  C CZ    . ARG A 1 115 ? -22.675 4.071   4.204   1.00 62.17 ? 115 ARG A CZ    1 
ATOM   950  N NH1   . ARG A 1 115 ? -21.537 3.507   4.581   1.00 55.16 ? 115 ARG A NH1   1 
ATOM   951  N NH2   . ARG A 1 115 ? -23.128 5.135   4.860   1.00 61.19 ? 115 ARG A NH2   1 
ATOM   952  N N     . TYR A 1 116 ? -18.573 4.284   -0.614  1.00 42.84 ? 116 TYR A N     1 
ATOM   953  C CA    . TYR A 1 116 ? -17.382 5.085   -0.359  1.00 35.84 ? 116 TYR A CA    1 
ATOM   954  C C     . TYR A 1 116 ? -16.608 5.451   -1.612  1.00 38.09 ? 116 TYR A C     1 
ATOM   955  O O     . TYR A 1 116 ? -15.675 6.252   -1.568  1.00 34.44 ? 116 TYR A O     1 
ATOM   956  C CB    . TYR A 1 116 ? -16.472 4.362   0.622   1.00 40.48 ? 116 TYR A CB    1 
ATOM   957  C CG    . TYR A 1 116 ? -17.137 4.022   1.929   1.00 42.89 ? 116 TYR A CG    1 
ATOM   958  C CD1   . TYR A 1 116 ? -17.463 5.013   2.844   1.00 46.39 ? 116 TYR A CD1   1 
ATOM   959  C CD2   . TYR A 1 116 ? -17.425 2.706   2.255   1.00 41.00 ? 116 TYR A CD2   1 
ATOM   960  C CE1   . TYR A 1 116 ? -18.060 4.699   4.052   1.00 49.95 ? 116 TYR A CE1   1 
ATOM   961  C CE2   . TYR A 1 116 ? -18.023 2.383   3.455   1.00 46.97 ? 116 TYR A CE2   1 
ATOM   962  C CZ    . TYR A 1 116 ? -18.336 3.378   4.351   1.00 47.87 ? 116 TYR A CZ    1 
ATOM   963  O OH    . TYR A 1 116 ? -18.931 3.042   5.547   1.00 49.52 ? 116 TYR A OH    1 
ATOM   964  N N     . ASN A 1 117 ? -16.975 4.852   -2.733  1.00 36.69 ? 117 ASN A N     1 
ATOM   965  C CA    . ASN A 1 117 ? -16.288 5.166   -3.968  1.00 33.93 ? 117 ASN A CA    1 
ATOM   966  C C     . ASN A 1 117 ? -14.784 4.866   -3.859  1.00 32.89 ? 117 ASN A C     1 
ATOM   967  O O     . ASN A 1 117 ? -13.949 5.687   -4.242  1.00 31.03 ? 117 ASN A O     1 
ATOM   968  C CB    . ASN A 1 117 ? -16.516 6.642   -4.308  1.00 32.17 ? 117 ASN A CB    1 
ATOM   969  C CG    . ASN A 1 117 ? -16.041 7.001   -5.698  1.00 39.78 ? 117 ASN A CG    1 
ATOM   970  O OD1   . ASN A 1 117 ? -16.145 6.201   -6.625  1.00 48.52 ? 117 ASN A OD1   1 
ATOM   971  N ND2   . ASN A 1 117 ? -15.500 8.209   -5.848  1.00 44.30 ? 117 ASN A ND2   1 
ATOM   972  N N     . MET A 1 118 ? -14.448 3.698   -3.320  1.00 27.14 ? 118 MET A N     1 
ATOM   973  C CA    . MET A 1 118 ? -13.056 3.256   -3.258  1.00 26.23 ? 118 MET A CA    1 
ATOM   974  C C     . MET A 1 118 ? -12.656 2.615   -4.567  1.00 29.40 ? 118 MET A C     1 
ATOM   975  O O     . MET A 1 118 ? -13.495 2.140   -5.321  1.00 30.70 ? 118 MET A O     1 
ATOM   976  C CB    . MET A 1 118 ? -12.858 2.186   -2.197  1.00 33.20 ? 118 MET A CB    1 
ATOM   977  C CG    . MET A 1 118 ? -13.101 2.588   -0.799  1.00 32.75 ? 118 MET A CG    1 
ATOM   978  S SD    . MET A 1 118 ? -12.552 1.232   0.251   1.00 35.32 ? 118 MET A SD    1 
ATOM   979  C CE    . MET A 1 118 ? -13.747 -0.018  -0.181  1.00 25.39 ? 118 MET A CE    1 
ATOM   980  N N     . SER A 1 119 ? -11.357 2.551   -4.811  1.00 25.78 ? 119 SER A N     1 
ATOM   981  C CA    . SER A 1 119 ? -10.862 1.919   -6.013  1.00 23.72 ? 119 SER A CA    1 
ATOM   982  C C     . SER A 1 119 ? -9.351  1.797   -5.931  1.00 23.41 ? 119 SER A C     1 
ATOM   983  O O     . SER A 1 119 ? -8.703  2.527   -5.192  1.00 20.46 ? 119 SER A O     1 
ATOM   984  C CB    . SER A 1 119 ? -11.251 2.735   -7.248  1.00 23.84 ? 119 SER A CB    1 
ATOM   985  O OG    . SER A 1 119 ? -10.504 3.928   -7.317  1.00 25.00 ? 119 SER A OG    1 
ATOM   986  N N     . ILE A 1 120 ? -8.801  0.855   -6.686  1.00 22.18 ? 120 ILE A N     1 
ATOM   987  C CA    . ILE A 1 120 ? -7.359  0.762   -6.849  1.00 22.48 ? 120 ILE A CA    1 
ATOM   988  C C     . ILE A 1 120 ? -7.063  0.445   -8.307  1.00 22.73 ? 120 ILE A C     1 
ATOM   989  O O     . ILE A 1 120 ? -7.691  -0.427  -8.890  1.00 23.06 ? 120 ILE A O     1 
ATOM   990  C CB    . ILE A 1 120 ? -6.750  -0.294  -5.905  1.00 22.77 ? 120 ILE A CB    1 
ATOM   991  C CG1   . ILE A 1 120 ? -5.318  -0.653  -6.333  1.00 22.76 ? 120 ILE A CG1   1 
ATOM   992  C CG2   . ILE A 1 120 ? -7.599  -1.559  -5.888  1.00 24.11 ? 120 ILE A CG2   1 
ATOM   993  C CD1   . ILE A 1 120 ? -4.633  -1.589  -5.340  1.00 23.26 ? 120 ILE A CD1   1 
ATOM   994  N N     . GLU A 1 121 ? -6.150  1.192   -8.916  1.00 23.54 ? 121 GLU A N     1 
ATOM   995  C CA    . GLU A 1 121 ? -5.761  0.919   -10.297 1.00 23.08 ? 121 GLU A CA    1 
ATOM   996  C C     . GLU A 1 121 ? -4.250  0.982   -10.492 1.00 24.90 ? 121 GLU A C     1 
ATOM   997  O O     . GLU A 1 121 ? -3.541  1.674   -9.761  1.00 26.78 ? 121 GLU A O     1 
ATOM   998  C CB    . GLU A 1 121 ? -6.432  1.901   -11.259 1.00 28.46 ? 121 GLU A CB    1 
ATOM   999  C CG    . GLU A 1 121 ? -7.619  1.315   -12.011 1.00 34.27 ? 121 GLU A CG    1 
ATOM   1000 C CD    . GLU A 1 121 ? -7.303  -0.018  -12.699 1.00 33.80 ? 121 GLU A CD    1 
ATOM   1001 O OE1   . GLU A 1 121 ? -6.143  -0.256  -13.141 1.00 28.89 ? 121 GLU A OE1   1 
ATOM   1002 O OE2   . GLU A 1 121 ? -8.234  -0.836  -12.784 1.00 29.37 ? 121 GLU A OE2   1 
ATOM   1003 N N     . LYS A 1 122 ? -3.769  0.262   -11.496 1.00 22.55 ? 122 LYS A N     1 
ATOM   1004 C CA    . LYS A 1 122 ? -2.371  0.333   -11.882 1.00 26.64 ? 122 LYS A CA    1 
ATOM   1005 C C     . LYS A 1 122 ? -2.119  1.675   -12.513 1.00 26.80 ? 122 LYS A C     1 
ATOM   1006 O O     . LYS A 1 122 ? -2.946  2.159   -13.276 1.00 27.03 ? 122 LYS A O     1 
ATOM   1007 C CB    . LYS A 1 122 ? -2.052  -0.713  -12.943 1.00 25.39 ? 122 LYS A CB    1 
ATOM   1008 C CG    . LYS A 1 122 ? -1.985  -2.111  -12.446 1.00 31.04 ? 122 LYS A CG    1 
ATOM   1009 C CD    . LYS A 1 122 ? -1.309  -2.988  -13.475 1.00 27.70 ? 122 LYS A CD    1 
ATOM   1010 C CE    . LYS A 1 122 ? -1.397  -4.421  -13.034 1.00 28.53 ? 122 LYS A CE    1 
ATOM   1011 N NZ    . LYS A 1 122 ? -0.775  -5.375  -13.990 1.00 22.22 ? 122 LYS A NZ    1 
ATOM   1012 N N     . VAL A 1 123 ? -0.966  2.258   -12.219 1.00 26.68 ? 123 VAL A N     1 
ATOM   1013 C CA    . VAL A 1 123 ? -0.552  3.477   -12.886 1.00 30.28 ? 123 VAL A CA    1 
ATOM   1014 C C     . VAL A 1 123 ? 0.668   3.193   -13.768 1.00 34.53 ? 123 VAL A C     1 
ATOM   1015 O O     . VAL A 1 123 ? 1.688   2.679   -13.295 1.00 36.23 ? 123 VAL A O     1 
ATOM   1016 C CB    . VAL A 1 123 ? -0.260  4.582   -11.874 1.00 28.80 ? 123 VAL A CB    1 
ATOM   1017 C CG1   . VAL A 1 123 ? 0.240   5.821   -12.582 1.00 33.35 ? 123 VAL A CG1   1 
ATOM   1018 C CG2   . VAL A 1 123 ? -1.520  4.901   -11.075 1.00 28.67 ? 123 VAL A CG2   1 
ATOM   1019 N N     . ASP A 1 124 ? 0.555   3.498   -15.058 1.00 36.26 ? 124 ASP A N     1 
ATOM   1020 C CA    . ASP A 1 124 ? 1.668   3.288   -15.982 1.00 33.82 ? 124 ASP A CA    1 
ATOM   1021 C C     . ASP A 1 124 ? 2.920   3.959   -15.421 1.00 36.61 ? 124 ASP A C     1 
ATOM   1022 O O     . ASP A 1 124 ? 2.860   5.084   -14.905 1.00 37.53 ? 124 ASP A O     1 
ATOM   1023 C CB    . ASP A 1 124 ? 1.324   3.821   -17.382 1.00 36.74 ? 124 ASP A CB    1 
ATOM   1024 C CG    . ASP A 1 124 ? 2.548   3.967   -18.270 1.00 43.70 ? 124 ASP A CG    1 
ATOM   1025 O OD1   . ASP A 1 124 ? 3.023   2.947   -18.812 1.00 44.46 ? 124 ASP A OD1   1 
ATOM   1026 O OD2   . ASP A 1 124 ? 3.039   5.109   -18.423 1.00 48.54 ? 124 ASP A OD2   1 
ATOM   1027 N N     . SER A 1 125 ? 4.047   3.259   -15.504 1.00 33.82 ? 125 SER A N     1 
ATOM   1028 C CA    . SER A 1 125 ? 5.272   3.700   -14.860 1.00 37.49 ? 125 SER A CA    1 
ATOM   1029 C C     . SER A 1 125 ? 5.720   5.075   -15.338 1.00 41.84 ? 125 SER A C     1 
ATOM   1030 O O     . SER A 1 125 ? 6.548   5.717   -14.700 1.00 39.00 ? 125 SER A O     1 
ATOM   1031 C CB    . SER A 1 125 ? 6.394   2.668   -15.054 1.00 41.26 ? 125 SER A CB    1 
ATOM   1032 O OG    . SER A 1 125 ? 6.735   2.512   -16.421 1.00 44.89 ? 125 SER A OG    1 
ATOM   1033 N N     . GLU A 1 126 ? 5.156   5.533   -16.450 1.00 40.71 ? 126 GLU A N     1 
ATOM   1034 C CA    . GLU A 1 126 ? 5.606   6.781   -17.054 1.00 43.09 ? 126 GLU A CA    1 
ATOM   1035 C C     . GLU A 1 126 ? 4.732   7.996   -16.712 1.00 43.58 ? 126 GLU A C     1 
ATOM   1036 O O     . GLU A 1 126 ? 5.013   9.099   -17.174 1.00 45.94 ? 126 GLU A O     1 
ATOM   1037 C CB    . GLU A 1 126 ? 5.729   6.620   -18.574 1.00 48.60 ? 126 GLU A CB    1 
ATOM   1038 C CG    . GLU A 1 126 ? 6.684   5.511   -18.987 1.00 47.43 ? 126 GLU A CG    1 
ATOM   1039 C CD    . GLU A 1 126 ? 8.090   5.744   -18.474 1.00 52.60 ? 126 GLU A CD    1 
ATOM   1040 O OE1   . GLU A 1 126 ? 8.666   6.802   -18.803 1.00 54.12 ? 126 GLU A OE1   1 
ATOM   1041 O OE2   . GLU A 1 126 ? 8.615   4.879   -17.734 1.00 53.59 ? 126 GLU A OE2   1 
ATOM   1042 N N     . GLU A 1 127 ? 3.685   7.807   -15.906 1.00 40.59 ? 127 GLU A N     1 
ATOM   1043 C CA    . GLU A 1 127 ? 2.876   8.937   -15.454 1.00 39.25 ? 127 GLU A CA    1 
ATOM   1044 C C     . GLU A 1 127 ? 3.691   9.860   -14.560 1.00 39.48 ? 127 GLU A C     1 
ATOM   1045 O O     . GLU A 1 127 ? 4.371   9.404   -13.640 1.00 38.55 ? 127 GLU A O     1 
ATOM   1046 C CB    . GLU A 1 127 ? 1.629   8.463   -14.702 1.00 32.65 ? 127 GLU A CB    1 
ATOM   1047 C CG    . GLU A 1 127 ? 0.744   7.521   -15.494 1.00 40.26 ? 127 GLU A CG    1 
ATOM   1048 C CD    . GLU A 1 127 ? -0.278  8.261   -16.339 1.00 48.12 ? 127 GLU A CD    1 
ATOM   1049 O OE1   . GLU A 1 127 ? -0.048  9.456   -16.649 1.00 41.04 ? 127 GLU A OE1   1 
ATOM   1050 O OE2   . GLU A 1 127 ? -1.310  7.642   -16.688 1.00 49.32 ? 127 GLU A OE2   1 
ATOM   1051 N N     . PRO A 1 128 ? 3.616   11.171  -14.822 1.00 40.90 ? 128 PRO A N     1 
ATOM   1052 C CA    . PRO A 1 128 ? 4.287   12.213  -14.033 1.00 41.67 ? 128 PRO A CA    1 
ATOM   1053 C C     . PRO A 1 128 ? 3.954   12.201  -12.534 1.00 39.60 ? 128 PRO A C     1 
ATOM   1054 O O     . PRO A 1 128 ? 4.755   12.673  -11.731 1.00 34.81 ? 128 PRO A O     1 
ATOM   1055 C CB    . PRO A 1 128 ? 3.790   13.525  -14.676 1.00 46.41 ? 128 PRO A CB    1 
ATOM   1056 C CG    . PRO A 1 128 ? 2.647   13.131  -15.575 1.00 41.97 ? 128 PRO A CG    1 
ATOM   1057 C CD    . PRO A 1 128 ? 2.954   11.734  -16.009 1.00 39.43 ? 128 PRO A CD    1 
ATOM   1058 N N     . GLU A 1 129 ? 2.795   11.673  -12.162 1.00 39.99 ? 129 GLU A N     1 
ATOM   1059 C CA    . GLU A 1 129 ? 2.454   11.539  -10.749 1.00 38.51 ? 129 GLU A CA    1 
ATOM   1060 C C     . GLU A 1 129 ? 3.444   10.658  -9.991  1.00 36.93 ? 129 GLU A C     1 
ATOM   1061 O O     . GLU A 1 129 ? 3.510   10.725  -8.764  1.00 32.66 ? 129 GLU A O     1 
ATOM   1062 C CB    . GLU A 1 129 ? 1.054   10.948  -10.573 1.00 39.20 ? 129 GLU A CB    1 
ATOM   1063 C CG    . GLU A 1 129 ? -0.075  11.876  -10.932 1.00 43.01 ? 129 GLU A CG    1 
ATOM   1064 C CD    . GLU A 1 129 ? -0.147  12.152  -12.413 1.00 43.14 ? 129 GLU A CD    1 
ATOM   1065 O OE1   . GLU A 1 129 ? 0.200   11.258  -13.216 1.00 42.89 ? 129 GLU A OE1   1 
ATOM   1066 O OE2   . GLU A 1 129 ? -0.547  13.273  -12.767 1.00 45.31 ? 129 GLU A OE2   1 
ATOM   1067 N N     . LEU A 1 130 ? 4.200   9.828   -10.711 1.00 35.85 ? 130 LEU A N     1 
ATOM   1068 C CA    . LEU A 1 130 ? 5.085   8.867   -10.051 1.00 33.33 ? 130 LEU A CA    1 
ATOM   1069 C C     . LEU A 1 130 ? 6.504   9.401   -9.857  1.00 35.20 ? 130 LEU A C     1 
ATOM   1070 O O     . LEU A 1 130 ? 7.354   8.728   -9.275  1.00 34.73 ? 130 LEU A O     1 
ATOM   1071 C CB    . LEU A 1 130 ? 5.132   7.546   -10.821 1.00 32.59 ? 130 LEU A CB    1 
ATOM   1072 C CG    . LEU A 1 130 ? 3.818   6.884   -11.234 1.00 32.72 ? 130 LEU A CG    1 
ATOM   1073 C CD1   . LEU A 1 130 ? 4.089   5.564   -11.932 1.00 30.60 ? 130 LEU A CD1   1 
ATOM   1074 C CD2   . LEU A 1 130 ? 2.912   6.675   -10.022 1.00 32.18 ? 130 LEU A CD2   1 
ATOM   1075 N N     . ASN A 1 131 ? 6.752   10.613  -10.340 1.00 36.83 ? 131 ASN A N     1 
ATOM   1076 C CA    . ASN A 1 131 ? 8.106   11.150  -10.365 1.00 36.53 ? 131 ASN A CA    1 
ATOM   1077 C C     . ASN A 1 131 ? 8.671   11.409  -8.977  1.00 33.32 ? 131 ASN A C     1 
ATOM   1078 O O     . ASN A 1 131 ? 9.867   11.242  -8.754  1.00 36.54 ? 131 ASN A O     1 
ATOM   1079 C CB    . ASN A 1 131 ? 8.173   12.393  -11.254 1.00 38.79 ? 131 ASN A CB    1 
ATOM   1080 C CG    . ASN A 1 131 ? 7.931   12.065  -12.721 1.00 42.36 ? 131 ASN A CG    1 
ATOM   1081 O OD1   . ASN A 1 131 ? 7.988   10.896  -13.125 1.00 41.20 ? 131 ASN A OD1   1 
ATOM   1082 N ND2   . ASN A 1 131 ? 7.672   13.087  -13.523 1.00 41.94 ? 131 ASN A ND2   1 
ATOM   1083 N N     . GLU A 1 132 ? 7.813   11.794  -8.038  1.00 32.51 ? 132 GLU A N     1 
ATOM   1084 C CA    . GLU A 1 132 ? 8.269   12.000  -6.667  1.00 34.75 ? 132 GLU A CA    1 
ATOM   1085 C C     . GLU A 1 132 ? 8.671   10.680  -6.026  1.00 34.25 ? 132 GLU A C     1 
ATOM   1086 O O     . GLU A 1 132 ? 9.696   10.596  -5.357  1.00 33.76 ? 132 GLU A O     1 
ATOM   1087 C CB    . GLU A 1 132 ? 7.205   12.688  -5.811  1.00 35.96 ? 132 GLU A CB    1 
ATOM   1088 C CG    . GLU A 1 132 ? 6.686   13.986  -6.381  1.00 42.37 ? 132 GLU A CG    1 
ATOM   1089 C CD    . GLU A 1 132 ? 7.798   14.909  -6.828  1.00 51.84 ? 132 GLU A CD    1 
ATOM   1090 O OE1   . GLU A 1 132 ? 8.652   15.277  -5.990  1.00 53.06 ? 132 GLU A OE1   1 
ATOM   1091 O OE2   . GLU A 1 132 ? 7.817   15.270  -8.026  1.00 59.94 ? 132 GLU A OE2   1 
ATOM   1092 N N     . ILE A 1 133 ? 7.859   9.646   -6.231  1.00 32.20 ? 133 ILE A N     1 
ATOM   1093 C CA    . ILE A 1 133 ? 8.204   8.304   -5.757  1.00 29.81 ? 133 ILE A CA    1 
ATOM   1094 C C     . ILE A 1 133 ? 9.543   7.822   -6.323  1.00 33.33 ? 133 ILE A C     1 
ATOM   1095 O O     . ILE A 1 133 ? 10.395  7.322   -5.585  1.00 32.40 ? 133 ILE A O     1 
ATOM   1096 C CB    . ILE A 1 133 ? 7.090   7.294   -6.087  1.00 30.82 ? 133 ILE A CB    1 
ATOM   1097 C CG1   . ILE A 1 133 ? 5.975   7.395   -5.048  1.00 24.71 ? 133 ILE A CG1   1 
ATOM   1098 C CG2   . ILE A 1 133 ? 7.652   5.869   -6.176  1.00 25.71 ? 133 ILE A CG2   1 
ATOM   1099 C CD1   . ILE A 1 133 ? 4.636   6.917   -5.554  1.00 25.19 ? 133 ILE A CD1   1 
ATOM   1100 N N     . LYS A 1 134 ? 9.740   7.974   -7.626  1.00 31.05 ? 134 LYS A N     1 
ATOM   1101 C CA    . LYS A 1 134 ? 10.969  7.485   -8.252  1.00 37.87 ? 134 LYS A CA    1 
ATOM   1102 C C     . LYS A 1 134 ? 12.218  8.207   -7.740  1.00 36.31 ? 134 LYS A C     1 
ATOM   1103 O O     . LYS A 1 134 ? 13.249  7.578   -7.511  1.00 37.21 ? 134 LYS A O     1 
ATOM   1104 C CB    . LYS A 1 134 ? 10.881  7.565   -9.774  1.00 35.59 ? 134 LYS A CB    1 
ATOM   1105 C CG    . LYS A 1 134 ? 9.702   6.824   -10.345 1.00 35.69 ? 134 LYS A CG    1 
ATOM   1106 C CD    . LYS A 1 134 ? 9.895   6.607   -11.826 1.00 39.85 ? 134 LYS A CD    1 
ATOM   1107 C CE    . LYS A 1 134 ? 8.601   6.202   -12.492 1.00 37.05 ? 134 LYS A CE    1 
ATOM   1108 N NZ    . LYS A 1 134 ? 8.819   5.951   -13.946 1.00 39.33 ? 134 LYS A NZ    1 
ATOM   1109 N N     . SER A 1 135 ? 12.129  9.518   -7.548  1.00 36.87 ? 135 SER A N     1 
ATOM   1110 C CA    . SER A 1 135 ? 13.291  10.260  -7.047  1.00 39.89 ? 135 SER A CA    1 
ATOM   1111 C C     . SER A 1 135 ? 13.598  9.934   -5.584  1.00 36.85 ? 135 SER A C     1 
ATOM   1112 O O     . SER A 1 135 ? 14.757  9.785   -5.209  1.00 41.12 ? 135 SER A O     1 
ATOM   1113 C CB    . SER A 1 135 ? 13.135  11.764  -7.255  1.00 35.67 ? 135 SER A CB    1 
ATOM   1114 O OG    . SER A 1 135 ? 12.108  12.284  -6.438  1.00 40.73 ? 135 SER A OG    1 
ATOM   1115 N N     . ARG A 1 136 ? 12.565  9.817   -4.758  1.00 34.68 ? 136 ARG A N     1 
ATOM   1116 C CA    . ARG A 1 136 ? 12.768  9.424   -3.372  1.00 32.72 ? 136 ARG A CA    1 
ATOM   1117 C C     . ARG A 1 136 ? 13.302  7.994   -3.274  1.00 35.36 ? 136 ARG A C     1 
ATOM   1118 O O     . ARG A 1 136 ? 14.084  7.673   -2.374  1.00 37.26 ? 136 ARG A O     1 
ATOM   1119 C CB    . ARG A 1 136 ? 11.482  9.580   -2.554  1.00 32.07 ? 136 ARG A CB    1 
ATOM   1120 C CG    . ARG A 1 136 ? 11.159  11.021  -2.138  1.00 28.62 ? 136 ARG A CG    1 
ATOM   1121 C CD    . ARG A 1 136 ? 9.969   11.072  -1.175  1.00 25.96 ? 136 ARG A CD    1 
ATOM   1122 N NE    . ARG A 1 136 ? 8.816   10.340  -1.710  1.00 29.17 ? 136 ARG A NE    1 
ATOM   1123 C CZ    . ARG A 1 136 ? 7.802   10.896  -2.364  1.00 30.04 ? 136 ARG A CZ    1 
ATOM   1124 N NH1   . ARG A 1 136 ? 7.772   12.205  -2.563  1.00 28.31 ? 136 ARG A NH1   1 
ATOM   1125 N NH2   . ARG A 1 136 ? 6.813   10.137  -2.821  1.00 27.17 ? 136 ARG A NH2   1 
ATOM   1126 N N     . LYS A 1 137 ? 12.885  7.136   -4.201  1.00 32.40 ? 137 LYS A N     1 
ATOM   1127 C CA    . LYS A 1 137 ? 13.364  5.758   -4.227  1.00 35.85 ? 137 LYS A CA    1 
ATOM   1128 C C     . LYS A 1 137 ? 14.881  5.687   -4.386  1.00 39.01 ? 137 LYS A C     1 
ATOM   1129 O O     . LYS A 1 137 ? 15.539  4.862   -3.759  1.00 41.48 ? 137 LYS A O     1 
ATOM   1130 C CB    . LYS A 1 137 ? 12.685  4.954   -5.333  1.00 34.71 ? 137 LYS A CB    1 
ATOM   1131 C CG    . LYS A 1 137 ? 13.180  3.518   -5.418  1.00 34.82 ? 137 LYS A CG    1 
ATOM   1132 C CD    . LYS A 1 137 ? 12.373  2.687   -6.408  1.00 40.70 ? 137 LYS A CD    1 
ATOM   1133 C CE    . LYS A 1 137 ? 12.869  1.242   -6.410  1.00 44.36 ? 137 LYS A CE    1 
ATOM   1134 N NZ    . LYS A 1 137 ? 12.138  0.381   -7.375  1.00 46.01 ? 137 LYS A NZ    1 
ATOM   1135 N N     . ARG A 1 138 ? 15.433  6.552   -5.223  1.00 36.89 ? 138 ARG A N     1 
ATOM   1136 C CA    . ARG A 1 138 ? 16.879  6.585   -5.423  1.00 43.45 ? 138 ARG A CA    1 
ATOM   1137 C C     . ARG A 1 138 ? 17.672  6.772   -4.116  1.00 45.99 ? 138 ARG A C     1 
ATOM   1138 O O     . ARG A 1 138 ? 18.830  6.366   -4.020  1.00 48.26 ? 138 ARG A O     1 
ATOM   1139 C CB    . ARG A 1 138 ? 17.251  7.669   -6.441  1.00 44.51 ? 138 ARG A CB    1 
ATOM   1140 C CG    . ARG A 1 138 ? 16.645  7.444   -7.820  1.00 44.66 ? 138 ARG A CG    1 
ATOM   1141 C CD    . ARG A 1 138 ? 17.336  8.287   -8.883  1.00 50.75 ? 138 ARG A CD    1 
ATOM   1142 N NE    . ARG A 1 138 ? 17.030  9.709   -8.746  1.00 60.75 ? 138 ARG A NE    1 
ATOM   1143 C CZ    . ARG A 1 138 ? 16.052  10.331  -9.399  1.00 61.37 ? 138 ARG A CZ    1 
ATOM   1144 N NH1   . ARG A 1 138 ? 15.275  9.659   -10.246 1.00 52.70 ? 138 ARG A NH1   1 
ATOM   1145 N NH2   . ARG A 1 138 ? 15.848  11.631  -9.205  1.00 62.41 ? 138 ARG A NH2   1 
ATOM   1146 N N     . LEU A 1 139 ? 17.048  7.379   -3.109  1.00 43.46 ? 139 LEU A N     1 
ATOM   1147 C CA    . LEU A 1 139 ? 17.736  7.641   -1.847  1.00 42.46 ? 139 LEU A CA    1 
ATOM   1148 C C     . LEU A 1 139 ? 17.911  6.367   -1.026  1.00 46.00 ? 139 LEU A C     1 
ATOM   1149 O O     . LEU A 1 139 ? 18.825  6.277   -0.211  1.00 45.71 ? 139 LEU A O     1 
ATOM   1150 C CB    . LEU A 1 139 ? 16.978  8.672   -1.009  1.00 39.63 ? 139 LEU A CB    1 
ATOM   1151 C CG    . LEU A 1 139 ? 16.625  10.041  -1.590  1.00 45.82 ? 139 LEU A CG    1 
ATOM   1152 C CD1   . LEU A 1 139 ? 15.911  10.861  -0.530  1.00 45.63 ? 139 LEU A CD1   1 
ATOM   1153 C CD2   . LEU A 1 139 ? 17.854  10.778  -2.106  1.00 44.30 ? 139 LEU A CD2   1 
ATOM   1154 N N     . TYR A 1 140 ? 17.037  5.386   -1.234  1.00 39.25 ? 140 TYR A N     1 
ATOM   1155 C CA    . TYR A 1 140 ? 17.041  4.199   -0.386  1.00 40.73 ? 140 TYR A CA    1 
ATOM   1156 C C     . TYR A 1 140 ? 17.493  2.940   -1.111  1.00 52.13 ? 140 TYR A C     1 
ATOM   1157 O O     . TYR A 1 140 ? 17.263  1.819   -0.634  1.00 56.29 ? 140 TYR A O     1 
ATOM   1158 C CB    . TYR A 1 140 ? 15.671  4.007   0.278   1.00 37.43 ? 140 TYR A CB    1 
ATOM   1159 C CG    . TYR A 1 140 ? 15.204  5.269   0.970   1.00 33.22 ? 140 TYR A CG    1 
ATOM   1160 C CD1   . TYR A 1 140 ? 15.721  5.630   2.199   1.00 31.49 ? 140 TYR A CD1   1 
ATOM   1161 C CD2   . TYR A 1 140 ? 14.292  6.117   0.371   1.00 32.79 ? 140 TYR A CD2   1 
ATOM   1162 C CE1   . TYR A 1 140 ? 15.322  6.787   2.830   1.00 33.87 ? 140 TYR A CE1   1 
ATOM   1163 C CE2   . TYR A 1 140 ? 13.885  7.285   0.991   1.00 35.02 ? 140 TYR A CE2   1 
ATOM   1164 C CZ    . TYR A 1 140 ? 14.406  7.613   2.226   1.00 30.49 ? 140 TYR A CZ    1 
ATOM   1165 O OH    . TYR A 1 140 ? 14.019  8.768   2.873   1.00 33.47 ? 140 TYR A OH    1 
ATOM   1166 N N     . VAL A 1 141 ? 18.144  3.139   -2.255  1.00 54.66 ? 141 VAL A N     1 
ATOM   1167 C CA    . VAL A 1 141 ? 18.662  2.031   -3.057  1.00 59.48 ? 141 VAL A CA    1 
ATOM   1168 C C     . VAL A 1 141 ? 20.118  2.287   -3.461  1.00 64.90 ? 141 VAL A C     1 
ATOM   1169 O O     . VAL A 1 141 ? 20.645  3.393   -3.294  1.00 59.09 ? 141 VAL A O     1 
ATOM   1170 C CB    . VAL A 1 141 ? 17.821  1.799   -4.326  1.00 56.41 ? 141 VAL A CB    1 
ATOM   1171 C CG1   . VAL A 1 141 ? 18.276  2.747   -5.435  1.00 51.96 ? 141 VAL A CG1   1 
ATOM   1172 C CG2   . VAL A 1 141 ? 17.929  0.352   -4.781  1.00 60.15 ? 141 VAL A CG2   1 
ATOM   1173 O "O5'" . DG  B 2 1   ? -14.244 -9.271  11.102  1.00 52.09 ? 1   DG  B "O5'" 1 
ATOM   1174 C "C5'" . DG  B 2 1   ? -15.091 -10.412 11.065  1.00 55.79 ? 1   DG  B "C5'" 1 
ATOM   1175 C "C4'" . DG  B 2 1   ? -14.605 -11.425 10.043  1.00 50.11 ? 1   DG  B "C4'" 1 
ATOM   1176 O "O4'" . DG  B 2 1   ? -14.896 -10.950 8.705   1.00 46.84 ? 1   DG  B "O4'" 1 
ATOM   1177 C "C3'" . DG  B 2 1   ? -13.109 -11.689 10.066  1.00 44.33 ? 1   DG  B "C3'" 1 
ATOM   1178 O "O3'" . DG  B 2 1   ? -12.865 -13.031 9.698   1.00 54.58 ? 1   DG  B "O3'" 1 
ATOM   1179 C "C2'" . DG  B 2 1   ? -12.582 -10.718 9.017   1.00 41.95 ? 1   DG  B "C2'" 1 
ATOM   1180 C "C1'" . DG  B 2 1   ? -13.701 -10.746 7.984   1.00 39.41 ? 1   DG  B "C1'" 1 
ATOM   1181 N N9    . DG  B 2 1   ? -13.842 -9.514  7.217   1.00 32.17 ? 1   DG  B N9    1 
ATOM   1182 C C8    . DG  B 2 1   ? -13.556 -8.239  7.633   1.00 29.47 ? 1   DG  B C8    1 
ATOM   1183 N N7    . DG  B 2 1   ? -13.787 -7.334  6.727   1.00 29.98 ? 1   DG  B N7    1 
ATOM   1184 C C5    . DG  B 2 1   ? -14.257 -8.053  5.639   1.00 29.22 ? 1   DG  B C5    1 
ATOM   1185 C C6    . DG  B 2 1   ? -14.672 -7.609  4.363   1.00 25.20 ? 1   DG  B C6    1 
ATOM   1186 O O6    . DG  B 2 1   ? -14.706 -6.455  3.923   1.00 27.19 ? 1   DG  B O6    1 
ATOM   1187 N N1    . DG  B 2 1   ? -15.077 -8.665  3.558   1.00 22.74 ? 1   DG  B N1    1 
ATOM   1188 C C2    . DG  B 2 1   ? -15.081 -9.981  3.935   1.00 24.96 ? 1   DG  B C2    1 
ATOM   1189 N N2    . DG  B 2 1   ? -15.507 -10.856 3.018   1.00 22.29 ? 1   DG  B N2    1 
ATOM   1190 N N3    . DG  B 2 1   ? -14.696 -10.412 5.126   1.00 30.19 ? 1   DG  B N3    1 
ATOM   1191 C C4    . DG  B 2 1   ? -14.298 -9.396  5.925   1.00 28.14 ? 1   DG  B C4    1 
ATOM   1192 P P     . DG  B 2 2   ? -11.586 -13.792 10.274  1.00 58.80 ? 2   DG  B P     1 
ATOM   1193 O OP1   . DG  B 2 2   ? -11.906 -15.228 10.336  1.00 62.29 ? 2   DG  B OP1   1 
ATOM   1194 O OP2   . DG  B 2 2   ? -11.140 -13.077 11.484  1.00 52.29 ? 2   DG  B OP2   1 
ATOM   1195 O "O5'" . DG  B 2 2   ? -10.515 -13.554 9.123   1.00 51.93 ? 2   DG  B "O5'" 1 
ATOM   1196 C "C5'" . DG  B 2 2   ? -9.571  -14.557 8.827   1.00 56.95 ? 2   DG  B "C5'" 1 
ATOM   1197 C "C4'" . DG  B 2 2   ? -8.174  -13.975 8.862   1.00 58.38 ? 2   DG  B "C4'" 1 
ATOM   1198 O "O4'" . DG  B 2 2   ? -8.179  -12.691 8.200   1.00 52.46 ? 2   DG  B "O4'" 1 
ATOM   1199 C "C3'" . DG  B 2 2   ? -7.639  -13.652 10.246  1.00 59.73 ? 2   DG  B "C3'" 1 
ATOM   1200 O "O3'" . DG  B 2 2   ? -7.136  -14.824 10.871  1.00 69.95 ? 2   DG  B "O3'" 1 
ATOM   1201 C "C2'" . DG  B 2 2   ? -6.525  -12.673 9.898   1.00 53.51 ? 2   DG  B "C2'" 1 
ATOM   1202 C "C1'" . DG  B 2 2   ? -7.126  -11.907 8.722   1.00 48.75 ? 2   DG  B "C1'" 1 
ATOM   1203 N N9    . DG  B 2 2   ? -7.658  -10.601 9.087   1.00 42.82 ? 2   DG  B N9    1 
ATOM   1204 C C8    . DG  B 2 2   ? -8.934  -10.297 9.484   1.00 35.93 ? 2   DG  B C8    1 
ATOM   1205 N N7    . DG  B 2 2   ? -9.105  -9.034  9.741   1.00 33.83 ? 2   DG  B N7    1 
ATOM   1206 C C5    . DG  B 2 2   ? -7.864  -8.463  9.499   1.00 35.22 ? 2   DG  B C5    1 
ATOM   1207 C C6    . DG  B 2 2   ? -7.431  -7.122  9.607   1.00 34.51 ? 2   DG  B C6    1 
ATOM   1208 O O6    . DG  B 2 2   ? -8.081  -6.129  9.949   1.00 30.66 ? 2   DG  B O6    1 
ATOM   1209 N N1    . DG  B 2 2   ? -6.092  -6.986  9.269   1.00 30.79 ? 2   DG  B N1    1 
ATOM   1210 C C2    . DG  B 2 2   ? -5.271  -8.009  8.876   1.00 37.94 ? 2   DG  B C2    1 
ATOM   1211 N N2    . DG  B 2 2   ? -4.007  -7.685  8.587   1.00 36.90 ? 2   DG  B N2    1 
ATOM   1212 N N3    . DG  B 2 2   ? -5.661  -9.267  8.771   1.00 39.87 ? 2   DG  B N3    1 
ATOM   1213 C C4    . DG  B 2 2   ? -6.964  -9.418  9.098   1.00 39.44 ? 2   DG  B C4    1 
ATOM   1214 P P     . DT  B 2 3   ? -6.610  -14.798 12.382  1.00 72.23 ? 3   DT  B P     1 
ATOM   1215 O OP1   . DT  B 2 3   ? -7.282  -15.887 13.119  1.00 69.74 ? 3   DT  B OP1   1 
ATOM   1216 O OP2   . DT  B 2 3   ? -6.675  -13.421 12.906  1.00 62.28 ? 3   DT  B OP2   1 
ATOM   1217 O "O5'" . DT  B 2 3   ? -5.078  -15.194 12.189  1.00 67.60 ? 3   DT  B "O5'" 1 
ATOM   1218 C "C5'" . DT  B 2 3   ? -4.097  -14.637 13.045  1.00 63.31 ? 3   DT  B "C5'" 1 
ATOM   1219 C "C4'" . DT  B 2 3   ? -2.969  -14.034 12.235  1.00 55.87 ? 3   DT  B "C4'" 1 
ATOM   1220 O "O4'" . DT  B 2 3   ? -3.526  -13.240 11.159  1.00 54.72 ? 3   DT  B "O4'" 1 
ATOM   1221 C "C3'" . DT  B 2 3   ? -2.086  -13.058 12.994  1.00 53.55 ? 3   DT  B "C3'" 1 
ATOM   1222 O "O3'" . DT  B 2 3   ? -1.100  -13.726 13.778  1.00 59.47 ? 3   DT  B "O3'" 1 
ATOM   1223 C "C2'" . DT  B 2 3   ? -1.489  -12.291 11.825  1.00 53.96 ? 3   DT  B "C2'" 1 
ATOM   1224 C "C1'" . DT  B 2 3   ? -2.759  -12.063 11.012  1.00 50.84 ? 3   DT  B "C1'" 1 
ATOM   1225 N N1    . DT  B 2 3   ? -3.533  -10.894 11.504  1.00 45.90 ? 3   DT  B N1    1 
ATOM   1226 C C2    . DT  B 2 3   ? -2.980  -9.642  11.370  1.00 46.12 ? 3   DT  B C2    1 
ATOM   1227 O O2    . DT  B 2 3   ? -1.892  -9.443  10.867  1.00 41.84 ? 3   DT  B O2    1 
ATOM   1228 N N3    . DT  B 2 3   ? -3.752  -8.619  11.847  1.00 46.31 ? 3   DT  B N3    1 
ATOM   1229 C C4    . DT  B 2 3   ? -4.994  -8.724  12.433  1.00 45.42 ? 3   DT  B C4    1 
ATOM   1230 O O4    . DT  B 2 3   ? -5.605  -7.743  12.826  1.00 47.53 ? 3   DT  B O4    1 
ATOM   1231 C C5    . DT  B 2 3   ? -5.519  -10.059 12.544  1.00 49.40 ? 3   DT  B C5    1 
ATOM   1232 C C7    . DT  B 2 3   ? -6.918  -10.270 13.040  1.00 45.09 ? 3   DT  B C7    1 
ATOM   1233 C C6    . DT  B 2 3   ? -4.771  -11.070 12.082  1.00 46.83 ? 3   DT  B C6    1 
ATOM   1234 P P     . DT  B 2 4   ? -0.226  -14.931 13.207  1.00 54.26 ? 4   DT  B P     1 
ATOM   1235 O OP1   . DT  B 2 4   ? -0.954  -15.550 12.086  1.00 63.27 ? 4   DT  B OP1   1 
ATOM   1236 O OP2   . DT  B 2 4   ? 0.209   -15.746 14.356  1.00 58.30 ? 4   DT  B OP2   1 
ATOM   1237 O "O5'" . DT  B 2 4   ? 1.044   -14.173 12.632  1.00 53.82 ? 4   DT  B "O5'" 1 
ATOM   1238 C "C5'" . DT  B 2 4   ? 1.118   -12.784 12.845  1.00 55.18 ? 4   DT  B "C5'" 1 
ATOM   1239 C "C4'" . DT  B 2 4   ? 1.995   -12.131 11.805  1.00 50.51 ? 4   DT  B "C4'" 1 
ATOM   1240 O "O4'" . DT  B 2 4   ? 1.329   -10.944 11.321  1.00 44.53 ? 4   DT  B "O4'" 1 
ATOM   1241 C "C3'" . DT  B 2 4   ? 3.326   -11.641 12.346  1.00 47.69 ? 4   DT  B "C3'" 1 
ATOM   1242 O "O3'" . DT  B 2 4   ? 4.251   -11.528 11.292  1.00 46.80 ? 4   DT  B "O3'" 1 
ATOM   1243 C "C2'" . DT  B 2 4   ? 2.961   -10.278 12.914  1.00 47.56 ? 4   DT  B "C2'" 1 
ATOM   1244 C "C1'" . DT  B 2 4   ? 1.837   -9.813  11.992  1.00 46.61 ? 4   DT  B "C1'" 1 
ATOM   1245 N N1    . DT  B 2 4   ? 0.732   -9.159  12.735  1.00 43.65 ? 4   DT  B N1    1 
ATOM   1246 C C2    . DT  B 2 4   ? 0.536   -7.811  12.559  1.00 45.79 ? 4   DT  B C2    1 
ATOM   1247 O O2    . DT  B 2 4   ? 1.220   -7.133  11.820  1.00 47.88 ? 4   DT  B O2    1 
ATOM   1248 N N3    . DT  B 2 4   ? -0.497  -7.286  13.284  1.00 42.70 ? 4   DT  B N3    1 
ATOM   1249 C C4    . DT  B 2 4   ? -1.332  -7.958  14.149  1.00 44.44 ? 4   DT  B C4    1 
ATOM   1250 O O4    . DT  B 2 4   ? -2.232  -7.390  14.753  1.00 48.16 ? 4   DT  B O4    1 
ATOM   1251 C C5    . DT  B 2 4   ? -1.068  -9.366  14.292  1.00 46.85 ? 4   DT  B C5    1 
ATOM   1252 C C7    . DT  B 2 4   ? -1.783  -10.150 15.352  1.00 50.57 ? 4   DT  B C7    1 
ATOM   1253 C C6    . DT  B 2 4   ? -0.060  -9.894  13.588  1.00 44.24 ? 4   DT  B C6    1 
ATOM   1254 P P     . DA  B 2 5   ? 5.788   -11.848 11.555  1.00 51.92 ? 5   DA  B P     1 
ATOM   1255 O OP1   . DA  B 2 5   ? 6.017   -13.284 11.328  1.00 48.63 ? 5   DA  B OP1   1 
ATOM   1256 O OP2   . DA  B 2 5   ? 6.153   -11.217 12.837  1.00 53.68 ? 5   DA  B OP2   1 
ATOM   1257 O "O5'" . DA  B 2 5   ? 6.472   -11.065 10.352  1.00 47.43 ? 5   DA  B "O5'" 1 
ATOM   1258 C "C5'" . DA  B 2 5   ? 5.809   -11.060 9.105   1.00 39.34 ? 5   DA  B "C5'" 1 
ATOM   1259 C "C4'" . DA  B 2 5   ? 6.642   -10.334 8.076   1.00 36.04 ? 5   DA  B "C4'" 1 
ATOM   1260 O "O4'" . DA  B 2 5   ? 6.000   -9.086  7.743   1.00 29.44 ? 5   DA  B "O4'" 1 
ATOM   1261 C "C3'" . DA  B 2 5   ? 8.028   -9.941  8.549   1.00 31.93 ? 5   DA  B "C3'" 1 
ATOM   1262 O "O3'" . DA  B 2 5   ? 8.860   -9.755  7.423   1.00 31.27 ? 5   DA  B "O3'" 1 
ATOM   1263 C "C2'" . DA  B 2 5   ? 7.749   -8.630  9.274   1.00 32.52 ? 5   DA  B "C2'" 1 
ATOM   1264 C "C1'" . DA  B 2 5   ? 6.585   -8.039  8.481   1.00 32.44 ? 5   DA  B "C1'" 1 
ATOM   1265 N N9    . DA  B 2 5   ? 5.526   -7.466  9.303   1.00 34.79 ? 5   DA  B N9    1 
ATOM   1266 C C8    . DA  B 2 5   ? 5.144   -7.857  10.552  1.00 35.90 ? 5   DA  B C8    1 
ATOM   1267 N N7    . DA  B 2 5   ? 4.151   -7.161  11.044  1.00 34.94 ? 5   DA  B N7    1 
ATOM   1268 C C5    . DA  B 2 5   ? 3.860   -6.253  10.048  1.00 30.35 ? 5   DA  B C5    1 
ATOM   1269 C C6    . DA  B 2 5   ? 2.902   -5.230  9.954   1.00 33.88 ? 5   DA  B C6    1 
ATOM   1270 N N6    . DA  B 2 5   ? 2.030   -4.949  10.924  1.00 34.29 ? 5   DA  B N6    1 
ATOM   1271 N N1    . DA  B 2 5   ? 2.876   -4.508  8.819   1.00 33.01 ? 5   DA  B N1    1 
ATOM   1272 C C2    . DA  B 2 5   ? 3.752   -4.792  7.851   1.00 30.23 ? 5   DA  B C2    1 
ATOM   1273 N N3    . DA  B 2 5   ? 4.697   -5.727  7.825   1.00 27.54 ? 5   DA  B N3    1 
ATOM   1274 C C4    . DA  B 2 5   ? 4.696   -6.428  8.964   1.00 29.57 ? 5   DA  B C4    1 
ATOM   1275 P P     . DC  B 2 6   ? 10.127  -10.690 7.179   1.00 34.67 ? 6   DC  B P     1 
ATOM   1276 O OP1   . DC  B 2 6   ? 10.824  -10.840 8.467   1.00 42.38 ? 6   DC  B OP1   1 
ATOM   1277 O OP2   . DC  B 2 6   ? 10.841  -10.163 6.005   1.00 33.71 ? 6   DC  B OP2   1 
ATOM   1278 O "O5'" . DC  B 2 6   ? 9.502   -12.111 6.824   1.00 36.88 ? 6   DC  B "O5'" 1 
ATOM   1279 C "C5'" . DC  B 2 6   ? 9.309   -13.047 7.865   1.00 35.37 ? 6   DC  B "C5'" 1 
ATOM   1280 C "C4'" . DC  B 2 6   ? 9.151   -14.465 7.349   1.00 35.70 ? 6   DC  B "C4'" 1 
ATOM   1281 O "O4'" . DC  B 2 6   ? 7.768   -14.862 7.480   1.00 35.02 ? 6   DC  B "O4'" 1 
ATOM   1282 C "C3'" . DC  B 2 6   ? 9.477   -14.714 5.885   1.00 37.10 ? 6   DC  B "C3'" 1 
ATOM   1283 O "O3'" . DC  B 2 6   ? 9.771   -16.093 5.727   1.00 34.47 ? 6   DC  B "O3'" 1 
ATOM   1284 C "C2'" . DC  B 2 6   ? 8.160   -14.345 5.214   1.00 32.04 ? 6   DC  B "C2'" 1 
ATOM   1285 C "C1'" . DC  B 2 6   ? 7.157   -14.917 6.207   1.00 32.59 ? 6   DC  B "C1'" 1 
ATOM   1286 N N1    . DC  B 2 6   ? 5.885   -14.169 6.337   1.00 32.66 ? 6   DC  B N1    1 
ATOM   1287 C C2    . DC  B 2 6   ? 4.896   -14.704 7.158   1.00 35.39 ? 6   DC  B C2    1 
ATOM   1288 O O2    . DC  B 2 6   ? 5.124   -15.774 7.729   1.00 38.88 ? 6   DC  B O2    1 
ATOM   1289 N N3    . DC  B 2 6   ? 3.727   -14.040 7.303   1.00 33.00 ? 6   DC  B N3    1 
ATOM   1290 C C4    . DC  B 2 6   ? 3.540   -12.888 6.663   1.00 30.98 ? 6   DC  B C4    1 
ATOM   1291 N N4    . DC  B 2 6   ? 2.373   -12.266 6.839   1.00 30.60 ? 6   DC  B N4    1 
ATOM   1292 C C5    . DC  B 2 6   ? 4.540   -12.323 5.822   1.00 26.62 ? 6   DC  B C5    1 
ATOM   1293 C C6    . DC  B 2 6   ? 5.690   -12.990 5.688   1.00 28.34 ? 6   DC  B C6    1 
ATOM   1294 P P     . DG  B 2 7   ? 10.402  -16.641 4.379   1.00 29.25 ? 7   DG  B P     1 
ATOM   1295 O OP1   . DG  B 2 7   ? 11.506  -17.539 4.742   1.00 35.73 ? 7   DG  B OP1   1 
ATOM   1296 O OP2   . DG  B 2 7   ? 10.665  -15.494 3.496   1.00 36.03 ? 7   DG  B OP2   1 
ATOM   1297 O "O5'" . DG  B 2 7   ? 9.220   -17.499 3.739   1.00 28.27 ? 7   DG  B "O5'" 1 
ATOM   1298 C "C5'" . DG  B 2 7   ? 8.721   -18.648 4.400   1.00 30.85 ? 7   DG  B "C5'" 1 
ATOM   1299 C "C4'" . DG  B 2 7   ? 7.291   -18.955 3.985   1.00 28.86 ? 7   DG  B "C4'" 1 
ATOM   1300 O "O4'" . DG  B 2 7   ? 6.427   -17.869 4.379   1.00 27.91 ? 7   DG  B "O4'" 1 
ATOM   1301 C "C3'" . DG  B 2 7   ? 7.059   -19.122 2.490   1.00 27.48 ? 7   DG  B "C3'" 1 
ATOM   1302 O "O3'" . DG  B 2 7   ? 7.147   -20.495 2.145   1.00 28.79 ? 7   DG  B "O3'" 1 
ATOM   1303 C "C2'" . DG  B 2 7   ? 5.637   -18.611 2.269   1.00 26.64 ? 7   DG  B "C2'" 1 
ATOM   1304 C "C1'" . DG  B 2 7   ? 5.277   -17.889 3.566   1.00 24.23 ? 7   DG  B "C1'" 1 
ATOM   1305 N N9    . DG  B 2 7   ? 4.853   -16.515 3.335   1.00 24.10 ? 7   DG  B N9    1 
ATOM   1306 C C8    . DG  B 2 7   ? 5.553   -15.530 2.689   1.00 23.62 ? 7   DG  B C8    1 
ATOM   1307 N N7    . DG  B 2 7   ? 4.922   -14.398 2.629   1.00 25.02 ? 7   DG  B N7    1 
ATOM   1308 C C5    . DG  B 2 7   ? 3.724   -14.646 3.275   1.00 26.08 ? 7   DG  B C5    1 
ATOM   1309 C C6    . DG  B 2 7   ? 2.627   -13.791 3.522   1.00 24.08 ? 7   DG  B C6    1 
ATOM   1310 O O6    . DG  B 2 7   ? 2.503   -12.606 3.203   1.00 24.50 ? 7   DG  B O6    1 
ATOM   1311 N N1    . DG  B 2 7   ? 1.610   -14.438 4.209   1.00 20.94 ? 7   DG  B N1    1 
ATOM   1312 C C2    . DG  B 2 7   ? 1.647   -15.751 4.606   1.00 24.11 ? 7   DG  B C2    1 
ATOM   1313 N N2    . DG  B 2 7   ? 0.574   -16.205 5.258   1.00 18.76 ? 7   DG  B N2    1 
ATOM   1314 N N3    . DG  B 2 7   ? 2.668   -16.565 4.383   1.00 23.86 ? 7   DG  B N3    1 
ATOM   1315 C C4    . DG  B 2 7   ? 3.665   -15.947 3.713   1.00 22.91 ? 7   DG  B C4    1 
ATOM   1316 P P     . DC  B 2 8   ? 8.069   -20.968 0.935   1.00 25.69 ? 8   DC  B P     1 
ATOM   1317 O OP1   . DC  B 2 8   ? 7.985   -22.437 0.877   1.00 25.13 ? 8   DC  B OP1   1 
ATOM   1318 O OP2   . DC  B 2 8   ? 9.373   -20.305 1.072   1.00 23.52 ? 8   DC  B OP2   1 
ATOM   1319 O "O5'" . DC  B 2 8   ? 7.363   -20.349 -0.351  1.00 22.55 ? 8   DC  B "O5'" 1 
ATOM   1320 C "C5'" . DC  B 2 8   ? 6.021   -20.662 -0.669  1.00 23.94 ? 8   DC  B "C5'" 1 
ATOM   1321 C "C4'" . DC  B 2 8   ? 5.458   -19.725 -1.725  1.00 24.78 ? 8   DC  B "C4'" 1 
ATOM   1322 O "O4'" . DC  B 2 8   ? 5.513   -18.363 -1.244  1.00 22.29 ? 8   DC  B "O4'" 1 
ATOM   1323 C "C3'" . DC  B 2 8   ? 6.189   -19.688 -3.058  1.00 27.66 ? 8   DC  B "C3'" 1 
ATOM   1324 O "O3'" . DC  B 2 8   ? 5.280   -19.271 -4.062  1.00 31.17 ? 8   DC  B "O3'" 1 
ATOM   1325 C "C2'" . DC  B 2 8   ? 7.243   -18.621 -2.794  1.00 23.71 ? 8   DC  B "C2'" 1 
ATOM   1326 C "C1'" . DC  B 2 8   ? 6.396   -17.606 -2.039  1.00 22.21 ? 8   DC  B "C1'" 1 
ATOM   1327 N N1    . DC  B 2 8   ? 7.141   -16.697 -1.130  1.00 27.28 ? 8   DC  B N1    1 
ATOM   1328 C C2    . DC  B 2 8   ? 6.905   -15.323 -1.197  1.00 27.37 ? 8   DC  B C2    1 
ATOM   1329 O O2    . DC  B 2 8   ? 6.094   -14.896 -2.020  1.00 30.39 ? 8   DC  B O2    1 
ATOM   1330 N N3    . DC  B 2 8   ? 7.577   -14.500 -0.359  1.00 26.46 ? 8   DC  B N3    1 
ATOM   1331 C C4    . DC  B 2 8   ? 8.443   -15.003 0.515   1.00 25.91 ? 8   DC  B C4    1 
ATOM   1332 N N4    . DC  B 2 8   ? 9.080   -14.153 1.319   1.00 25.95 ? 8   DC  B N4    1 
ATOM   1333 C C5    . DC  B 2 8   ? 8.693   -16.400 0.602   1.00 25.04 ? 8   DC  B C5    1 
ATOM   1334 C C6    . DC  B 2 8   ? 8.026   -17.203 -0.228  1.00 27.29 ? 8   DC  B C6    1 
ATOM   1335 P P     . DT  B 2 9   ? 4.974   -20.172 -5.341  1.00 29.57 ? 9   DT  B P     1 
ATOM   1336 O OP1   . DT  B 2 9   ? 6.088   -21.116 -5.520  1.00 30.32 ? 9   DT  B OP1   1 
ATOM   1337 O OP2   . DT  B 2 9   ? 4.608   -19.260 -6.434  1.00 31.58 ? 9   DT  B OP2   1 
ATOM   1338 O "O5'" . DT  B 2 9   ? 3.668   -20.978 -4.934  1.00 28.24 ? 9   DT  B "O5'" 1 
ATOM   1339 C "C5'" . DT  B 2 9   ? 3.721   -21.981 -3.946  1.00 27.53 ? 9   DT  B "C5'" 1 
ATOM   1340 C "C4'" . DT  B 2 9   ? 2.390   -22.066 -3.228  1.00 27.67 ? 9   DT  B "C4'" 1 
ATOM   1341 O "O4'" . DT  B 2 9   ? 2.315   -21.002 -2.255  1.00 28.71 ? 9   DT  B "O4'" 1 
ATOM   1342 C "C3'" . DT  B 2 9   ? 1.165   -21.870 -4.110  1.00 32.31 ? 9   DT  B "C3'" 1 
ATOM   1343 O "O3'" . DT  B 2 9   ? 0.740   -23.113 -4.624  1.00 38.03 ? 9   DT  B "O3'" 1 
ATOM   1344 C "C2'" . DT  B 2 9   ? 0.132   -21.325 -3.136  1.00 31.95 ? 9   DT  B "C2'" 1 
ATOM   1345 C "C1'" . DT  B 2 9   ? 0.979   -20.568 -2.119  1.00 25.43 ? 9   DT  B "C1'" 1 
ATOM   1346 N N1    . DT  B 2 9   ? 0.918   -19.097 -2.304  1.00 23.57 ? 9   DT  B N1    1 
ATOM   1347 C C2    . DT  B 2 9   ? -0.094  -18.406 -1.685  1.00 20.50 ? 9   DT  B C2    1 
ATOM   1348 O O2    . DT  B 2 9   ? -0.936  -18.938 -0.998  1.00 20.24 ? 9   DT  B O2    1 
ATOM   1349 N N3    . DT  B 2 9   ? -0.081  -17.058 -1.904  1.00 23.36 ? 9   DT  B N3    1 
ATOM   1350 C C4    . DT  B 2 9   ? 0.825   -16.351 -2.661  1.00 22.56 ? 9   DT  B C4    1 
ATOM   1351 O O4    . DT  B 2 9   ? 0.749   -15.141 -2.798  1.00 22.79 ? 9   DT  B O4    1 
ATOM   1352 C C5    . DT  B 2 9   ? 1.860   -17.133 -3.283  1.00 26.86 ? 9   DT  B C5    1 
ATOM   1353 C C7    . DT  B 2 9   ? 2.946   -16.450 -4.057  1.00 24.92 ? 9   DT  B C7    1 
ATOM   1354 C C6    . DT  B 2 9   ? 1.857   -18.456 -3.080  1.00 22.33 ? 9   DT  B C6    1 
HETATM 1355 O O     . HOH C 3 .   ? 1.301   -2.106  7.876   1.00 18.92 ? 201 HOH A O     1 
HETATM 1356 O O     . HOH C 3 .   ? -3.632  -12.213 1.309   1.00 18.60 ? 202 HOH A O     1 
HETATM 1357 O O     . HOH C 3 .   ? -6.887  -10.539 -11.188 1.00 18.74 ? 203 HOH A O     1 
HETATM 1358 O O     . HOH C 3 .   ? 4.305   10.519  -4.203  1.00 21.84 ? 204 HOH A O     1 
HETATM 1359 O O     . HOH C 3 .   ? 9.447   -0.760  4.589   1.00 19.22 ? 205 HOH A O     1 
HETATM 1360 O O     . HOH C 3 .   ? -11.827 -11.821 -0.281  1.00 23.98 ? 206 HOH A O     1 
HETATM 1361 O O     . HOH C 3 .   ? -5.778  11.541  1.239   1.00 28.93 ? 207 HOH A O     1 
HETATM 1362 O O     . HOH C 3 .   ? 2.671   9.020   -2.661  1.00 22.74 ? 208 HOH A O     1 
HETATM 1363 O O     . HOH C 3 .   ? 7.510   -11.613 -1.993  1.00 24.86 ? 209 HOH A O     1 
HETATM 1364 O O     . HOH C 3 .   ? 5.781   4.758   2.266   1.00 21.25 ? 210 HOH A O     1 
HETATM 1365 O O     . HOH C 3 .   ? 4.291   -12.721 -4.898  1.00 27.47 ? 211 HOH A O     1 
HETATM 1366 O O     . HOH C 3 .   ? 12.418  4.195   9.420   1.00 21.20 ? 212 HOH A O     1 
HETATM 1367 O O     . HOH C 3 .   ? 11.923  -5.843  -1.855  1.00 32.33 ? 213 HOH A O     1 
HETATM 1368 O O     . HOH C 3 .   ? 15.392  -8.767  3.762   1.00 32.10 ? 214 HOH A O     1 
HETATM 1369 O O     . HOH C 3 .   ? 7.614   -0.914  6.480   1.00 19.70 ? 215 HOH A O     1 
HETATM 1370 O O     . HOH C 3 .   ? -1.250  -10.551 -8.387  1.00 29.58 ? 216 HOH A O     1 
HETATM 1371 O O     . HOH C 3 .   ? -9.645  -14.841 -1.249  1.00 24.49 ? 217 HOH A O     1 
HETATM 1372 O O     . HOH C 3 .   ? 0.064   10.133  -2.876  1.00 24.28 ? 218 HOH A O     1 
HETATM 1373 O O     . HOH C 3 .   ? 15.860  0.909   2.519   1.00 24.44 ? 219 HOH A O     1 
HETATM 1374 O O     . HOH C 3 .   ? -10.255 -5.993  7.744   1.00 29.18 ? 220 HOH A O     1 
HETATM 1375 O O     . HOH C 3 .   ? 11.580  -7.215  9.572   1.00 27.82 ? 221 HOH A O     1 
HETATM 1376 O O     . HOH C 3 .   ? 8.688   -9.692  -0.481  1.00 23.10 ? 222 HOH A O     1 
HETATM 1377 O O     . HOH C 3 .   ? 3.994   -1.426  8.094   1.00 23.64 ? 223 HOH A O     1 
HETATM 1378 O O     . HOH C 3 .   ? -8.309  -0.089  14.418  1.00 27.55 ? 224 HOH A O     1 
HETATM 1379 O O     . HOH C 3 .   ? -7.888  4.129   -7.777  1.00 29.29 ? 225 HOH A O     1 
HETATM 1380 O O     . HOH C 3 .   ? 14.142  2.937   3.756   1.00 23.68 ? 226 HOH A O     1 
HETATM 1381 O O     . HOH C 3 .   ? 16.247  -7.333  13.281  1.00 35.03 ? 227 HOH A O     1 
HETATM 1382 O O     . HOH C 3 .   ? -16.497 1.806   -3.366  1.00 35.02 ? 228 HOH A O     1 
HETATM 1383 O O     . HOH C 3 .   ? -15.444 0.210   -4.837  1.00 28.92 ? 229 HOH A O     1 
HETATM 1384 O O     . HOH C 3 .   ? 7.648   -0.391  16.476  1.00 31.64 ? 230 HOH A O     1 
HETATM 1385 O O     . HOH C 3 .   ? -4.763  11.704  5.234   1.00 28.81 ? 231 HOH A O     1 
HETATM 1386 O O     . HOH C 3 .   ? -12.492 5.793   -6.636  1.00 34.44 ? 232 HOH A O     1 
HETATM 1387 O O     . HOH C 3 .   ? -1.129  -12.406 -14.448 1.00 39.42 ? 233 HOH A O     1 
HETATM 1388 O O     . HOH C 3 .   ? 10.261  10.403  4.876   1.00 33.07 ? 234 HOH A O     1 
HETATM 1389 O O     . HOH C 3 .   ? -12.923 -13.772 2.607   1.00 30.96 ? 235 HOH A O     1 
HETATM 1390 O O     . HOH C 3 .   ? -2.269  -17.699 3.635   1.00 27.99 ? 236 HOH A O     1 
HETATM 1391 O O     . HOH C 3 .   ? 11.661  9.868   2.574   1.00 29.68 ? 237 HOH A O     1 
HETATM 1392 O O     . HOH C 3 .   ? 3.225   -10.163 -7.750  1.00 28.82 ? 238 HOH A O     1 
HETATM 1393 O O     . HOH C 3 .   ? -2.018  -10.638 4.996   1.00 26.51 ? 239 HOH A O     1 
HETATM 1394 O O     . HOH C 3 .   ? 2.551   -0.046  -12.948 1.00 29.32 ? 240 HOH A O     1 
HETATM 1395 O O     . HOH C 3 .   ? 14.299  -10.984 -3.572  1.00 45.55 ? 241 HOH A O     1 
HETATM 1396 O O     . HOH C 3 .   ? -1.545  5.058   -16.283 1.00 40.90 ? 242 HOH A O     1 
HETATM 1397 O O     . HOH C 3 .   ? 7.590   12.958  3.888   1.00 34.13 ? 243 HOH A O     1 
HETATM 1398 O O     . HOH C 3 .   ? 4.072   6.839   17.505  1.00 43.60 ? 244 HOH A O     1 
HETATM 1399 O O     . HOH C 3 .   ? -10.824 2.548   10.406  1.00 30.53 ? 245 HOH A O     1 
HETATM 1400 O O     . HOH C 3 .   ? 1.073   10.946  9.626   1.00 28.54 ? 246 HOH A O     1 
HETATM 1401 O O     . HOH C 3 .   ? -0.528  -3.347  10.139  1.00 32.07 ? 247 HOH A O     1 
HETATM 1402 O O     . HOH C 3 .   ? -12.538 0.026   3.245   1.00 30.38 ? 248 HOH A O     1 
HETATM 1403 O O     . HOH C 3 .   ? -15.432 2.572   -7.233  1.00 30.58 ? 249 HOH A O     1 
HETATM 1404 O O     . HOH C 3 .   ? 7.890   11.650  8.059   1.00 37.81 ? 250 HOH A O     1 
HETATM 1405 O O     . HOH C 3 .   ? 1.348   8.619   11.624  1.00 32.18 ? 251 HOH A O     1 
HETATM 1406 O O     . HOH C 3 .   ? -20.613 -5.180  -0.524  1.00 41.42 ? 252 HOH A O     1 
HETATM 1407 O O     . HOH C 3 .   ? 6.645   -8.915  -10.772 1.00 39.33 ? 253 HOH A O     1 
HETATM 1408 O O     . HOH C 3 .   ? -9.292  11.456  -0.469  1.00 43.08 ? 254 HOH A O     1 
HETATM 1409 O O     . HOH C 3 .   ? 10.019  11.090  9.637   1.00 33.77 ? 255 HOH A O     1 
HETATM 1410 O O     . HOH C 3 .   ? -4.921  -19.790 1.108   1.00 30.75 ? 256 HOH A O     1 
HETATM 1411 O O     . HOH C 3 .   ? 2.963   13.004  -4.753  1.00 39.70 ? 257 HOH A O     1 
HETATM 1412 O O     . HOH C 3 .   ? 9.778   -5.378  -5.750  1.00 33.36 ? 258 HOH A O     1 
HETATM 1413 O O     . HOH C 3 .   ? -6.644  -13.858 -3.097  1.00 31.09 ? 259 HOH A O     1 
HETATM 1414 O O     . HOH C 3 .   ? 5.141   10.303  -6.796  1.00 32.33 ? 260 HOH A O     1 
HETATM 1415 O O     . HOH C 3 .   ? 9.773   -7.767  -2.153  1.00 29.33 ? 261 HOH A O     1 
HETATM 1416 O O     . HOH C 3 .   ? 2.016   -18.346 -6.829  1.00 28.56 ? 262 HOH A O     1 
HETATM 1417 O O     . HOH C 3 .   ? 8.946   -10.982 -3.807  1.00 40.58 ? 263 HOH A O     1 
HETATM 1418 O O     . HOH C 3 .   ? 0.604   13.030  -3.852  1.00 32.15 ? 264 HOH A O     1 
HETATM 1419 O O     . HOH C 3 .   ? 12.427  -4.158  -2.451  1.00 36.25 ? 265 HOH A O     1 
HETATM 1420 O O     . HOH C 3 .   ? -14.799 0.953   4.434   1.00 37.94 ? 266 HOH A O     1 
HETATM 1421 O O     . HOH C 3 .   ? -3.003  -13.064 -15.385 1.00 34.82 ? 267 HOH A O     1 
HETATM 1422 O O     . HOH C 3 .   ? -7.475  -0.511  17.184  1.00 36.26 ? 268 HOH A O     1 
HETATM 1423 O O     . HOH C 3 .   ? -6.696  -16.335 -4.684  1.00 34.89 ? 269 HOH A O     1 
HETATM 1424 O O     . HOH C 3 .   ? 1.781   -5.394  -14.218 1.00 34.75 ? 270 HOH A O     1 
HETATM 1425 O O     . HOH C 3 .   ? -25.867 4.415   5.746   1.00 43.83 ? 271 HOH A O     1 
HETATM 1426 O O     . HOH C 3 .   ? 9.230   -3.497  -6.420  1.00 34.92 ? 272 HOH A O     1 
HETATM 1427 O O     . HOH C 3 .   ? 11.799  -5.226  13.192  1.00 27.22 ? 273 HOH A O     1 
HETATM 1428 O O     . HOH C 3 .   ? 0.275   2.574   18.008  1.00 41.93 ? 274 HOH A O     1 
HETATM 1429 O O     . HOH C 3 .   ? -3.504  -1.477  -16.949 1.00 42.54 ? 275 HOH A O     1 
HETATM 1430 O O     . HOH C 3 .   ? -14.319 -12.945 -0.014  1.00 33.13 ? 276 HOH A O     1 
HETATM 1431 O O     . HOH C 3 .   ? 11.147  -0.235  -9.833  1.00 40.39 ? 277 HOH A O     1 
HETATM 1432 O O     . HOH C 3 .   ? 9.768   14.417  -2.818  1.00 40.02 ? 278 HOH A O     1 
HETATM 1433 O O     . HOH C 3 .   ? -7.413  12.252  3.434   1.00 41.13 ? 279 HOH A O     1 
HETATM 1434 O O     . HOH C 3 .   ? -18.792 -6.677  -1.839  1.00 37.09 ? 280 HOH A O     1 
HETATM 1435 O O     . HOH C 3 .   ? 2.563   12.971  -7.657  1.00 42.46 ? 281 HOH A O     1 
HETATM 1436 O O     . HOH C 3 .   ? 10.475  -5.301  15.976  1.00 38.84 ? 282 HOH A O     1 
HETATM 1437 O O     . HOH C 3 .   ? 9.221   -8.187  -5.480  1.00 39.62 ? 283 HOH A O     1 
HETATM 1438 O O     . HOH C 3 .   ? 5.882   -2.859  6.137   1.00 31.39 ? 284 HOH A O     1 
HETATM 1439 O O     . HOH C 3 .   ? -12.381 -15.057 -0.660  1.00 39.93 ? 285 HOH A O     1 
HETATM 1440 O O     . HOH C 3 .   ? 2.987   -15.719 -8.207  1.00 42.80 ? 286 HOH A O     1 
HETATM 1441 O O     . HOH C 3 .   ? -5.430  -14.497 4.292   1.00 38.05 ? 287 HOH A O     1 
HETATM 1442 O O     . HOH C 3 .   ? -21.944 -2.344  0.064   1.00 42.91 ? 288 HOH A O     1 
HETATM 1443 O O     . HOH C 3 .   ? 8.342   14.057  1.340   1.00 41.50 ? 289 HOH A O     1 
HETATM 1444 O O     . HOH C 3 .   ? 5.145   9.824   10.981  1.00 35.07 ? 290 HOH A O     1 
HETATM 1445 O O     . HOH C 3 .   ? -11.259 -17.036 -3.607  1.00 43.23 ? 291 HOH A O     1 
HETATM 1446 O O     . HOH C 3 .   ? 7.241   12.554  -15.986 1.00 46.85 ? 292 HOH A O     1 
HETATM 1447 O O     . HOH C 3 .   ? -20.422 -0.181  1.332   1.00 45.51 ? 293 HOH A O     1 
HETATM 1448 O O     . HOH C 3 .   ? 11.578  11.293  -11.214 1.00 42.94 ? 294 HOH A O     1 
HETATM 1449 O O     . HOH C 3 .   ? -1.788  -4.925  -16.703 1.00 39.09 ? 295 HOH A O     1 
HETATM 1450 O O     . HOH C 3 .   ? 9.080   -0.423  17.698  1.00 37.07 ? 296 HOH A O     1 
HETATM 1451 O O     . HOH C 3 .   ? -17.047 -1.961  -5.237  1.00 37.95 ? 297 HOH A O     1 
HETATM 1452 O O     . HOH C 3 .   ? 2.028   -13.552 -11.196 1.00 46.14 ? 298 HOH A O     1 
HETATM 1453 O O     . HOH D 3 .   ? 4.951   -12.522 -1.265  1.00 19.55 ? 101 HOH B O     1 
HETATM 1454 O O     . HOH D 3 .   ? 1.605   -13.194 -4.566  1.00 20.07 ? 102 HOH B O     1 
HETATM 1455 O O     . HOH D 3 .   ? -0.976  -13.685 4.998   1.00 23.41 ? 103 HOH B O     1 
HETATM 1456 O O     . HOH D 3 .   ? -1.197  -17.691 11.015  1.00 32.06 ? 104 HOH B O     1 
HETATM 1457 O O     . HOH D 3 .   ? 0.549   -11.003 3.885   1.00 26.53 ? 105 HOH B O     1 
HETATM 1458 O O     . HOH D 3 .   ? 8.688   -11.379 1.797   1.00 26.10 ? 106 HOH B O     1 
HETATM 1459 O O     . HOH D 3 .   ? 8.388   -10.306 4.149   1.00 26.59 ? 107 HOH B O     1 
HETATM 1460 O O     . HOH D 3 .   ? 0.984   -14.004 -7.403  1.00 27.97 ? 108 HOH B O     1 
HETATM 1461 O O     . HOH D 3 .   ? -0.140  -13.667 8.145   1.00 33.32 ? 109 HOH B O     1 
HETATM 1462 O O     . HOH D 3 .   ? 10.633  -19.729 -1.515  1.00 34.68 ? 110 HOH B O     1 
HETATM 1463 O O     . HOH D 3 .   ? 6.378   -14.777 -4.716  1.00 33.55 ? 111 HOH B O     1 
HETATM 1464 O O     . HOH D 3 .   ? 11.245  -18.817 6.842   1.00 34.85 ? 112 HOH B O     1 
HETATM 1465 O O     . HOH D 3 .   ? 5.234   -16.131 9.772   1.00 41.22 ? 113 HOH B O     1 
HETATM 1466 O O     . HOH D 3 .   ? -12.369 -5.791  9.478   1.00 35.64 ? 114 HOH B O     1 
HETATM 1467 O O     . HOH D 3 .   ? -0.241  -11.059 9.306   1.00 41.97 ? 115 HOH B O     1 
HETATM 1468 O O     . HOH D 3 .   ? 9.936   -24.367 -0.152  1.00 39.09 ? 116 HOH B O     1 
HETATM 1469 O O     . HOH D 3 .   ? -2.738  -18.173 12.293  1.00 40.31 ? 117 HOH B O     1 
HETATM 1470 O O     . HOH D 3 .   ? -1.243  -20.651 1.177   1.00 31.60 ? 118 HOH B O     1 
HETATM 1471 O O     . HOH D 3 .   ? 3.658   -18.338 7.116   1.00 34.84 ? 119 HOH B O     1 
HETATM 1472 O O     . HOH D 3 .   ? 8.426   -26.371 -1.165  1.00 42.73 ? 120 HOH B O     1 
HETATM 1473 O O     . HOH D 3 .   ? -11.407 -7.583  10.621  1.00 41.62 ? 121 HOH B O     1 
HETATM 1474 O O     . HOH D 3 .   ? -2.233  -9.686  7.811   1.00 43.38 ? 122 HOH B O     1 
HETATM 1475 O O     . HOH D 3 .   ? 8.826   -20.118 -5.722  1.00 39.26 ? 123 HOH B O     1 
HETATM 1476 O O     . HOH D 3 .   ? 6.223   -8.681  5.019   1.00 27.00 ? 124 HOH B O     1 
HETATM 1477 O O     . HOH D 3 .   ? 5.755   -16.786 -6.634  1.00 40.00 ? 125 HOH B O     1 
HETATM 1478 O O     . HOH D 3 .   ? -2.417  -23.052 0.008   1.00 38.32 ? 126 HOH B O     1 
HETATM 1479 O O     . HOH D 3 .   ? 6.083   -5.820  6.030   1.00 35.41 ? 127 HOH B O     1 
# 
loop_
_pdbx_poly_seq_scheme.asym_id 
_pdbx_poly_seq_scheme.entity_id 
_pdbx_poly_seq_scheme.seq_id 
_pdbx_poly_seq_scheme.mon_id 
_pdbx_poly_seq_scheme.ndb_seq_num 
_pdbx_poly_seq_scheme.pdb_seq_num 
_pdbx_poly_seq_scheme.auth_seq_num 
_pdbx_poly_seq_scheme.pdb_mon_id 
_pdbx_poly_seq_scheme.auth_mon_id 
_pdbx_poly_seq_scheme.pdb_strand_id 
_pdbx_poly_seq_scheme.pdb_ins_code 
_pdbx_poly_seq_scheme.hetero 
A 1 1   MET 1   1   ?   ?   ?   A . n 
A 1 2   SER 2   2   ?   ?   ?   A . n 
A 1 3   ASP 3   3   ?   ?   ?   A . n 
A 1 4   SER 4   4   4   SER SER A . n 
A 1 5   PHE 5   5   5   PHE PHE A . n 
A 1 6   SER 6   6   6   SER SER A . n 
A 1 7   LEU 7   7   7   LEU LEU A . n 
A 1 8   LEU 8   8   8   LEU LEU A . n 
A 1 9   SER 9   9   9   SER SER A . n 
A 1 10  GLN 10  10  10  GLN GLN A . n 
A 1 11  ILE 11  11  11  ILE ILE A . n 
A 1 12  THR 12  12  12  THR THR A . n 
A 1 13  PRO 13  13  13  PRO PRO A . n 
A 1 14  HIS 14  14  14  HIS HIS A . n 
A 1 15  GLN 15  15  15  GLN GLN A . n 
A 1 16  ARG 16  16  16  ARG ARG A . n 
A 1 17  CYS 17  17  17  CYS CYS A . n 
A 1 18  SER 18  18  18  SER SER A . n 
A 1 19  PHE 19  19  19  PHE PHE A . n 
A 1 20  TYR 20  20  20  TYR TYR A . n 
A 1 21  ALA 21  21  21  ALA ALA A . n 
A 1 22  GLN 22  22  22  GLN GLN A . n 
A 1 23  VAL 23  23  23  VAL VAL A . n 
A 1 24  ILE 24  24  24  ILE ILE A . n 
A 1 25  LYS 25  25  25  LYS LYS A . n 
A 1 26  THR 26  26  26  THR THR A . n 
A 1 27  TRP 27  27  27  TRP TRP A . n 
A 1 28  TYR 28  28  28  TYR TYR A . n 
A 1 29  SER 29  29  29  SER SER A . n 
A 1 30  ASP 30  30  30  ASP ASP A . n 
A 1 31  LYS 31  31  31  LYS LYS A . n 
A 1 32  ASN 32  32  32  ASN ASN A . n 
A 1 33  PHE 33  33  33  PHE PHE A . n 
A 1 34  THR 34  34  34  THR THR A . n 
A 1 35  LEU 35  35  35  LEU LEU A . n 
A 1 36  TYR 36  36  36  TYR TYR A . n 
A 1 37  VAL 37  37  37  VAL VAL A . n 
A 1 38  THR 38  38  38  THR THR A . n 
A 1 39  ASP 39  39  39  ASP ASP A . n 
A 1 40  TYR 40  40  40  TYR TYR A . n 
A 1 41  THR 41  41  41  THR THR A . n 
A 1 42  GLU 42  42  42  GLU GLU A . n 
A 1 43  ASN 43  43  43  ASN ASN A . n 
A 1 44  GLU 44  44  44  GLU GLU A . n 
A 1 45  LEU 45  45  45  LEU LEU A . n 
A 1 46  PHE 46  46  46  PHE PHE A . n 
A 1 47  PHE 47  47  47  PHE PHE A . n 
A 1 48  PRO 48  48  48  PRO PRO A . n 
A 1 49  MET 49  49  49  MET MET A . n 
A 1 50  SER 50  50  50  SER SER A . n 
A 1 51  PRO 51  51  51  PRO PRO A . n 
A 1 52  TYR 52  52  52  TYR TYR A . n 
A 1 53  THR 53  53  53  THR THR A . n 
A 1 54  SER 54  54  54  SER SER A . n 
A 1 55  SER 55  55  55  SER SER A . n 
A 1 56  SER 56  56  56  SER SER A . n 
A 1 57  ARG 57  57  57  ARG ARG A . n 
A 1 58  TRP 58  58  58  TRP TRP A . n 
A 1 59  ARG 59  59  59  ARG ARG A . n 
A 1 60  GLY 60  60  60  GLY GLY A . n 
A 1 61  PRO 61  61  61  PRO PRO A . n 
A 1 62  PHE 62  62  62  PHE PHE A . n 
A 1 63  GLY 63  63  63  GLY GLY A . n 
A 1 64  ARG 64  64  64  ARG ARG A . n 
A 1 65  PHE 65  65  65  PHE PHE A . n 
A 1 66  SER 66  66  66  SER SER A . n 
A 1 67  ILE 67  67  67  ILE ILE A . n 
A 1 68  ARG 68  68  68  ARG ARG A . n 
A 1 69  CYS 69  69  69  CYS CYS A . n 
A 1 70  ILE 70  70  70  ILE ILE A . n 
A 1 71  LEU 71  71  71  LEU LEU A . n 
A 1 72  TRP 72  72  72  TRP TRP A . n 
A 1 73  ASP 73  73  73  ASP ASP A . n 
A 1 74  GLU 74  74  74  GLU GLU A . n 
A 1 75  HIS 75  75  75  HIS HIS A . n 
A 1 76  ASP 76  76  76  ASP ASP A . n 
A 1 77  PHE 77  77  77  PHE PHE A . n 
A 1 78  TYR 78  78  78  TYR TYR A . n 
A 1 79  CYS 79  79  79  CYS CYS A . n 
A 1 80  ARG 80  80  80  ARG ARG A . n 
A 1 81  ASN 81  81  81  ASN ASN A . n 
A 1 82  TYR 82  82  82  TYR TYR A . n 
A 1 83  ILE 83  83  83  ILE ILE A . n 
A 1 84  LYS 84  84  84  LYS LYS A . n 
A 1 85  GLU 85  85  85  GLU GLU A . n 
A 1 86  GLY 86  86  86  GLY GLY A . n 
A 1 87  ASP 87  87  87  ASP ASP A . n 
A 1 88  TYR 88  88  88  TYR TYR A . n 
A 1 89  VAL 89  89  89  VAL VAL A . n 
A 1 90  VAL 90  90  90  VAL VAL A . n 
A 1 91  MET 91  91  91  MET MET A . n 
A 1 92  LYS 92  92  92  LYS LYS A . n 
A 1 93  ASN 93  93  93  ASN ASN A . n 
A 1 94  VAL 94  94  94  VAL VAL A . n 
A 1 95  ARG 95  95  95  ARG ARG A . n 
A 1 96  THR 96  96  96  THR THR A . n 
A 1 97  LYS 97  97  97  LYS LYS A . n 
A 1 98  ILE 98  98  98  ILE ILE A . n 
A 1 99  ASP 99  99  99  ASP ASP A . n 
A 1 100 HIS 100 100 100 HIS HIS A . n 
A 1 101 LEU 101 101 101 LEU LEU A . n 
A 1 102 GLY 102 102 102 GLY GLY A . n 
A 1 103 TYR 103 103 103 TYR TYR A . n 
A 1 104 LEU 104 104 104 LEU LEU A . n 
A 1 105 GLU 105 105 105 GLU GLU A . n 
A 1 106 CYS 106 106 106 CYS CYS A . n 
A 1 107 ILE 107 107 107 ILE ILE A . n 
A 1 108 LEU 108 108 108 LEU LEU A . n 
A 1 109 HIS 109 109 109 HIS HIS A . n 
A 1 110 GLY 110 110 110 GLY GLY A . n 
A 1 111 ASP 111 111 111 ASP ASP A . n 
A 1 112 SER 112 112 112 SER SER A . n 
A 1 113 ALA 113 113 113 ALA ALA A . n 
A 1 114 LYS 114 114 114 LYS LYS A . n 
A 1 115 ARG 115 115 115 ARG ARG A . n 
A 1 116 TYR 116 116 116 TYR TYR A . n 
A 1 117 ASN 117 117 117 ASN ASN A . n 
A 1 118 MET 118 118 118 MET MET A . n 
A 1 119 SER 119 119 119 SER SER A . n 
A 1 120 ILE 120 120 120 ILE ILE A . n 
A 1 121 GLU 121 121 121 GLU GLU A . n 
A 1 122 LYS 122 122 122 LYS LYS A . n 
A 1 123 VAL 123 123 123 VAL VAL A . n 
A 1 124 ASP 124 124 124 ASP ASP A . n 
A 1 125 SER 125 125 125 SER SER A . n 
A 1 126 GLU 126 126 126 GLU GLU A . n 
A 1 127 GLU 127 127 127 GLU GLU A . n 
A 1 128 PRO 128 128 128 PRO PRO A . n 
A 1 129 GLU 129 129 129 GLU GLU A . n 
A 1 130 LEU 130 130 130 LEU LEU A . n 
A 1 131 ASN 131 131 131 ASN ASN A . n 
A 1 132 GLU 132 132 132 GLU GLU A . n 
A 1 133 ILE 133 133 133 ILE ILE A . n 
A 1 134 LYS 134 134 134 LYS LYS A . n 
A 1 135 SER 135 135 135 SER SER A . n 
A 1 136 ARG 136 136 136 ARG ARG A . n 
A 1 137 LYS 137 137 137 LYS LYS A . n 
A 1 138 ARG 138 138 138 ARG ARG A . n 
A 1 139 LEU 139 139 139 LEU LEU A . n 
A 1 140 TYR 140 140 140 TYR TYR A . n 
A 1 141 VAL 141 141 141 VAL VAL A . n 
A 1 142 GLN 142 142 ?   ?   ?   A . n 
A 1 143 ASN 143 143 ?   ?   ?   A . n 
B 2 1   DG  1   1   1   DG  G   B . n 
B 2 2   DG  2   2   2   DG  G   B . n 
B 2 3   DT  3   3   3   DT  T   B . n 
B 2 4   DT  4   4   4   DT  T   B . n 
B 2 5   DA  5   5   5   DA  A   B . n 
B 2 6   DC  6   6   6   DC  C   B . n 
B 2 7   DG  7   7   7   DG  G   B . n 
B 2 8   DC  8   8   8   DC  C   B . n 
B 2 9   DT  9   9   9   DT  T   B . n 
# 
loop_
_pdbx_nonpoly_scheme.asym_id 
_pdbx_nonpoly_scheme.entity_id 
_pdbx_nonpoly_scheme.mon_id 
_pdbx_nonpoly_scheme.ndb_seq_num 
_pdbx_nonpoly_scheme.pdb_seq_num 
_pdbx_nonpoly_scheme.auth_seq_num 
_pdbx_nonpoly_scheme.pdb_mon_id 
_pdbx_nonpoly_scheme.auth_mon_id 
_pdbx_nonpoly_scheme.pdb_strand_id 
_pdbx_nonpoly_scheme.pdb_ins_code 
C 3 HOH 1  201 2   HOH HOH A . 
C 3 HOH 2  202 3   HOH HOH A . 
C 3 HOH 3  203 4   HOH HOH A . 
C 3 HOH 4  204 6   HOH HOH A . 
C 3 HOH 5  205 7   HOH HOH A . 
C 3 HOH 6  206 8   HOH HOH A . 
C 3 HOH 7  207 9   HOH HOH A . 
C 3 HOH 8  208 10  HOH HOH A . 
C 3 HOH 9  209 11  HOH HOH A . 
C 3 HOH 10 210 12  HOH HOH A . 
C 3 HOH 11 211 14  HOH HOH A . 
C 3 HOH 12 212 15  HOH HOH A . 
C 3 HOH 13 213 16  HOH HOH A . 
C 3 HOH 14 214 17  HOH HOH A . 
C 3 HOH 15 215 18  HOH HOH A . 
C 3 HOH 16 216 19  HOH HOH A . 
C 3 HOH 17 217 20  HOH HOH A . 
C 3 HOH 18 218 21  HOH HOH A . 
C 3 HOH 19 219 22  HOH HOH A . 
C 3 HOH 20 220 25  HOH HOH A . 
C 3 HOH 21 221 26  HOH HOH A . 
C 3 HOH 22 222 27  HOH HOH A . 
C 3 HOH 23 223 28  HOH HOH A . 
C 3 HOH 24 224 29  HOH HOH A . 
C 3 HOH 25 225 30  HOH HOH A . 
C 3 HOH 26 226 31  HOH HOH A . 
C 3 HOH 27 227 32  HOH HOH A . 
C 3 HOH 28 228 33  HOH HOH A . 
C 3 HOH 29 229 36  HOH HOH A . 
C 3 HOH 30 230 38  HOH HOH A . 
C 3 HOH 31 231 39  HOH HOH A . 
C 3 HOH 32 232 40  HOH HOH A . 
C 3 HOH 33 233 41  HOH HOH A . 
C 3 HOH 34 234 42  HOH HOH A . 
C 3 HOH 35 235 43  HOH HOH A . 
C 3 HOH 36 236 44  HOH HOH A . 
C 3 HOH 37 237 46  HOH HOH A . 
C 3 HOH 38 238 47  HOH HOH A . 
C 3 HOH 39 239 48  HOH HOH A . 
C 3 HOH 40 240 49  HOH HOH A . 
C 3 HOH 41 241 50  HOH HOH A . 
C 3 HOH 42 242 51  HOH HOH A . 
C 3 HOH 43 243 52  HOH HOH A . 
C 3 HOH 44 244 53  HOH HOH A . 
C 3 HOH 45 245 54  HOH HOH A . 
C 3 HOH 46 246 55  HOH HOH A . 
C 3 HOH 47 247 56  HOH HOH A . 
C 3 HOH 48 248 57  HOH HOH A . 
C 3 HOH 49 249 59  HOH HOH A . 
C 3 HOH 50 250 61  HOH HOH A . 
C 3 HOH 51 251 62  HOH HOH A . 
C 3 HOH 52 252 63  HOH HOH A . 
C 3 HOH 53 253 64  HOH HOH A . 
C 3 HOH 54 254 66  HOH HOH A . 
C 3 HOH 55 255 67  HOH HOH A . 
C 3 HOH 56 256 68  HOH HOH A . 
C 3 HOH 57 257 69  HOH HOH A . 
C 3 HOH 58 258 70  HOH HOH A . 
C 3 HOH 59 259 71  HOH HOH A . 
C 3 HOH 60 260 72  HOH HOH A . 
C 3 HOH 61 261 73  HOH HOH A . 
C 3 HOH 62 262 74  HOH HOH A . 
C 3 HOH 63 263 75  HOH HOH A . 
C 3 HOH 64 264 78  HOH HOH A . 
C 3 HOH 65 265 79  HOH HOH A . 
C 3 HOH 66 266 80  HOH HOH A . 
C 3 HOH 67 267 81  HOH HOH A . 
C 3 HOH 68 268 82  HOH HOH A . 
C 3 HOH 69 269 83  HOH HOH A . 
C 3 HOH 70 270 84  HOH HOH A . 
C 3 HOH 71 271 85  HOH HOH A . 
C 3 HOH 72 272 86  HOH HOH A . 
C 3 HOH 73 273 87  HOH HOH A . 
C 3 HOH 74 274 88  HOH HOH A . 
C 3 HOH 75 275 90  HOH HOH A . 
C 3 HOH 76 276 91  HOH HOH A . 
C 3 HOH 77 277 92  HOH HOH A . 
C 3 HOH 78 278 96  HOH HOH A . 
C 3 HOH 79 279 97  HOH HOH A . 
C 3 HOH 80 280 98  HOH HOH A . 
C 3 HOH 81 281 100 HOH HOH A . 
C 3 HOH 82 282 101 HOH HOH A . 
C 3 HOH 83 283 102 HOH HOH A . 
C 3 HOH 84 284 103 HOH HOH A . 
C 3 HOH 85 285 108 HOH HOH A . 
C 3 HOH 86 286 110 HOH HOH A . 
C 3 HOH 87 287 111 HOH HOH A . 
C 3 HOH 88 288 114 HOH HOH A . 
C 3 HOH 89 289 116 HOH HOH A . 
C 3 HOH 90 290 117 HOH HOH A . 
C 3 HOH 91 291 118 HOH HOH A . 
C 3 HOH 92 292 119 HOH HOH A . 
C 3 HOH 93 293 120 HOH HOH A . 
C 3 HOH 94 294 121 HOH HOH A . 
C 3 HOH 95 295 122 HOH HOH A . 
C 3 HOH 96 296 123 HOH HOH A . 
C 3 HOH 97 297 124 HOH HOH A . 
C 3 HOH 98 298 125 HOH HOH A . 
D 3 HOH 1  101 1   HOH HOH B . 
D 3 HOH 2  102 5   HOH HOH B . 
D 3 HOH 3  103 13  HOH HOH B . 
D 3 HOH 4  104 23  HOH HOH B . 
D 3 HOH 5  105 24  HOH HOH B . 
D 3 HOH 6  106 34  HOH HOH B . 
D 3 HOH 7  107 35  HOH HOH B . 
D 3 HOH 8  108 37  HOH HOH B . 
D 3 HOH 9  109 45  HOH HOH B . 
D 3 HOH 10 110 58  HOH HOH B . 
D 3 HOH 11 111 60  HOH HOH B . 
D 3 HOH 12 112 65  HOH HOH B . 
D 3 HOH 13 113 76  HOH HOH B . 
D 3 HOH 14 114 77  HOH HOH B . 
D 3 HOH 15 115 89  HOH HOH B . 
D 3 HOH 16 116 93  HOH HOH B . 
D 3 HOH 17 117 94  HOH HOH B . 
D 3 HOH 18 118 95  HOH HOH B . 
D 3 HOH 19 119 99  HOH HOH B . 
D 3 HOH 20 120 104 HOH HOH B . 
D 3 HOH 21 121 105 HOH HOH B . 
D 3 HOH 22 122 106 HOH HOH B . 
D 3 HOH 23 123 107 HOH HOH B . 
D 3 HOH 24 124 109 HOH HOH B . 
D 3 HOH 25 125 112 HOH HOH B . 
D 3 HOH 26 126 113 HOH HOH B . 
D 3 HOH 27 127 115 HOH HOH B . 
# 
_pdbx_struct_assembly.id                   1 
_pdbx_struct_assembly.details              author_and_software_defined_assembly 
_pdbx_struct_assembly.method_details       PISA 
_pdbx_struct_assembly.oligomeric_details   dimeric 
_pdbx_struct_assembly.oligomeric_count     2 
# 
_pdbx_struct_assembly_gen.assembly_id       1 
_pdbx_struct_assembly_gen.oper_expression   1 
_pdbx_struct_assembly_gen.asym_id_list      A,B,C,D 
# 
loop_
_pdbx_struct_assembly_prop.biol_id 
_pdbx_struct_assembly_prop.type 
_pdbx_struct_assembly_prop.value 
_pdbx_struct_assembly_prop.details 
1 'ABSA (A^2)' 2060 ? 
1 MORE         -6   ? 
1 'SSA (A^2)'  8470 ? 
# 
_pdbx_struct_oper_list.id                   1 
_pdbx_struct_oper_list.type                 'identity operation' 
_pdbx_struct_oper_list.name                 1_555 
_pdbx_struct_oper_list.symmetry_operation   x,y,z 
_pdbx_struct_oper_list.matrix[1][1]         1.0000000000 
_pdbx_struct_oper_list.matrix[1][2]         0.0000000000 
_pdbx_struct_oper_list.matrix[1][3]         0.0000000000 
_pdbx_struct_oper_list.vector[1]            0.0000000000 
_pdbx_struct_oper_list.matrix[2][1]         0.0000000000 
_pdbx_struct_oper_list.matrix[2][2]         1.0000000000 
_pdbx_struct_oper_list.matrix[2][3]         0.0000000000 
_pdbx_struct_oper_list.vector[2]            0.0000000000 
_pdbx_struct_oper_list.matrix[3][1]         0.0000000000 
_pdbx_struct_oper_list.matrix[3][2]         0.0000000000 
_pdbx_struct_oper_list.matrix[3][3]         1.0000000000 
_pdbx_struct_oper_list.vector[3]            0.0000000000 
# 
loop_
_pdbx_audit_revision_history.ordinal 
_pdbx_audit_revision_history.data_content_type 
_pdbx_audit_revision_history.major_revision 
_pdbx_audit_revision_history.minor_revision 
_pdbx_audit_revision_history.revision_date 
1 'Structure model' 1 0 2012-12-12 
2 'Structure model' 1 1 2013-02-27 
3 'Structure model' 1 2 2017-11-15 
4 'Structure model' 1 3 2023-09-20 
# 
_pdbx_audit_revision_details.ordinal             1 
_pdbx_audit_revision_details.revision_ordinal    1 
_pdbx_audit_revision_details.data_content_type   'Structure model' 
_pdbx_audit_revision_details.provider            repository 
_pdbx_audit_revision_details.type                'Initial release' 
_pdbx_audit_revision_details.description         ? 
_pdbx_audit_revision_details.details             ? 
# 
loop_
_pdbx_audit_revision_group.ordinal 
_pdbx_audit_revision_group.revision_ordinal 
_pdbx_audit_revision_group.data_content_type 
_pdbx_audit_revision_group.group 
1 2 'Structure model' 'Database references'    
2 3 'Structure model' 'Refinement description' 
3 4 'Structure model' 'Data collection'        
4 4 'Structure model' 'Database references'    
5 4 'Structure model' 'Refinement description' 
# 
loop_
_pdbx_audit_revision_category.ordinal 
_pdbx_audit_revision_category.revision_ordinal 
_pdbx_audit_revision_category.data_content_type 
_pdbx_audit_revision_category.category 
1 3 'Structure model' software                      
2 4 'Structure model' chem_comp_atom                
3 4 'Structure model' chem_comp_bond                
4 4 'Structure model' database_2                    
5 4 'Structure model' pdbx_initial_refinement_model 
6 4 'Structure model' struct_ref_seq_dif            
# 
loop_
_pdbx_audit_revision_item.ordinal 
_pdbx_audit_revision_item.revision_ordinal 
_pdbx_audit_revision_item.data_content_type 
_pdbx_audit_revision_item.item 
1 4 'Structure model' '_database_2.pdbx_DOI'                
2 4 'Structure model' '_database_2.pdbx_database_accession' 
3 4 'Structure model' '_struct_ref_seq_dif.details'         
# 
loop_
_software.pdbx_ordinal 
_software.name 
_software.version 
_software.date 
_software.type 
_software.contact_author 
_software.contact_author_email 
_software.classification 
_software.location 
_software.language 
_software.citation_id 
1 DENZO       .       ?                package 'Zbyszek Otwinowski' hkl@hkl-xray.com         'data reduction'  
http://www.hkl-xray.com/                  ?   ? 
2 SCALEPACK   .       ?                package 'Zbyszek Otwinowski' hkl@hkl-xray.com         'data scaling'    
http://www.hkl-xray.com/                  ?   ? 
3 PHENIX      1.7_650 ?                package 'Paul D. Adams'      PDAdams@lbl.gov          refinement        
http://www.phenix-online.org/             C++ ? 
4 PDB_EXTRACT 3.11    'April 22, 2011' package PDB                  deposit@deposit.rcsb.org 'data extraction' 
http://sw-tools.pdb.org/apps/PDB_EXTRACT/ C++ ? 
5 HKL-2000    .       ?                ?       ?                    ?                        'data collection' ? ?   ? 
6 HKL-2000    .       ?                ?       ?                    ?                        'data reduction'  ? ?   ? 
7 HKL-2000    .       ?                ?       ?                    ?                        'data scaling'    ? ?   ? 
8 PHENIX      1.7_650 ?                ?       ?                    ?                        phasing           ? ?   ? 
# 
loop_
_pdbx_validate_close_contact.id 
_pdbx_validate_close_contact.PDB_model_num 
_pdbx_validate_close_contact.auth_atom_id_1 
_pdbx_validate_close_contact.auth_asym_id_1 
_pdbx_validate_close_contact.auth_comp_id_1 
_pdbx_validate_close_contact.auth_seq_id_1 
_pdbx_validate_close_contact.PDB_ins_code_1 
_pdbx_validate_close_contact.label_alt_id_1 
_pdbx_validate_close_contact.auth_atom_id_2 
_pdbx_validate_close_contact.auth_asym_id_2 
_pdbx_validate_close_contact.auth_comp_id_2 
_pdbx_validate_close_contact.auth_seq_id_2 
_pdbx_validate_close_contact.PDB_ins_code_2 
_pdbx_validate_close_contact.label_alt_id_2 
_pdbx_validate_close_contact.dist 
1 1 O   A HOH 213 ? ? O A HOH 265 ? ? 1.86 
2 1 O   A HOH 230 ? ? O A HOH 296 ? ? 1.88 
3 1 OD1 A ASP 111 ? ? O A HOH 293 ? ? 1.97 
4 1 O   B HOH 104 ? ? O B HOH 117 ? ? 2.06 
5 1 O   A HOH 258 ? ? O A HOH 272 ? ? 2.07 
6 1 O2  B DC  6   ? ? O B HOH 113 ? ? 2.08 
# 
loop_
_pdbx_validate_torsion.id 
_pdbx_validate_torsion.PDB_model_num 
_pdbx_validate_torsion.auth_comp_id 
_pdbx_validate_torsion.auth_asym_id 
_pdbx_validate_torsion.auth_seq_id 
_pdbx_validate_torsion.PDB_ins_code 
_pdbx_validate_torsion.label_alt_id 
_pdbx_validate_torsion.phi 
_pdbx_validate_torsion.psi 
1 1 ASP A 73 ? ? 56.81   -132.27 
2 1 TYR A 82 ? ? -133.07 -60.24  
# 
loop_
_pdbx_unobs_or_zero_occ_residues.id 
_pdbx_unobs_or_zero_occ_residues.PDB_model_num 
_pdbx_unobs_or_zero_occ_residues.polymer_flag 
_pdbx_unobs_or_zero_occ_residues.occupancy_flag 
_pdbx_unobs_or_zero_occ_residues.auth_asym_id 
_pdbx_unobs_or_zero_occ_residues.auth_comp_id 
_pdbx_unobs_or_zero_occ_residues.auth_seq_id 
_pdbx_unobs_or_zero_occ_residues.PDB_ins_code 
_pdbx_unobs_or_zero_occ_residues.label_asym_id 
_pdbx_unobs_or_zero_occ_residues.label_comp_id 
_pdbx_unobs_or_zero_occ_residues.label_seq_id 
1 1 Y 1 A MET 1   ? A MET 1   
2 1 Y 1 A SER 2   ? A SER 2   
3 1 Y 1 A ASP 3   ? A ASP 3   
4 1 Y 1 A GLN 142 ? A GLN 142 
5 1 Y 1 A ASN 143 ? A ASN 143 
# 
loop_
_chem_comp_atom.comp_id 
_chem_comp_atom.atom_id 
_chem_comp_atom.type_symbol 
_chem_comp_atom.pdbx_aromatic_flag 
_chem_comp_atom.pdbx_stereo_config 
_chem_comp_atom.pdbx_ordinal 
ALA N      N N N 1   
ALA CA     C N S 2   
ALA C      C N N 3   
ALA O      O N N 4   
ALA CB     C N N 5   
ALA OXT    O N N 6   
ALA H      H N N 7   
ALA H2     H N N 8   
ALA HA     H N N 9   
ALA HB1    H N N 10  
ALA HB2    H N N 11  
ALA HB3    H N N 12  
ALA HXT    H N N 13  
ARG N      N N N 14  
ARG CA     C N S 15  
ARG C      C N N 16  
ARG O      O N N 17  
ARG CB     C N N 18  
ARG CG     C N N 19  
ARG CD     C N N 20  
ARG NE     N N N 21  
ARG CZ     C N N 22  
ARG NH1    N N N 23  
ARG NH2    N N N 24  
ARG OXT    O N N 25  
ARG H      H N N 26  
ARG H2     H N N 27  
ARG HA     H N N 28  
ARG HB2    H N N 29  
ARG HB3    H N N 30  
ARG HG2    H N N 31  
ARG HG3    H N N 32  
ARG HD2    H N N 33  
ARG HD3    H N N 34  
ARG HE     H N N 35  
ARG HH11   H N N 36  
ARG HH12   H N N 37  
ARG HH21   H N N 38  
ARG HH22   H N N 39  
ARG HXT    H N N 40  
ASN N      N N N 41  
ASN CA     C N S 42  
ASN C      C N N 43  
ASN O      O N N 44  
ASN CB     C N N 45  
ASN CG     C N N 46  
ASN OD1    O N N 47  
ASN ND2    N N N 48  
ASN OXT    O N N 49  
ASN H      H N N 50  
ASN H2     H N N 51  
ASN HA     H N N 52  
ASN HB2    H N N 53  
ASN HB3    H N N 54  
ASN HD21   H N N 55  
ASN HD22   H N N 56  
ASN HXT    H N N 57  
ASP N      N N N 58  
ASP CA     C N S 59  
ASP C      C N N 60  
ASP O      O N N 61  
ASP CB     C N N 62  
ASP CG     C N N 63  
ASP OD1    O N N 64  
ASP OD2    O N N 65  
ASP OXT    O N N 66  
ASP H      H N N 67  
ASP H2     H N N 68  
ASP HA     H N N 69  
ASP HB2    H N N 70  
ASP HB3    H N N 71  
ASP HD2    H N N 72  
ASP HXT    H N N 73  
CYS N      N N N 74  
CYS CA     C N R 75  
CYS C      C N N 76  
CYS O      O N N 77  
CYS CB     C N N 78  
CYS SG     S N N 79  
CYS OXT    O N N 80  
CYS H      H N N 81  
CYS H2     H N N 82  
CYS HA     H N N 83  
CYS HB2    H N N 84  
CYS HB3    H N N 85  
CYS HG     H N N 86  
CYS HXT    H N N 87  
DA  OP3    O N N 88  
DA  P      P N N 89  
DA  OP1    O N N 90  
DA  OP2    O N N 91  
DA  "O5'"  O N N 92  
DA  "C5'"  C N N 93  
DA  "C4'"  C N R 94  
DA  "O4'"  O N N 95  
DA  "C3'"  C N S 96  
DA  "O3'"  O N N 97  
DA  "C2'"  C N N 98  
DA  "C1'"  C N R 99  
DA  N9     N Y N 100 
DA  C8     C Y N 101 
DA  N7     N Y N 102 
DA  C5     C Y N 103 
DA  C6     C Y N 104 
DA  N6     N N N 105 
DA  N1     N Y N 106 
DA  C2     C Y N 107 
DA  N3     N Y N 108 
DA  C4     C Y N 109 
DA  HOP3   H N N 110 
DA  HOP2   H N N 111 
DA  "H5'"  H N N 112 
DA  "H5''" H N N 113 
DA  "H4'"  H N N 114 
DA  "H3'"  H N N 115 
DA  "HO3'" H N N 116 
DA  "H2'"  H N N 117 
DA  "H2''" H N N 118 
DA  "H1'"  H N N 119 
DA  H8     H N N 120 
DA  H61    H N N 121 
DA  H62    H N N 122 
DA  H2     H N N 123 
DC  OP3    O N N 124 
DC  P      P N N 125 
DC  OP1    O N N 126 
DC  OP2    O N N 127 
DC  "O5'"  O N N 128 
DC  "C5'"  C N N 129 
DC  "C4'"  C N R 130 
DC  "O4'"  O N N 131 
DC  "C3'"  C N S 132 
DC  "O3'"  O N N 133 
DC  "C2'"  C N N 134 
DC  "C1'"  C N R 135 
DC  N1     N N N 136 
DC  C2     C N N 137 
DC  O2     O N N 138 
DC  N3     N N N 139 
DC  C4     C N N 140 
DC  N4     N N N 141 
DC  C5     C N N 142 
DC  C6     C N N 143 
DC  HOP3   H N N 144 
DC  HOP2   H N N 145 
DC  "H5'"  H N N 146 
DC  "H5''" H N N 147 
DC  "H4'"  H N N 148 
DC  "H3'"  H N N 149 
DC  "HO3'" H N N 150 
DC  "H2'"  H N N 151 
DC  "H2''" H N N 152 
DC  "H1'"  H N N 153 
DC  H41    H N N 154 
DC  H42    H N N 155 
DC  H5     H N N 156 
DC  H6     H N N 157 
DG  OP3    O N N 158 
DG  P      P N N 159 
DG  OP1    O N N 160 
DG  OP2    O N N 161 
DG  "O5'"  O N N 162 
DG  "C5'"  C N N 163 
DG  "C4'"  C N R 164 
DG  "O4'"  O N N 165 
DG  "C3'"  C N S 166 
DG  "O3'"  O N N 167 
DG  "C2'"  C N N 168 
DG  "C1'"  C N R 169 
DG  N9     N Y N 170 
DG  C8     C Y N 171 
DG  N7     N Y N 172 
DG  C5     C Y N 173 
DG  C6     C N N 174 
DG  O6     O N N 175 
DG  N1     N N N 176 
DG  C2     C N N 177 
DG  N2     N N N 178 
DG  N3     N N N 179 
DG  C4     C Y N 180 
DG  HOP3   H N N 181 
DG  HOP2   H N N 182 
DG  "H5'"  H N N 183 
DG  "H5''" H N N 184 
DG  "H4'"  H N N 185 
DG  "H3'"  H N N 186 
DG  "HO3'" H N N 187 
DG  "H2'"  H N N 188 
DG  "H2''" H N N 189 
DG  "H1'"  H N N 190 
DG  H8     H N N 191 
DG  H1     H N N 192 
DG  H21    H N N 193 
DG  H22    H N N 194 
DT  OP3    O N N 195 
DT  P      P N N 196 
DT  OP1    O N N 197 
DT  OP2    O N N 198 
DT  "O5'"  O N N 199 
DT  "C5'"  C N N 200 
DT  "C4'"  C N R 201 
DT  "O4'"  O N N 202 
DT  "C3'"  C N S 203 
DT  "O3'"  O N N 204 
DT  "C2'"  C N N 205 
DT  "C1'"  C N R 206 
DT  N1     N N N 207 
DT  C2     C N N 208 
DT  O2     O N N 209 
DT  N3     N N N 210 
DT  C4     C N N 211 
DT  O4     O N N 212 
DT  C5     C N N 213 
DT  C7     C N N 214 
DT  C6     C N N 215 
DT  HOP3   H N N 216 
DT  HOP2   H N N 217 
DT  "H5'"  H N N 218 
DT  "H5''" H N N 219 
DT  "H4'"  H N N 220 
DT  "H3'"  H N N 221 
DT  "HO3'" H N N 222 
DT  "H2'"  H N N 223 
DT  "H2''" H N N 224 
DT  "H1'"  H N N 225 
DT  H3     H N N 226 
DT  H71    H N N 227 
DT  H72    H N N 228 
DT  H73    H N N 229 
DT  H6     H N N 230 
GLN N      N N N 231 
GLN CA     C N S 232 
GLN C      C N N 233 
GLN O      O N N 234 
GLN CB     C N N 235 
GLN CG     C N N 236 
GLN CD     C N N 237 
GLN OE1    O N N 238 
GLN NE2    N N N 239 
GLN OXT    O N N 240 
GLN H      H N N 241 
GLN H2     H N N 242 
GLN HA     H N N 243 
GLN HB2    H N N 244 
GLN HB3    H N N 245 
GLN HG2    H N N 246 
GLN HG3    H N N 247 
GLN HE21   H N N 248 
GLN HE22   H N N 249 
GLN HXT    H N N 250 
GLU N      N N N 251 
GLU CA     C N S 252 
GLU C      C N N 253 
GLU O      O N N 254 
GLU CB     C N N 255 
GLU CG     C N N 256 
GLU CD     C N N 257 
GLU OE1    O N N 258 
GLU OE2    O N N 259 
GLU OXT    O N N 260 
GLU H      H N N 261 
GLU H2     H N N 262 
GLU HA     H N N 263 
GLU HB2    H N N 264 
GLU HB3    H N N 265 
GLU HG2    H N N 266 
GLU HG3    H N N 267 
GLU HE2    H N N 268 
GLU HXT    H N N 269 
GLY N      N N N 270 
GLY CA     C N N 271 
GLY C      C N N 272 
GLY O      O N N 273 
GLY OXT    O N N 274 
GLY H      H N N 275 
GLY H2     H N N 276 
GLY HA2    H N N 277 
GLY HA3    H N N 278 
GLY HXT    H N N 279 
HIS N      N N N 280 
HIS CA     C N S 281 
HIS C      C N N 282 
HIS O      O N N 283 
HIS CB     C N N 284 
HIS CG     C Y N 285 
HIS ND1    N Y N 286 
HIS CD2    C Y N 287 
HIS CE1    C Y N 288 
HIS NE2    N Y N 289 
HIS OXT    O N N 290 
HIS H      H N N 291 
HIS H2     H N N 292 
HIS HA     H N N 293 
HIS HB2    H N N 294 
HIS HB3    H N N 295 
HIS HD1    H N N 296 
HIS HD2    H N N 297 
HIS HE1    H N N 298 
HIS HE2    H N N 299 
HIS HXT    H N N 300 
HOH O      O N N 301 
HOH H1     H N N 302 
HOH H2     H N N 303 
ILE N      N N N 304 
ILE CA     C N S 305 
ILE C      C N N 306 
ILE O      O N N 307 
ILE CB     C N S 308 
ILE CG1    C N N 309 
ILE CG2    C N N 310 
ILE CD1    C N N 311 
ILE OXT    O N N 312 
ILE H      H N N 313 
ILE H2     H N N 314 
ILE HA     H N N 315 
ILE HB     H N N 316 
ILE HG12   H N N 317 
ILE HG13   H N N 318 
ILE HG21   H N N 319 
ILE HG22   H N N 320 
ILE HG23   H N N 321 
ILE HD11   H N N 322 
ILE HD12   H N N 323 
ILE HD13   H N N 324 
ILE HXT    H N N 325 
LEU N      N N N 326 
LEU CA     C N S 327 
LEU C      C N N 328 
LEU O      O N N 329 
LEU CB     C N N 330 
LEU CG     C N N 331 
LEU CD1    C N N 332 
LEU CD2    C N N 333 
LEU OXT    O N N 334 
LEU H      H N N 335 
LEU H2     H N N 336 
LEU HA     H N N 337 
LEU HB2    H N N 338 
LEU HB3    H N N 339 
LEU HG     H N N 340 
LEU HD11   H N N 341 
LEU HD12   H N N 342 
LEU HD13   H N N 343 
LEU HD21   H N N 344 
LEU HD22   H N N 345 
LEU HD23   H N N 346 
LEU HXT    H N N 347 
LYS N      N N N 348 
LYS CA     C N S 349 
LYS C      C N N 350 
LYS O      O N N 351 
LYS CB     C N N 352 
LYS CG     C N N 353 
LYS CD     C N N 354 
LYS CE     C N N 355 
LYS NZ     N N N 356 
LYS OXT    O N N 357 
LYS H      H N N 358 
LYS H2     H N N 359 
LYS HA     H N N 360 
LYS HB2    H N N 361 
LYS HB3    H N N 362 
LYS HG2    H N N 363 
LYS HG3    H N N 364 
LYS HD2    H N N 365 
LYS HD3    H N N 366 
LYS HE2    H N N 367 
LYS HE3    H N N 368 
LYS HZ1    H N N 369 
LYS HZ2    H N N 370 
LYS HZ3    H N N 371 
LYS HXT    H N N 372 
MET N      N N N 373 
MET CA     C N S 374 
MET C      C N N 375 
MET O      O N N 376 
MET CB     C N N 377 
MET CG     C N N 378 
MET SD     S N N 379 
MET CE     C N N 380 
MET OXT    O N N 381 
MET H      H N N 382 
MET H2     H N N 383 
MET HA     H N N 384 
MET HB2    H N N 385 
MET HB3    H N N 386 
MET HG2    H N N 387 
MET HG3    H N N 388 
MET HE1    H N N 389 
MET HE2    H N N 390 
MET HE3    H N N 391 
MET HXT    H N N 392 
PHE N      N N N 393 
PHE CA     C N S 394 
PHE C      C N N 395 
PHE O      O N N 396 
PHE CB     C N N 397 
PHE CG     C Y N 398 
PHE CD1    C Y N 399 
PHE CD2    C Y N 400 
PHE CE1    C Y N 401 
PHE CE2    C Y N 402 
PHE CZ     C Y N 403 
PHE OXT    O N N 404 
PHE H      H N N 405 
PHE H2     H N N 406 
PHE HA     H N N 407 
PHE HB2    H N N 408 
PHE HB3    H N N 409 
PHE HD1    H N N 410 
PHE HD2    H N N 411 
PHE HE1    H N N 412 
PHE HE2    H N N 413 
PHE HZ     H N N 414 
PHE HXT    H N N 415 
PRO N      N N N 416 
PRO CA     C N S 417 
PRO C      C N N 418 
PRO O      O N N 419 
PRO CB     C N N 420 
PRO CG     C N N 421 
PRO CD     C N N 422 
PRO OXT    O N N 423 
PRO H      H N N 424 
PRO HA     H N N 425 
PRO HB2    H N N 426 
PRO HB3    H N N 427 
PRO HG2    H N N 428 
PRO HG3    H N N 429 
PRO HD2    H N N 430 
PRO HD3    H N N 431 
PRO HXT    H N N 432 
SER N      N N N 433 
SER CA     C N S 434 
SER C      C N N 435 
SER O      O N N 436 
SER CB     C N N 437 
SER OG     O N N 438 
SER OXT    O N N 439 
SER H      H N N 440 
SER H2     H N N 441 
SER HA     H N N 442 
SER HB2    H N N 443 
SER HB3    H N N 444 
SER HG     H N N 445 
SER HXT    H N N 446 
THR N      N N N 447 
THR CA     C N S 448 
THR C      C N N 449 
THR O      O N N 450 
THR CB     C N R 451 
THR OG1    O N N 452 
THR CG2    C N N 453 
THR OXT    O N N 454 
THR H      H N N 455 
THR H2     H N N 456 
THR HA     H N N 457 
THR HB     H N N 458 
THR HG1    H N N 459 
THR HG21   H N N 460 
THR HG22   H N N 461 
THR HG23   H N N 462 
THR HXT    H N N 463 
TRP N      N N N 464 
TRP CA     C N S 465 
TRP C      C N N 466 
TRP O      O N N 467 
TRP CB     C N N 468 
TRP CG     C Y N 469 
TRP CD1    C Y N 470 
TRP CD2    C Y N 471 
TRP NE1    N Y N 472 
TRP CE2    C Y N 473 
TRP CE3    C Y N 474 
TRP CZ2    C Y N 475 
TRP CZ3    C Y N 476 
TRP CH2    C Y N 477 
TRP OXT    O N N 478 
TRP H      H N N 479 
TRP H2     H N N 480 
TRP HA     H N N 481 
TRP HB2    H N N 482 
TRP HB3    H N N 483 
TRP HD1    H N N 484 
TRP HE1    H N N 485 
TRP HE3    H N N 486 
TRP HZ2    H N N 487 
TRP HZ3    H N N 488 
TRP HH2    H N N 489 
TRP HXT    H N N 490 
TYR N      N N N 491 
TYR CA     C N S 492 
TYR C      C N N 493 
TYR O      O N N 494 
TYR CB     C N N 495 
TYR CG     C Y N 496 
TYR CD1    C Y N 497 
TYR CD2    C Y N 498 
TYR CE1    C Y N 499 
TYR CE2    C Y N 500 
TYR CZ     C Y N 501 
TYR OH     O N N 502 
TYR OXT    O N N 503 
TYR H      H N N 504 
TYR H2     H N N 505 
TYR HA     H N N 506 
TYR HB2    H N N 507 
TYR HB3    H N N 508 
TYR HD1    H N N 509 
TYR HD2    H N N 510 
TYR HE1    H N N 511 
TYR HE2    H N N 512 
TYR HH     H N N 513 
TYR HXT    H N N 514 
VAL N      N N N 515 
VAL CA     C N S 516 
VAL C      C N N 517 
VAL O      O N N 518 
VAL CB     C N N 519 
VAL CG1    C N N 520 
VAL CG2    C N N 521 
VAL OXT    O N N 522 
VAL H      H N N 523 
VAL H2     H N N 524 
VAL HA     H N N 525 
VAL HB     H N N 526 
VAL HG11   H N N 527 
VAL HG12   H N N 528 
VAL HG13   H N N 529 
VAL HG21   H N N 530 
VAL HG22   H N N 531 
VAL HG23   H N N 532 
VAL HXT    H N N 533 
# 
loop_
_chem_comp_bond.comp_id 
_chem_comp_bond.atom_id_1 
_chem_comp_bond.atom_id_2 
_chem_comp_bond.value_order 
_chem_comp_bond.pdbx_aromatic_flag 
_chem_comp_bond.pdbx_stereo_config 
_chem_comp_bond.pdbx_ordinal 
ALA N     CA     sing N N 1   
ALA N     H      sing N N 2   
ALA N     H2     sing N N 3   
ALA CA    C      sing N N 4   
ALA CA    CB     sing N N 5   
ALA CA    HA     sing N N 6   
ALA C     O      doub N N 7   
ALA C     OXT    sing N N 8   
ALA CB    HB1    sing N N 9   
ALA CB    HB2    sing N N 10  
ALA CB    HB3    sing N N 11  
ALA OXT   HXT    sing N N 12  
ARG N     CA     sing N N 13  
ARG N     H      sing N N 14  
ARG N     H2     sing N N 15  
ARG CA    C      sing N N 16  
ARG CA    CB     sing N N 17  
ARG CA    HA     sing N N 18  
ARG C     O      doub N N 19  
ARG C     OXT    sing N N 20  
ARG CB    CG     sing N N 21  
ARG CB    HB2    sing N N 22  
ARG CB    HB3    sing N N 23  
ARG CG    CD     sing N N 24  
ARG CG    HG2    sing N N 25  
ARG CG    HG3    sing N N 26  
ARG CD    NE     sing N N 27  
ARG CD    HD2    sing N N 28  
ARG CD    HD3    sing N N 29  
ARG NE    CZ     sing N N 30  
ARG NE    HE     sing N N 31  
ARG CZ    NH1    sing N N 32  
ARG CZ    NH2    doub N N 33  
ARG NH1   HH11   sing N N 34  
ARG NH1   HH12   sing N N 35  
ARG NH2   HH21   sing N N 36  
ARG NH2   HH22   sing N N 37  
ARG OXT   HXT    sing N N 38  
ASN N     CA     sing N N 39  
ASN N     H      sing N N 40  
ASN N     H2     sing N N 41  
ASN CA    C      sing N N 42  
ASN CA    CB     sing N N 43  
ASN CA    HA     sing N N 44  
ASN C     O      doub N N 45  
ASN C     OXT    sing N N 46  
ASN CB    CG     sing N N 47  
ASN CB    HB2    sing N N 48  
ASN CB    HB3    sing N N 49  
ASN CG    OD1    doub N N 50  
ASN CG    ND2    sing N N 51  
ASN ND2   HD21   sing N N 52  
ASN ND2   HD22   sing N N 53  
ASN OXT   HXT    sing N N 54  
ASP N     CA     sing N N 55  
ASP N     H      sing N N 56  
ASP N     H2     sing N N 57  
ASP CA    C      sing N N 58  
ASP CA    CB     sing N N 59  
ASP CA    HA     sing N N 60  
ASP C     O      doub N N 61  
ASP C     OXT    sing N N 62  
ASP CB    CG     sing N N 63  
ASP CB    HB2    sing N N 64  
ASP CB    HB3    sing N N 65  
ASP CG    OD1    doub N N 66  
ASP CG    OD2    sing N N 67  
ASP OD2   HD2    sing N N 68  
ASP OXT   HXT    sing N N 69  
CYS N     CA     sing N N 70  
CYS N     H      sing N N 71  
CYS N     H2     sing N N 72  
CYS CA    C      sing N N 73  
CYS CA    CB     sing N N 74  
CYS CA    HA     sing N N 75  
CYS C     O      doub N N 76  
CYS C     OXT    sing N N 77  
CYS CB    SG     sing N N 78  
CYS CB    HB2    sing N N 79  
CYS CB    HB3    sing N N 80  
CYS SG    HG     sing N N 81  
CYS OXT   HXT    sing N N 82  
DA  OP3   P      sing N N 83  
DA  OP3   HOP3   sing N N 84  
DA  P     OP1    doub N N 85  
DA  P     OP2    sing N N 86  
DA  P     "O5'"  sing N N 87  
DA  OP2   HOP2   sing N N 88  
DA  "O5'" "C5'"  sing N N 89  
DA  "C5'" "C4'"  sing N N 90  
DA  "C5'" "H5'"  sing N N 91  
DA  "C5'" "H5''" sing N N 92  
DA  "C4'" "O4'"  sing N N 93  
DA  "C4'" "C3'"  sing N N 94  
DA  "C4'" "H4'"  sing N N 95  
DA  "O4'" "C1'"  sing N N 96  
DA  "C3'" "O3'"  sing N N 97  
DA  "C3'" "C2'"  sing N N 98  
DA  "C3'" "H3'"  sing N N 99  
DA  "O3'" "HO3'" sing N N 100 
DA  "C2'" "C1'"  sing N N 101 
DA  "C2'" "H2'"  sing N N 102 
DA  "C2'" "H2''" sing N N 103 
DA  "C1'" N9     sing N N 104 
DA  "C1'" "H1'"  sing N N 105 
DA  N9    C8     sing Y N 106 
DA  N9    C4     sing Y N 107 
DA  C8    N7     doub Y N 108 
DA  C8    H8     sing N N 109 
DA  N7    C5     sing Y N 110 
DA  C5    C6     sing Y N 111 
DA  C5    C4     doub Y N 112 
DA  C6    N6     sing N N 113 
DA  C6    N1     doub Y N 114 
DA  N6    H61    sing N N 115 
DA  N6    H62    sing N N 116 
DA  N1    C2     sing Y N 117 
DA  C2    N3     doub Y N 118 
DA  C2    H2     sing N N 119 
DA  N3    C4     sing Y N 120 
DC  OP3   P      sing N N 121 
DC  OP3   HOP3   sing N N 122 
DC  P     OP1    doub N N 123 
DC  P     OP2    sing N N 124 
DC  P     "O5'"  sing N N 125 
DC  OP2   HOP2   sing N N 126 
DC  "O5'" "C5'"  sing N N 127 
DC  "C5'" "C4'"  sing N N 128 
DC  "C5'" "H5'"  sing N N 129 
DC  "C5'" "H5''" sing N N 130 
DC  "C4'" "O4'"  sing N N 131 
DC  "C4'" "C3'"  sing N N 132 
DC  "C4'" "H4'"  sing N N 133 
DC  "O4'" "C1'"  sing N N 134 
DC  "C3'" "O3'"  sing N N 135 
DC  "C3'" "C2'"  sing N N 136 
DC  "C3'" "H3'"  sing N N 137 
DC  "O3'" "HO3'" sing N N 138 
DC  "C2'" "C1'"  sing N N 139 
DC  "C2'" "H2'"  sing N N 140 
DC  "C2'" "H2''" sing N N 141 
DC  "C1'" N1     sing N N 142 
DC  "C1'" "H1'"  sing N N 143 
DC  N1    C2     sing N N 144 
DC  N1    C6     sing N N 145 
DC  C2    O2     doub N N 146 
DC  C2    N3     sing N N 147 
DC  N3    C4     doub N N 148 
DC  C4    N4     sing N N 149 
DC  C4    C5     sing N N 150 
DC  N4    H41    sing N N 151 
DC  N4    H42    sing N N 152 
DC  C5    C6     doub N N 153 
DC  C5    H5     sing N N 154 
DC  C6    H6     sing N N 155 
DG  OP3   P      sing N N 156 
DG  OP3   HOP3   sing N N 157 
DG  P     OP1    doub N N 158 
DG  P     OP2    sing N N 159 
DG  P     "O5'"  sing N N 160 
DG  OP2   HOP2   sing N N 161 
DG  "O5'" "C5'"  sing N N 162 
DG  "C5'" "C4'"  sing N N 163 
DG  "C5'" "H5'"  sing N N 164 
DG  "C5'" "H5''" sing N N 165 
DG  "C4'" "O4'"  sing N N 166 
DG  "C4'" "C3'"  sing N N 167 
DG  "C4'" "H4'"  sing N N 168 
DG  "O4'" "C1'"  sing N N 169 
DG  "C3'" "O3'"  sing N N 170 
DG  "C3'" "C2'"  sing N N 171 
DG  "C3'" "H3'"  sing N N 172 
DG  "O3'" "HO3'" sing N N 173 
DG  "C2'" "C1'"  sing N N 174 
DG  "C2'" "H2'"  sing N N 175 
DG  "C2'" "H2''" sing N N 176 
DG  "C1'" N9     sing N N 177 
DG  "C1'" "H1'"  sing N N 178 
DG  N9    C8     sing Y N 179 
DG  N9    C4     sing Y N 180 
DG  C8    N7     doub Y N 181 
DG  C8    H8     sing N N 182 
DG  N7    C5     sing Y N 183 
DG  C5    C6     sing N N 184 
DG  C5    C4     doub Y N 185 
DG  C6    O6     doub N N 186 
DG  C6    N1     sing N N 187 
DG  N1    C2     sing N N 188 
DG  N1    H1     sing N N 189 
DG  C2    N2     sing N N 190 
DG  C2    N3     doub N N 191 
DG  N2    H21    sing N N 192 
DG  N2    H22    sing N N 193 
DG  N3    C4     sing N N 194 
DT  OP3   P      sing N N 195 
DT  OP3   HOP3   sing N N 196 
DT  P     OP1    doub N N 197 
DT  P     OP2    sing N N 198 
DT  P     "O5'"  sing N N 199 
DT  OP2   HOP2   sing N N 200 
DT  "O5'" "C5'"  sing N N 201 
DT  "C5'" "C4'"  sing N N 202 
DT  "C5'" "H5'"  sing N N 203 
DT  "C5'" "H5''" sing N N 204 
DT  "C4'" "O4'"  sing N N 205 
DT  "C4'" "C3'"  sing N N 206 
DT  "C4'" "H4'"  sing N N 207 
DT  "O4'" "C1'"  sing N N 208 
DT  "C3'" "O3'"  sing N N 209 
DT  "C3'" "C2'"  sing N N 210 
DT  "C3'" "H3'"  sing N N 211 
DT  "O3'" "HO3'" sing N N 212 
DT  "C2'" "C1'"  sing N N 213 
DT  "C2'" "H2'"  sing N N 214 
DT  "C2'" "H2''" sing N N 215 
DT  "C1'" N1     sing N N 216 
DT  "C1'" "H1'"  sing N N 217 
DT  N1    C2     sing N N 218 
DT  N1    C6     sing N N 219 
DT  C2    O2     doub N N 220 
DT  C2    N3     sing N N 221 
DT  N3    C4     sing N N 222 
DT  N3    H3     sing N N 223 
DT  C4    O4     doub N N 224 
DT  C4    C5     sing N N 225 
DT  C5    C7     sing N N 226 
DT  C5    C6     doub N N 227 
DT  C7    H71    sing N N 228 
DT  C7    H72    sing N N 229 
DT  C7    H73    sing N N 230 
DT  C6    H6     sing N N 231 
GLN N     CA     sing N N 232 
GLN N     H      sing N N 233 
GLN N     H2     sing N N 234 
GLN CA    C      sing N N 235 
GLN CA    CB     sing N N 236 
GLN CA    HA     sing N N 237 
GLN C     O      doub N N 238 
GLN C     OXT    sing N N 239 
GLN CB    CG     sing N N 240 
GLN CB    HB2    sing N N 241 
GLN CB    HB3    sing N N 242 
GLN CG    CD     sing N N 243 
GLN CG    HG2    sing N N 244 
GLN CG    HG3    sing N N 245 
GLN CD    OE1    doub N N 246 
GLN CD    NE2    sing N N 247 
GLN NE2   HE21   sing N N 248 
GLN NE2   HE22   sing N N 249 
GLN OXT   HXT    sing N N 250 
GLU N     CA     sing N N 251 
GLU N     H      sing N N 252 
GLU N     H2     sing N N 253 
GLU CA    C      sing N N 254 
GLU CA    CB     sing N N 255 
GLU CA    HA     sing N N 256 
GLU C     O      doub N N 257 
GLU C     OXT    sing N N 258 
GLU CB    CG     sing N N 259 
GLU CB    HB2    sing N N 260 
GLU CB    HB3    sing N N 261 
GLU CG    CD     sing N N 262 
GLU CG    HG2    sing N N 263 
GLU CG    HG3    sing N N 264 
GLU CD    OE1    doub N N 265 
GLU CD    OE2    sing N N 266 
GLU OE2   HE2    sing N N 267 
GLU OXT   HXT    sing N N 268 
GLY N     CA     sing N N 269 
GLY N     H      sing N N 270 
GLY N     H2     sing N N 271 
GLY CA    C      sing N N 272 
GLY CA    HA2    sing N N 273 
GLY CA    HA3    sing N N 274 
GLY C     O      doub N N 275 
GLY C     OXT    sing N N 276 
GLY OXT   HXT    sing N N 277 
HIS N     CA     sing N N 278 
HIS N     H      sing N N 279 
HIS N     H2     sing N N 280 
HIS CA    C      sing N N 281 
HIS CA    CB     sing N N 282 
HIS CA    HA     sing N N 283 
HIS C     O      doub N N 284 
HIS C     OXT    sing N N 285 
HIS CB    CG     sing N N 286 
HIS CB    HB2    sing N N 287 
HIS CB    HB3    sing N N 288 
HIS CG    ND1    sing Y N 289 
HIS CG    CD2    doub Y N 290 
HIS ND1   CE1    doub Y N 291 
HIS ND1   HD1    sing N N 292 
HIS CD2   NE2    sing Y N 293 
HIS CD2   HD2    sing N N 294 
HIS CE1   NE2    sing Y N 295 
HIS CE1   HE1    sing N N 296 
HIS NE2   HE2    sing N N 297 
HIS OXT   HXT    sing N N 298 
HOH O     H1     sing N N 299 
HOH O     H2     sing N N 300 
ILE N     CA     sing N N 301 
ILE N     H      sing N N 302 
ILE N     H2     sing N N 303 
ILE CA    C      sing N N 304 
ILE CA    CB     sing N N 305 
ILE CA    HA     sing N N 306 
ILE C     O      doub N N 307 
ILE C     OXT    sing N N 308 
ILE CB    CG1    sing N N 309 
ILE CB    CG2    sing N N 310 
ILE CB    HB     sing N N 311 
ILE CG1   CD1    sing N N 312 
ILE CG1   HG12   sing N N 313 
ILE CG1   HG13   sing N N 314 
ILE CG2   HG21   sing N N 315 
ILE CG2   HG22   sing N N 316 
ILE CG2   HG23   sing N N 317 
ILE CD1   HD11   sing N N 318 
ILE CD1   HD12   sing N N 319 
ILE CD1   HD13   sing N N 320 
ILE OXT   HXT    sing N N 321 
LEU N     CA     sing N N 322 
LEU N     H      sing N N 323 
LEU N     H2     sing N N 324 
LEU CA    C      sing N N 325 
LEU CA    CB     sing N N 326 
LEU CA    HA     sing N N 327 
LEU C     O      doub N N 328 
LEU C     OXT    sing N N 329 
LEU CB    CG     sing N N 330 
LEU CB    HB2    sing N N 331 
LEU CB    HB3    sing N N 332 
LEU CG    CD1    sing N N 333 
LEU CG    CD2    sing N N 334 
LEU CG    HG     sing N N 335 
LEU CD1   HD11   sing N N 336 
LEU CD1   HD12   sing N N 337 
LEU CD1   HD13   sing N N 338 
LEU CD2   HD21   sing N N 339 
LEU CD2   HD22   sing N N 340 
LEU CD2   HD23   sing N N 341 
LEU OXT   HXT    sing N N 342 
LYS N     CA     sing N N 343 
LYS N     H      sing N N 344 
LYS N     H2     sing N N 345 
LYS CA    C      sing N N 346 
LYS CA    CB     sing N N 347 
LYS CA    HA     sing N N 348 
LYS C     O      doub N N 349 
LYS C     OXT    sing N N 350 
LYS CB    CG     sing N N 351 
LYS CB    HB2    sing N N 352 
LYS CB    HB3    sing N N 353 
LYS CG    CD     sing N N 354 
LYS CG    HG2    sing N N 355 
LYS CG    HG3    sing N N 356 
LYS CD    CE     sing N N 357 
LYS CD    HD2    sing N N 358 
LYS CD    HD3    sing N N 359 
LYS CE    NZ     sing N N 360 
LYS CE    HE2    sing N N 361 
LYS CE    HE3    sing N N 362 
LYS NZ    HZ1    sing N N 363 
LYS NZ    HZ2    sing N N 364 
LYS NZ    HZ3    sing N N 365 
LYS OXT   HXT    sing N N 366 
MET N     CA     sing N N 367 
MET N     H      sing N N 368 
MET N     H2     sing N N 369 
MET CA    C      sing N N 370 
MET CA    CB     sing N N 371 
MET CA    HA     sing N N 372 
MET C     O      doub N N 373 
MET C     OXT    sing N N 374 
MET CB    CG     sing N N 375 
MET CB    HB2    sing N N 376 
MET CB    HB3    sing N N 377 
MET CG    SD     sing N N 378 
MET CG    HG2    sing N N 379 
MET CG    HG3    sing N N 380 
MET SD    CE     sing N N 381 
MET CE    HE1    sing N N 382 
MET CE    HE2    sing N N 383 
MET CE    HE3    sing N N 384 
MET OXT   HXT    sing N N 385 
PHE N     CA     sing N N 386 
PHE N     H      sing N N 387 
PHE N     H2     sing N N 388 
PHE CA    C      sing N N 389 
PHE CA    CB     sing N N 390 
PHE CA    HA     sing N N 391 
PHE C     O      doub N N 392 
PHE C     OXT    sing N N 393 
PHE CB    CG     sing N N 394 
PHE CB    HB2    sing N N 395 
PHE CB    HB3    sing N N 396 
PHE CG    CD1    doub Y N 397 
PHE CG    CD2    sing Y N 398 
PHE CD1   CE1    sing Y N 399 
PHE CD1   HD1    sing N N 400 
PHE CD2   CE2    doub Y N 401 
PHE CD2   HD2    sing N N 402 
PHE CE1   CZ     doub Y N 403 
PHE CE1   HE1    sing N N 404 
PHE CE2   CZ     sing Y N 405 
PHE CE2   HE2    sing N N 406 
PHE CZ    HZ     sing N N 407 
PHE OXT   HXT    sing N N 408 
PRO N     CA     sing N N 409 
PRO N     CD     sing N N 410 
PRO N     H      sing N N 411 
PRO CA    C      sing N N 412 
PRO CA    CB     sing N N 413 
PRO CA    HA     sing N N 414 
PRO C     O      doub N N 415 
PRO C     OXT    sing N N 416 
PRO CB    CG     sing N N 417 
PRO CB    HB2    sing N N 418 
PRO CB    HB3    sing N N 419 
PRO CG    CD     sing N N 420 
PRO CG    HG2    sing N N 421 
PRO CG    HG3    sing N N 422 
PRO CD    HD2    sing N N 423 
PRO CD    HD3    sing N N 424 
PRO OXT   HXT    sing N N 425 
SER N     CA     sing N N 426 
SER N     H      sing N N 427 
SER N     H2     sing N N 428 
SER CA    C      sing N N 429 
SER CA    CB     sing N N 430 
SER CA    HA     sing N N 431 
SER C     O      doub N N 432 
SER C     OXT    sing N N 433 
SER CB    OG     sing N N 434 
SER CB    HB2    sing N N 435 
SER CB    HB3    sing N N 436 
SER OG    HG     sing N N 437 
SER OXT   HXT    sing N N 438 
THR N     CA     sing N N 439 
THR N     H      sing N N 440 
THR N     H2     sing N N 441 
THR CA    C      sing N N 442 
THR CA    CB     sing N N 443 
THR CA    HA     sing N N 444 
THR C     O      doub N N 445 
THR C     OXT    sing N N 446 
THR CB    OG1    sing N N 447 
THR CB    CG2    sing N N 448 
THR CB    HB     sing N N 449 
THR OG1   HG1    sing N N 450 
THR CG2   HG21   sing N N 451 
THR CG2   HG22   sing N N 452 
THR CG2   HG23   sing N N 453 
THR OXT   HXT    sing N N 454 
TRP N     CA     sing N N 455 
TRP N     H      sing N N 456 
TRP N     H2     sing N N 457 
TRP CA    C      sing N N 458 
TRP CA    CB     sing N N 459 
TRP CA    HA     sing N N 460 
TRP C     O      doub N N 461 
TRP C     OXT    sing N N 462 
TRP CB    CG     sing N N 463 
TRP CB    HB2    sing N N 464 
TRP CB    HB3    sing N N 465 
TRP CG    CD1    doub Y N 466 
TRP CG    CD2    sing Y N 467 
TRP CD1   NE1    sing Y N 468 
TRP CD1   HD1    sing N N 469 
TRP CD2   CE2    doub Y N 470 
TRP CD2   CE3    sing Y N 471 
TRP NE1   CE2    sing Y N 472 
TRP NE1   HE1    sing N N 473 
TRP CE2   CZ2    sing Y N 474 
TRP CE3   CZ3    doub Y N 475 
TRP CE3   HE3    sing N N 476 
TRP CZ2   CH2    doub Y N 477 
TRP CZ2   HZ2    sing N N 478 
TRP CZ3   CH2    sing Y N 479 
TRP CZ3   HZ3    sing N N 480 
TRP CH2   HH2    sing N N 481 
TRP OXT   HXT    sing N N 482 
TYR N     CA     sing N N 483 
TYR N     H      sing N N 484 
TYR N     H2     sing N N 485 
TYR CA    C      sing N N 486 
TYR CA    CB     sing N N 487 
TYR CA    HA     sing N N 488 
TYR C     O      doub N N 489 
TYR C     OXT    sing N N 490 
TYR CB    CG     sing N N 491 
TYR CB    HB2    sing N N 492 
TYR CB    HB3    sing N N 493 
TYR CG    CD1    doub Y N 494 
TYR CG    CD2    sing Y N 495 
TYR CD1   CE1    sing Y N 496 
TYR CD1   HD1    sing N N 497 
TYR CD2   CE2    doub Y N 498 
TYR CD2   HD2    sing N N 499 
TYR CE1   CZ     doub Y N 500 
TYR CE1   HE1    sing N N 501 
TYR CE2   CZ     sing Y N 502 
TYR CE2   HE2    sing N N 503 
TYR CZ    OH     sing N N 504 
TYR OH    HH     sing N N 505 
TYR OXT   HXT    sing N N 506 
VAL N     CA     sing N N 507 
VAL N     H      sing N N 508 
VAL N     H2     sing N N 509 
VAL CA    C      sing N N 510 
VAL CA    CB     sing N N 511 
VAL CA    HA     sing N N 512 
VAL C     O      doub N N 513 
VAL C     OXT    sing N N 514 
VAL CB    CG1    sing N N 515 
VAL CB    CG2    sing N N 516 
VAL CB    HB     sing N N 517 
VAL CG1   HG11   sing N N 518 
VAL CG1   HG12   sing N N 519 
VAL CG1   HG13   sing N N 520 
VAL CG2   HG21   sing N N 521 
VAL CG2   HG22   sing N N 522 
VAL CG2   HG23   sing N N 523 
VAL OXT   HXT    sing N N 524 
# 
_ndb_struct_conf_na.entry_id   4HJ8 
_ndb_struct_conf_na.feature    'double helix' 
# 
_ndb_struct_na_base_pair.model_number      1 
_ndb_struct_na_base_pair.i_label_asym_id   B 
_ndb_struct_na_base_pair.i_label_comp_id   DT 
_ndb_struct_na_base_pair.i_label_seq_id    4 
_ndb_struct_na_base_pair.i_symmetry        1_555 
_ndb_struct_na_base_pair.j_label_asym_id   B 
_ndb_struct_na_base_pair.j_label_comp_id   DA 
_ndb_struct_na_base_pair.j_label_seq_id    5 
_ndb_struct_na_base_pair.j_symmetry        1_555 
_ndb_struct_na_base_pair.shear             5.479 
_ndb_struct_na_base_pair.stretch           -0.005 
_ndb_struct_na_base_pair.stagger           -0.269 
_ndb_struct_na_base_pair.buckle            -26.590 
_ndb_struct_na_base_pair.propeller         20.441 
_ndb_struct_na_base_pair.opening           -4.615 
_ndb_struct_na_base_pair.pair_number       1 
_ndb_struct_na_base_pair.pair_name         B_DT4:DA5_B 
_ndb_struct_na_base_pair.i_auth_asym_id    B 
_ndb_struct_na_base_pair.i_auth_seq_id     4 
_ndb_struct_na_base_pair.i_PDB_ins_code    ? 
_ndb_struct_na_base_pair.j_auth_asym_id    B 
_ndb_struct_na_base_pair.j_auth_seq_id     5 
_ndb_struct_na_base_pair.j_PDB_ins_code    ? 
_ndb_struct_na_base_pair.hbond_type_28     ? 
_ndb_struct_na_base_pair.hbond_type_12     ? 
# 
_pdbx_entity_nonpoly.entity_id   3 
_pdbx_entity_nonpoly.name        water 
_pdbx_entity_nonpoly.comp_id     HOH 
# 
_pdbx_initial_refinement_model.id               1 
_pdbx_initial_refinement_model.entity_id_list   ? 
_pdbx_initial_refinement_model.type             'experimental model' 
_pdbx_initial_refinement_model.source_name      PDB 
_pdbx_initial_refinement_model.accession_code   4HIK 
_pdbx_initial_refinement_model.details          'PDB entry 4HIK' 
# 
